data_9J4J
#
_entry.id   9J4J
#
_cell.length_a   167.642
_cell.length_b   167.642
_cell.length_c   85.297
_cell.angle_alpha   90.000
_cell.angle_beta   90.000
_cell.angle_gamma   120.000
#
_symmetry.space_group_name_H-M   'P 65'
#
loop_
_entity.id
_entity.type
_entity.pdbx_description
1 polymer 'DFA-III-forming inulin fructotransferase'
2 branched beta-D-fructofuranose-(1-1)-beta-D-fructofuranose
3 branched beta-D-fructofuranose-(2-1)-beta-D-fructofuranose-(2-1)-beta-D-fructofuranose-(2-1)-alpha-D-glucopyranose
4 branched beta-D-fructofuranose-(2-1)-beta-D-fructofuranose-(2-1)-beta-D-fructofuranose
5 non-polymer beta-D-fructofuranose
6 water water
#
_entity_poly.entity_id   1
_entity_poly.type   'polypeptide(L)'
_entity_poly.pdbx_seq_one_letter_code
;PLNSPNVYDVTAWRIKGQPKVTAESDIGAVINDIIADIKKRQSTPETRPGAVVIIPPGDYDLHTQVVVDVDYLTIAGFGH
GFFSRSIKDNVDTTGWLNLQPGGSHIRVLTPPTSPQAFLVRRDGSPRLSGIVFKDFCLDGVSFVPDGNSYKNGKTGIDVA
SDNDSIHITGMGFVYLEHALIVRGADALRVHDNMVAECGNCVELTGAGQATIVSDNLMGAGPEGVTLLAENHEGLLVTGN
NFFPRGRSLLEFTGCNRCSVTSNRFQGFYPGMMRLLNGCKENLITSNHFRRGTEGFPPFIDRTNGLDDLYGVIHAMGDNN
LISNNLFAYDVPPGKIAPAGAQPTIMLIAGGDGNVIATNHVISNVDTQHVVLDGSATRSKVLDSGAASTITSYSPDTAIR
PTPH
;
_entity_poly.pdbx_strand_id   A,B,C
#
loop_
_chem_comp.id
_chem_comp.type
_chem_comp.name
_chem_comp.formula
FRU D-saccharide, beta linking beta-D-fructofuranose 'C6 H12 O6'
GLC D-saccharide, alpha linking alpha-D-glucopyranose 'C6 H12 O6'
#
# COMPACT_ATOMS: atom_id res chain seq x y z
N PRO A 1 -2.40 -28.10 -17.29
CA PRO A 1 -3.50 -27.36 -16.64
C PRO A 1 -4.15 -26.39 -17.62
N LEU A 2 -3.43 -25.32 -18.00
CA LEU A 2 -3.81 -24.37 -19.09
C LEU A 2 -3.14 -24.82 -20.38
N ASN A 3 -3.57 -24.27 -21.52
CA ASN A 3 -3.13 -24.73 -22.86
C ASN A 3 -1.89 -23.93 -23.28
N SER A 4 -0.91 -23.78 -22.38
CA SER A 4 0.37 -23.07 -22.64
C SER A 4 1.51 -23.85 -22.01
N PRO A 5 2.66 -24.03 -22.70
CA PRO A 5 3.80 -24.74 -22.11
C PRO A 5 4.54 -23.87 -21.07
N ASN A 6 4.13 -22.60 -20.92
CA ASN A 6 4.76 -21.60 -20.01
C ASN A 6 4.11 -21.63 -18.62
N VAL A 7 3.12 -22.51 -18.39
CA VAL A 7 2.51 -22.74 -17.04
C VAL A 7 2.90 -24.14 -16.57
N TYR A 8 3.51 -24.26 -15.39
CA TYR A 8 3.94 -25.53 -14.76
C TYR A 8 3.32 -25.66 -13.37
N ASP A 9 2.73 -26.82 -13.07
CA ASP A 9 2.30 -27.22 -11.71
C ASP A 9 3.40 -28.14 -11.14
N VAL A 10 4.02 -27.76 -10.03
CA VAL A 10 5.16 -28.53 -9.43
C VAL A 10 4.69 -29.95 -9.11
N THR A 11 3.41 -30.14 -8.78
CA THR A 11 2.84 -31.46 -8.39
C THR A 11 2.55 -32.29 -9.66
N ALA A 12 2.47 -31.67 -10.85
CA ALA A 12 2.21 -32.36 -12.14
C ALA A 12 3.51 -32.68 -12.89
N TRP A 13 4.61 -31.99 -12.57
CA TRP A 13 5.91 -32.11 -13.28
C TRP A 13 6.70 -33.32 -12.80
N ARG A 14 7.04 -34.20 -13.74
CA ARG A 14 7.87 -35.41 -13.52
C ARG A 14 9.23 -35.10 -14.14
N ILE A 15 10.32 -35.27 -13.41
CA ILE A 15 11.69 -35.21 -13.99
C ILE A 15 11.90 -36.53 -14.75
N LYS A 16 11.81 -36.48 -16.08
CA LYS A 16 12.04 -37.64 -16.98
C LYS A 16 13.34 -38.31 -16.53
N GLY A 17 13.27 -39.62 -16.25
CA GLY A 17 14.38 -40.45 -15.75
C GLY A 17 14.47 -40.49 -14.23
N GLN A 18 13.63 -39.76 -13.50
CA GLN A 18 13.68 -39.69 -12.01
C GLN A 18 12.29 -39.62 -11.41
N PRO A 19 11.55 -40.75 -11.31
CA PRO A 19 10.16 -40.75 -10.87
C PRO A 19 10.00 -40.63 -9.35
N LYS A 20 11.11 -40.66 -8.60
CA LYS A 20 11.18 -40.53 -7.13
C LYS A 20 11.22 -39.04 -6.73
N VAL A 21 11.98 -38.23 -7.48
CA VAL A 21 12.14 -36.78 -7.18
C VAL A 21 10.82 -36.08 -7.49
N THR A 22 10.04 -35.79 -6.45
CA THR A 22 8.74 -35.08 -6.53
C THR A 22 8.91 -33.71 -5.90
N ALA A 23 7.90 -32.85 -6.01
CA ALA A 23 7.80 -31.58 -5.28
C ALA A 23 7.90 -31.85 -3.77
N GLU A 24 7.33 -32.96 -3.28
CA GLU A 24 7.32 -33.31 -1.83
C GLU A 24 8.75 -33.63 -1.39
N SER A 25 9.50 -34.42 -2.16
CA SER A 25 10.84 -34.94 -1.79
C SER A 25 11.95 -33.90 -2.02
N ASP A 26 11.87 -33.07 -3.08
CA ASP A 26 12.91 -32.04 -3.39
C ASP A 26 12.36 -31.05 -4.43
N ILE A 27 11.61 -30.03 -3.98
CA ILE A 27 10.95 -29.05 -4.89
C ILE A 27 12.02 -28.23 -5.66
N GLY A 28 13.25 -28.12 -5.12
CA GLY A 28 14.39 -27.49 -5.80
C GLY A 28 14.70 -28.15 -7.14
N ALA A 29 14.94 -29.45 -7.12
CA ALA A 29 15.27 -30.27 -8.31
C ALA A 29 14.15 -30.14 -9.35
N VAL A 30 12.90 -30.13 -8.89
CA VAL A 30 11.70 -30.04 -9.78
C VAL A 30 11.80 -28.69 -10.52
N ILE A 31 12.04 -27.61 -9.79
CA ILE A 31 12.07 -26.22 -10.34
C ILE A 31 13.30 -26.04 -11.25
N ASN A 32 14.47 -26.56 -10.84
CA ASN A 32 15.67 -26.63 -11.72
C ASN A 32 15.31 -27.32 -13.05
N ASP A 33 14.64 -28.49 -13.03
CA ASP A 33 14.25 -29.21 -14.27
C ASP A 33 13.27 -28.37 -15.12
N ILE A 34 12.26 -27.75 -14.48
CA ILE A 34 11.28 -26.84 -15.14
C ILE A 34 12.07 -25.72 -15.85
N ILE A 35 13.06 -25.15 -15.19
CA ILE A 35 13.84 -23.98 -15.74
C ILE A 35 14.67 -24.49 -16.92
N ALA A 36 15.20 -25.71 -16.83
CA ALA A 36 15.95 -26.39 -17.92
C ALA A 36 15.08 -26.43 -19.18
N ASP A 37 13.81 -26.85 -19.03
CA ASP A 37 12.78 -26.94 -20.10
C ASP A 37 12.39 -25.54 -20.63
N ILE A 38 12.28 -24.52 -19.78
CA ILE A 38 11.98 -23.12 -20.21
C ILE A 38 13.09 -22.69 -21.18
N LYS A 39 14.34 -22.81 -20.75
CA LYS A 39 15.56 -22.52 -21.57
C LYS A 39 15.54 -23.34 -22.87
N LYS A 40 15.12 -24.61 -22.84
CA LYS A 40 15.16 -25.51 -24.01
C LYS A 40 14.20 -24.99 -25.08
N ARG A 41 12.98 -24.59 -24.70
CA ARG A 41 11.94 -24.11 -25.65
C ARG A 41 12.13 -22.63 -26.02
N GLN A 42 12.67 -21.80 -25.13
CA GLN A 42 12.82 -20.32 -25.30
C GLN A 42 14.30 -20.04 -25.61
N SER A 43 14.74 -20.34 -26.83
CA SER A 43 16.16 -20.55 -27.18
C SER A 43 16.74 -19.38 -27.98
N THR A 44 16.02 -18.26 -28.10
CA THR A 44 16.55 -17.02 -28.71
C THR A 44 16.13 -15.81 -27.88
N PRO A 45 16.93 -14.71 -27.90
CA PRO A 45 16.62 -13.51 -27.11
C PRO A 45 15.36 -12.78 -27.56
N GLU A 46 14.57 -13.35 -28.49
CA GLU A 46 13.29 -12.75 -28.92
C GLU A 46 12.14 -13.74 -28.75
N THR A 47 12.38 -14.90 -28.15
CA THR A 47 11.34 -15.90 -27.78
C THR A 47 11.48 -16.32 -26.30
N ARG A 48 11.72 -15.37 -25.40
CA ARG A 48 12.03 -15.61 -23.95
C ARG A 48 11.04 -14.85 -23.05
N PRO A 49 9.72 -15.05 -23.21
CA PRO A 49 8.74 -14.38 -22.36
C PRO A 49 8.68 -14.88 -20.90
N GLY A 50 9.34 -16.00 -20.62
CA GLY A 50 9.42 -16.62 -19.28
C GLY A 50 8.27 -17.58 -19.03
N ALA A 51 7.91 -17.76 -17.76
CA ALA A 51 6.94 -18.78 -17.33
C ALA A 51 6.45 -18.49 -15.91
N VAL A 52 5.42 -19.21 -15.50
CA VAL A 52 4.92 -19.25 -14.10
C VAL A 52 5.08 -20.69 -13.58
N VAL A 53 5.59 -20.81 -12.35
CA VAL A 53 5.73 -22.07 -11.56
C VAL A 53 4.70 -22.03 -10.43
N ILE A 54 3.59 -22.74 -10.59
CA ILE A 54 2.46 -22.81 -9.63
C ILE A 54 2.83 -23.82 -8.55
N ILE A 55 2.76 -23.43 -7.27
CA ILE A 55 2.98 -24.29 -6.08
C ILE A 55 1.66 -24.46 -5.34
N PRO A 56 0.91 -25.57 -5.54
CA PRO A 56 -0.32 -25.81 -4.79
C PRO A 56 0.00 -25.92 -3.30
N PRO A 57 -0.95 -25.61 -2.39
CA PRO A 57 -0.65 -25.67 -0.96
C PRO A 57 -0.21 -27.10 -0.60
N GLY A 58 0.83 -27.22 0.23
CA GLY A 58 1.36 -28.52 0.70
C GLY A 58 2.72 -28.38 1.41
N ASP A 59 3.23 -29.50 1.88
CA ASP A 59 4.56 -29.62 2.55
C ASP A 59 5.53 -30.20 1.50
N TYR A 60 6.41 -29.34 0.99
CA TYR A 60 7.46 -29.68 0.00
C TYR A 60 8.80 -29.44 0.66
N ASP A 61 9.69 -30.44 0.66
CA ASP A 61 11.10 -30.29 1.12
C ASP A 61 11.93 -29.80 -0.07
N LEU A 62 12.78 -28.79 0.16
CA LEU A 62 13.75 -28.27 -0.85
C LEU A 62 15.16 -28.62 -0.36
N HIS A 63 15.83 -29.51 -1.08
CA HIS A 63 17.23 -29.94 -0.82
C HIS A 63 18.19 -29.28 -1.82
N THR A 64 17.77 -29.05 -3.07
CA THR A 64 18.66 -28.49 -4.13
C THR A 64 18.37 -26.99 -4.30
N GLN A 65 19.41 -26.17 -4.17
CA GLN A 65 19.32 -24.72 -4.45
C GLN A 65 18.73 -24.52 -5.85
N VAL A 66 17.66 -23.76 -6.00
CA VAL A 66 17.15 -23.32 -7.33
C VAL A 66 17.96 -22.11 -7.80
N VAL A 67 18.39 -22.16 -9.06
CA VAL A 67 19.08 -21.04 -9.76
C VAL A 67 18.10 -20.46 -10.79
N VAL A 68 17.57 -19.27 -10.49
CA VAL A 68 16.71 -18.44 -11.39
C VAL A 68 17.62 -17.54 -12.23
N ASP A 69 17.80 -17.88 -13.51
CA ASP A 69 18.68 -17.15 -14.47
C ASP A 69 17.88 -16.84 -15.75
N VAL A 70 16.56 -16.78 -15.64
CA VAL A 70 15.62 -16.44 -16.75
C VAL A 70 14.76 -15.23 -16.35
N ASP A 71 14.62 -14.28 -17.27
CA ASP A 71 13.72 -13.12 -17.13
C ASP A 71 12.27 -13.60 -17.02
N TYR A 72 11.46 -12.85 -16.28
CA TYR A 72 9.98 -12.96 -16.28
C TYR A 72 9.56 -14.32 -15.72
N LEU A 73 10.34 -14.89 -14.80
CA LEU A 73 9.94 -16.10 -14.03
C LEU A 73 9.09 -15.63 -12.86
N THR A 74 7.82 -16.06 -12.84
CA THR A 74 6.89 -15.95 -11.70
C THR A 74 6.90 -17.29 -10.96
N ILE A 75 7.19 -17.30 -9.65
CA ILE A 75 6.93 -18.48 -8.78
C ILE A 75 5.83 -18.07 -7.81
N ALA A 76 4.68 -18.74 -7.91
CA ALA A 76 3.40 -18.34 -7.27
C ALA A 76 2.84 -19.53 -6.48
N GLY A 77 2.55 -19.30 -5.20
CA GLY A 77 1.74 -20.23 -4.37
C GLY A 77 0.33 -19.68 -4.20
N PHE A 78 -0.40 -20.15 -3.19
CA PHE A 78 -1.79 -19.73 -2.87
C PHE A 78 -1.92 -19.22 -1.43
N GLY A 79 -0.80 -19.10 -0.68
CA GLY A 79 -0.82 -18.68 0.74
C GLY A 79 0.57 -18.65 1.36
N HIS A 80 0.83 -17.59 2.14
CA HIS A 80 2.08 -17.33 2.89
C HIS A 80 2.31 -18.34 4.03
N GLY A 81 1.25 -18.93 4.58
CA GLY A 81 1.32 -20.05 5.56
C GLY A 81 2.12 -19.73 6.82
N PHE A 82 2.22 -18.47 7.22
CA PHE A 82 3.03 -18.09 8.40
C PHE A 82 2.47 -18.74 9.67
N PHE A 83 3.39 -19.22 10.51
CA PHE A 83 3.16 -19.88 11.82
C PHE A 83 4.33 -19.53 12.74
N SER A 84 4.04 -19.01 13.94
CA SER A 84 5.05 -18.68 14.98
C SER A 84 5.63 -19.99 15.52
N ARG A 85 6.65 -20.49 14.82
CA ARG A 85 7.60 -21.52 15.29
C ARG A 85 8.28 -21.06 16.60
N SER A 86 8.46 -19.74 16.81
CA SER A 86 9.17 -19.19 18.02
C SER A 86 8.34 -19.47 19.27
N ILE A 87 7.03 -19.28 19.22
CA ILE A 87 6.10 -19.60 20.35
C ILE A 87 6.01 -21.13 20.47
N LYS A 88 5.80 -21.86 19.37
CA LYS A 88 5.80 -23.36 19.34
C LYS A 88 6.99 -23.94 20.12
N ASP A 89 8.18 -23.37 19.93
CA ASP A 89 9.45 -23.90 20.50
C ASP A 89 9.64 -23.53 21.97
N ASN A 90 8.79 -22.66 22.55
CA ASN A 90 9.06 -22.05 23.90
C ASN A 90 7.86 -22.19 24.86
N VAL A 91 6.82 -22.95 24.53
CA VAL A 91 5.59 -23.09 25.35
C VAL A 91 5.10 -24.55 25.25
N ASP A 92 4.08 -24.89 26.04
CA ASP A 92 3.54 -26.28 26.11
C ASP A 92 2.63 -26.49 24.92
N THR A 93 3.00 -27.38 23.97
CA THR A 93 2.28 -27.60 22.69
C THR A 93 1.38 -28.85 22.76
N THR A 94 1.16 -29.39 23.95
CA THR A 94 0.21 -30.50 24.24
C THR A 94 -1.18 -30.10 23.74
N GLY A 95 -1.74 -30.86 22.80
CA GLY A 95 -3.12 -30.66 22.30
C GLY A 95 -3.15 -29.79 21.06
N TRP A 96 -2.00 -29.25 20.65
CA TRP A 96 -1.87 -28.29 19.52
C TRP A 96 -2.20 -29.01 18.21
N LEU A 97 -3.16 -28.46 17.48
CA LEU A 97 -3.67 -29.04 16.22
C LEU A 97 -2.69 -28.78 15.05
N ASN A 98 -1.63 -27.98 15.24
CA ASN A 98 -0.59 -27.70 14.19
C ASN A 98 0.70 -27.23 14.87
N LEU A 99 1.85 -27.66 14.35
CA LEU A 99 3.19 -27.39 14.95
C LEU A 99 4.16 -26.83 13.90
N GLN A 100 3.68 -26.47 12.71
CA GLN A 100 4.57 -25.94 11.65
C GLN A 100 3.79 -25.04 10.68
N PRO A 101 4.51 -24.17 9.95
CA PRO A 101 3.97 -23.44 8.81
C PRO A 101 3.41 -24.34 7.71
N GLY A 102 2.63 -23.71 6.82
CA GLY A 102 1.88 -24.38 5.75
C GLY A 102 1.64 -23.48 4.56
N GLY A 103 0.43 -23.51 4.03
CA GLY A 103 0.11 -22.86 2.75
C GLY A 103 0.85 -23.57 1.64
N SER A 104 1.40 -22.79 0.69
CA SER A 104 2.38 -23.25 -0.31
C SER A 104 3.75 -23.33 0.38
N HIS A 105 3.98 -24.41 1.12
CA HIS A 105 5.02 -24.54 2.18
C HIS A 105 6.26 -25.27 1.65
N ILE A 106 7.33 -24.51 1.40
CA ILE A 106 8.71 -24.98 1.06
C ILE A 106 9.52 -25.04 2.35
N ARG A 107 9.95 -26.24 2.73
CA ARG A 107 10.91 -26.48 3.84
C ARG A 107 12.31 -26.39 3.22
N VAL A 108 13.07 -25.40 3.67
CA VAL A 108 14.42 -25.08 3.13
C VAL A 108 15.39 -25.99 3.87
N LEU A 109 15.75 -27.13 3.28
CA LEU A 109 16.72 -28.08 3.87
C LEU A 109 17.99 -28.11 2.99
N THR A 110 18.53 -26.93 2.64
CA THR A 110 19.68 -26.77 1.70
C THR A 110 20.98 -27.16 2.38
N PRO A 111 22.00 -27.60 1.60
CA PRO A 111 23.31 -27.92 2.16
C PRO A 111 24.01 -26.62 2.53
N PRO A 112 24.94 -26.65 3.51
CA PRO A 112 25.67 -25.44 3.89
C PRO A 112 26.52 -24.79 2.79
N THR A 113 26.90 -25.53 1.73
CA THR A 113 27.75 -25.05 0.58
C THR A 113 26.89 -24.42 -0.53
N SER A 114 25.55 -24.60 -0.51
CA SER A 114 24.57 -23.89 -1.37
C SER A 114 23.34 -23.55 -0.51
N PRO A 115 23.52 -22.66 0.51
CA PRO A 115 22.56 -22.49 1.59
C PRO A 115 21.23 -21.77 1.26
N GLN A 116 21.23 -20.98 0.17
CA GLN A 116 20.07 -20.19 -0.31
C GLN A 116 19.13 -21.11 -1.11
N ALA A 117 17.89 -21.25 -0.66
CA ALA A 117 16.79 -21.91 -1.39
C ALA A 117 16.81 -21.45 -2.85
N PHE A 118 16.74 -20.13 -3.06
CA PHE A 118 16.60 -19.50 -4.39
C PHE A 118 17.76 -18.54 -4.64
N LEU A 119 18.63 -18.90 -5.59
CA LEU A 119 19.71 -18.01 -6.07
C LEU A 119 19.28 -17.42 -7.42
N VAL A 120 18.95 -16.12 -7.45
CA VAL A 120 18.65 -15.34 -8.68
C VAL A 120 19.96 -14.65 -9.11
N ARG A 121 20.58 -15.11 -10.19
CA ARG A 121 21.95 -14.71 -10.62
C ARG A 121 22.09 -15.01 -12.12
N ARG A 122 22.69 -14.11 -12.88
CA ARG A 122 22.97 -14.31 -14.32
C ARG A 122 24.31 -13.67 -14.63
N ASP A 123 25.34 -14.44 -14.98
CA ASP A 123 26.62 -13.89 -15.51
C ASP A 123 26.37 -13.61 -16.99
N GLY A 124 26.11 -12.36 -17.35
CA GLY A 124 25.68 -11.98 -18.71
C GLY A 124 24.86 -10.71 -18.73
N SER A 125 24.45 -10.26 -19.91
CA SER A 125 23.60 -9.06 -20.10
C SER A 125 22.28 -9.46 -20.76
N PRO A 126 21.16 -8.76 -20.50
CA PRO A 126 21.11 -7.65 -19.56
C PRO A 126 20.78 -8.09 -18.12
N ARG A 127 20.65 -7.11 -17.22
CA ARG A 127 20.06 -7.29 -15.86
C ARG A 127 18.90 -8.28 -15.98
N LEU A 128 18.77 -9.24 -15.06
CA LEU A 128 17.54 -10.07 -14.97
C LEU A 128 16.36 -9.13 -14.70
N SER A 129 15.22 -9.34 -15.37
CA SER A 129 14.10 -8.38 -15.38
C SER A 129 12.79 -9.07 -14.99
N GLY A 130 11.97 -8.36 -14.22
CA GLY A 130 10.53 -8.63 -14.07
C GLY A 130 10.26 -9.99 -13.46
N ILE A 131 11.18 -10.49 -12.64
CA ILE A 131 10.99 -11.76 -11.88
C ILE A 131 9.98 -11.50 -10.75
N VAL A 132 8.99 -12.38 -10.57
CA VAL A 132 7.94 -12.26 -9.52
C VAL A 132 8.04 -13.47 -8.58
N PHE A 133 8.20 -13.24 -7.27
CA PHE A 133 8.02 -14.27 -6.21
C PHE A 133 6.76 -13.88 -5.43
N LYS A 134 5.69 -14.69 -5.48
CA LYS A 134 4.42 -14.28 -4.85
C LYS A 134 3.73 -15.47 -4.18
N ASP A 135 3.12 -15.17 -3.03
CA ASP A 135 1.99 -15.94 -2.44
C ASP A 135 2.44 -17.36 -2.04
N PHE A 136 3.67 -17.56 -1.54
CA PHE A 136 4.12 -18.86 -0.96
C PHE A 136 5.07 -18.65 0.24
N CYS A 137 5.25 -19.73 1.01
CA CYS A 137 6.00 -19.75 2.31
C CYS A 137 7.40 -20.34 2.12
N LEU A 138 8.43 -19.64 2.65
CA LEU A 138 9.80 -20.19 2.82
C LEU A 138 10.10 -20.38 4.31
N ASP A 139 10.39 -21.62 4.69
CA ASP A 139 10.40 -22.08 6.11
C ASP A 139 11.76 -22.74 6.35
N GLY A 140 12.63 -22.11 7.14
CA GLY A 140 13.95 -22.68 7.49
C GLY A 140 13.83 -23.84 8.49
N VAL A 141 12.62 -24.10 9.00
CA VAL A 141 12.24 -25.32 9.77
C VAL A 141 12.77 -25.22 11.19
N SER A 142 14.08 -24.98 11.37
CA SER A 142 14.74 -24.92 12.70
C SER A 142 15.91 -23.92 12.73
N PHE A 143 16.09 -23.27 13.87
CA PHE A 143 17.35 -22.61 14.31
C PHE A 143 18.12 -23.60 15.19
N VAL A 144 19.46 -23.55 15.13
CA VAL A 144 20.38 -24.48 15.84
C VAL A 144 21.39 -23.62 16.60
N PRO A 145 21.72 -23.98 17.86
CA PRO A 145 21.39 -25.28 18.44
C PRO A 145 19.98 -25.47 19.05
N ASP A 146 19.36 -24.37 19.47
CA ASP A 146 17.97 -24.30 19.99
C ASP A 146 17.19 -23.34 19.07
N GLY A 147 15.89 -23.16 19.32
CA GLY A 147 14.96 -22.34 18.53
C GLY A 147 15.16 -20.83 18.66
N ASN A 148 16.06 -20.35 19.52
CA ASN A 148 16.17 -18.90 19.86
C ASN A 148 17.57 -18.35 19.51
N SER A 149 18.33 -19.04 18.66
CA SER A 149 19.68 -18.61 18.17
C SER A 149 19.54 -17.70 16.94
N TYR A 150 18.41 -17.79 16.22
CA TYR A 150 18.18 -17.09 14.92
C TYR A 150 19.33 -17.44 13.98
N LYS A 151 19.92 -18.63 14.14
CA LYS A 151 21.09 -19.09 13.35
C LYS A 151 20.77 -20.44 12.70
N ASN A 152 20.97 -20.56 11.39
CA ASN A 152 20.92 -21.84 10.64
C ASN A 152 21.70 -21.73 9.32
N GLY A 153 22.21 -20.54 8.96
CA GLY A 153 23.00 -20.37 7.73
C GLY A 153 22.18 -20.36 6.45
N LYS A 154 20.85 -20.42 6.55
CA LYS A 154 19.93 -20.53 5.38
C LYS A 154 19.41 -19.14 4.98
N THR A 155 19.13 -18.99 3.69
CA THR A 155 18.59 -17.78 3.04
C THR A 155 17.37 -18.22 2.24
N GLY A 156 16.30 -17.41 2.24
CA GLY A 156 15.12 -17.66 1.39
C GLY A 156 15.41 -17.38 -0.07
N ILE A 157 15.50 -16.10 -0.41
CA ILE A 157 15.75 -15.62 -1.80
C ILE A 157 16.99 -14.71 -1.78
N ASP A 158 17.93 -14.97 -2.68
CA ASP A 158 19.17 -14.17 -2.77
C ASP A 158 19.35 -13.77 -4.22
N VAL A 159 19.09 -12.50 -4.52
CA VAL A 159 19.32 -11.89 -5.85
C VAL A 159 20.75 -11.36 -5.85
N ALA A 160 21.64 -12.07 -6.55
CA ALA A 160 23.10 -11.92 -6.47
C ALA A 160 23.65 -11.19 -7.71
N SER A 161 22.79 -10.78 -8.65
CA SER A 161 23.18 -10.06 -9.89
C SER A 161 22.25 -8.87 -10.08
N ASP A 162 22.74 -7.84 -10.77
CA ASP A 162 22.00 -6.56 -11.00
C ASP A 162 20.63 -6.90 -11.58
N ASN A 163 19.56 -6.25 -11.09
CA ASN A 163 18.16 -6.62 -11.47
C ASN A 163 17.31 -5.38 -11.71
N ASP A 164 16.18 -5.57 -12.42
CA ASP A 164 15.23 -4.49 -12.75
C ASP A 164 13.80 -5.04 -12.69
N SER A 165 12.94 -4.36 -11.94
CA SER A 165 11.46 -4.55 -11.90
C SER A 165 11.13 -5.94 -11.35
N ILE A 166 11.84 -6.38 -10.31
CA ILE A 166 11.46 -7.59 -9.52
C ILE A 166 10.31 -7.23 -8.57
N HIS A 167 9.42 -8.18 -8.32
CA HIS A 167 8.18 -8.00 -7.53
C HIS A 167 8.07 -9.17 -6.56
N ILE A 168 8.16 -8.89 -5.24
CA ILE A 168 8.00 -9.89 -4.15
C ILE A 168 6.84 -9.45 -3.27
N THR A 169 5.79 -10.28 -3.21
CA THR A 169 4.47 -9.89 -2.66
C THR A 169 3.71 -11.13 -2.22
N GLY A 170 2.95 -11.01 -1.12
CA GLY A 170 2.13 -12.08 -0.50
C GLY A 170 2.96 -13.26 0.02
N MET A 171 4.25 -13.05 0.26
CA MET A 171 5.16 -14.12 0.75
C MET A 171 4.97 -14.28 2.27
N GLY A 172 5.26 -15.48 2.77
CA GLY A 172 5.64 -15.75 4.16
C GLY A 172 7.07 -16.28 4.23
N PHE A 173 7.94 -15.63 5.03
CA PHE A 173 9.29 -16.10 5.39
C PHE A 173 9.35 -16.36 6.90
N VAL A 174 9.92 -17.50 7.31
CA VAL A 174 9.98 -17.85 8.75
C VAL A 174 11.16 -18.80 9.05
N TYR A 175 11.90 -18.50 10.12
CA TYR A 175 12.99 -19.32 10.68
C TYR A 175 14.10 -19.49 9.64
N LEU A 176 14.38 -18.41 8.91
CA LEU A 176 15.55 -18.28 7.99
C LEU A 176 16.52 -17.28 8.61
N GLU A 177 17.82 -17.50 8.47
CA GLU A 177 18.82 -16.55 9.04
C GLU A 177 18.75 -15.28 8.18
N HIS A 178 18.64 -15.47 6.87
CA HIS A 178 18.34 -14.40 5.89
C HIS A 178 17.04 -14.78 5.16
N ALA A 179 16.02 -13.92 5.24
CA ALA A 179 14.77 -14.08 4.49
C ALA A 179 15.01 -13.75 3.01
N LEU A 180 15.29 -12.48 2.74
CA LEU A 180 15.40 -11.91 1.38
C LEU A 180 16.66 -11.05 1.31
N ILE A 181 17.47 -11.26 0.27
CA ILE A 181 18.62 -10.38 -0.07
C ILE A 181 18.53 -10.02 -1.56
N VAL A 182 18.63 -8.74 -1.88
CA VAL A 182 18.65 -8.24 -3.29
C VAL A 182 19.83 -7.29 -3.46
N ARG A 183 20.87 -7.77 -4.15
CA ARG A 183 22.04 -6.94 -4.58
C ARG A 183 21.63 -6.16 -5.84
N GLY A 184 22.03 -4.89 -5.92
CA GLY A 184 21.95 -4.02 -7.12
C GLY A 184 20.54 -3.94 -7.66
N ALA A 185 19.61 -3.57 -6.80
CA ALA A 185 18.17 -3.53 -7.08
C ALA A 185 17.85 -2.20 -7.73
N ASP A 186 17.14 -2.24 -8.85
CA ASP A 186 16.64 -1.06 -9.60
C ASP A 186 15.15 -1.33 -9.82
N ALA A 187 14.28 -0.40 -9.42
CA ALA A 187 12.79 -0.52 -9.51
C ALA A 187 12.26 -1.81 -8.88
N LEU A 188 12.84 -2.22 -7.73
CA LEU A 188 12.39 -3.38 -6.91
C LEU A 188 11.11 -3.02 -6.13
N ARG A 189 10.34 -4.02 -5.74
CA ARG A 189 9.06 -3.85 -5.02
C ARG A 189 8.93 -5.02 -4.05
N VAL A 190 9.22 -4.80 -2.76
CA VAL A 190 8.94 -5.75 -1.65
C VAL A 190 7.65 -5.26 -0.97
N HIS A 191 6.50 -5.84 -1.35
CA HIS A 191 5.14 -5.35 -1.01
C HIS A 191 4.31 -6.44 -0.30
N ASP A 192 3.68 -6.08 0.81
CA ASP A 192 2.54 -6.85 1.38
C ASP A 192 3.02 -8.29 1.60
N ASN A 193 4.07 -8.45 2.41
CA ASN A 193 4.67 -9.75 2.80
C ASN A 193 4.74 -9.87 4.32
N MET A 194 4.88 -11.10 4.79
CA MET A 194 5.12 -11.44 6.21
C MET A 194 6.55 -11.97 6.33
N VAL A 195 7.44 -11.15 6.87
CA VAL A 195 8.86 -11.51 7.08
C VAL A 195 9.15 -11.40 8.57
N ALA A 196 8.84 -12.44 9.34
CA ALA A 196 9.07 -12.50 10.80
C ALA A 196 9.79 -13.78 11.22
N GLU A 197 10.30 -13.76 12.45
CA GLU A 197 11.03 -14.87 13.08
C GLU A 197 12.17 -15.33 12.16
N CYS A 198 12.86 -14.39 11.51
CA CYS A 198 14.09 -14.61 10.69
C CYS A 198 15.25 -13.79 11.28
N GLY A 199 16.49 -14.28 11.16
CA GLY A 199 17.66 -13.57 11.71
C GLY A 199 17.74 -12.19 11.11
N ASN A 200 17.54 -12.14 9.80
CA ASN A 200 17.47 -10.92 8.96
C ASN A 200 16.22 -11.03 8.10
N CYS A 201 15.61 -9.90 7.75
CA CYS A 201 14.32 -9.92 7.01
C CYS A 201 14.54 -9.44 5.58
N VAL A 202 14.91 -8.18 5.38
CA VAL A 202 15.14 -7.66 4.01
C VAL A 202 16.45 -6.88 3.97
N GLU A 203 17.46 -7.46 3.30
CA GLU A 203 18.79 -6.84 3.06
C GLU A 203 18.90 -6.39 1.61
N LEU A 204 18.97 -5.08 1.36
CA LEU A 204 19.11 -4.51 -0.01
C LEU A 204 20.54 -4.02 -0.17
N THR A 205 21.38 -4.81 -0.85
CA THR A 205 22.85 -4.74 -0.73
C THR A 205 23.48 -4.07 -1.95
N GLY A 206 24.66 -3.48 -1.77
CA GLY A 206 25.54 -2.99 -2.84
C GLY A 206 25.16 -1.59 -3.24
N ALA A 207 24.00 -1.45 -3.90
CA ALA A 207 23.43 -0.17 -4.39
C ALA A 207 21.99 -0.40 -4.88
N GLY A 208 21.27 0.68 -5.18
CA GLY A 208 19.93 0.57 -5.78
C GLY A 208 19.32 1.91 -6.11
N GLN A 209 18.29 1.91 -6.97
CA GLN A 209 17.45 3.07 -7.37
C GLN A 209 15.96 2.67 -7.32
N ALA A 210 15.06 3.64 -7.16
CA ALA A 210 13.61 3.61 -7.47
C ALA A 210 12.89 2.39 -6.87
N THR A 211 13.18 2.06 -5.62
CA THR A 211 12.61 0.87 -4.96
C THR A 211 11.53 1.31 -3.99
N ILE A 212 10.49 0.48 -3.85
CA ILE A 212 9.42 0.64 -2.82
C ILE A 212 9.44 -0.56 -1.88
N VAL A 213 9.57 -0.32 -0.58
CA VAL A 213 9.32 -1.35 0.48
C VAL A 213 8.04 -0.94 1.20
N SER A 214 6.93 -1.64 0.95
CA SER A 214 5.59 -1.16 1.34
C SER A 214 4.72 -2.27 1.95
N ASP A 215 3.99 -1.91 3.01
CA ASP A 215 2.74 -2.56 3.49
C ASP A 215 3.10 -3.99 3.91
N ASN A 216 4.28 -4.15 4.53
CA ASN A 216 4.86 -5.42 5.05
C ASN A 216 4.84 -5.49 6.58
N LEU A 217 4.63 -6.70 7.12
CA LEU A 217 4.90 -7.05 8.55
C LEU A 217 6.32 -7.61 8.65
N MET A 218 7.17 -7.08 9.54
CA MET A 218 8.59 -7.46 9.62
C MET A 218 9.10 -7.54 11.06
N GLY A 219 9.67 -8.70 11.43
CA GLY A 219 10.30 -8.95 12.74
C GLY A 219 11.49 -9.89 12.60
N ALA A 220 12.68 -9.41 12.99
CA ALA A 220 13.99 -10.10 12.87
C ALA A 220 14.48 -10.54 14.26
N GLY A 221 15.77 -10.86 14.37
CA GLY A 221 16.41 -11.28 15.62
C GLY A 221 17.59 -10.38 15.97
N PRO A 222 18.12 -10.48 17.22
CA PRO A 222 18.97 -9.45 17.82
C PRO A 222 20.35 -9.21 17.22
N GLU A 223 20.85 -10.14 16.40
CA GLU A 223 22.16 -10.02 15.70
C GLU A 223 21.93 -9.68 14.23
N GLY A 224 20.68 -9.52 13.81
CA GLY A 224 20.29 -9.34 12.40
C GLY A 224 19.58 -8.01 12.17
N VAL A 225 19.30 -7.72 10.90
CA VAL A 225 18.63 -6.49 10.40
C VAL A 225 17.19 -6.86 10.07
N THR A 226 16.27 -5.92 10.29
CA THR A 226 14.88 -6.03 9.81
C THR A 226 14.87 -5.54 8.36
N LEU A 227 15.03 -4.24 8.13
CA LEU A 227 15.37 -3.71 6.78
C LEU A 227 16.74 -3.03 6.86
N LEU A 228 17.66 -3.45 5.98
CA LEU A 228 18.92 -2.76 5.65
C LEU A 228 18.89 -2.35 4.18
N ALA A 229 19.46 -1.17 3.86
CA ALA A 229 19.79 -0.72 2.48
C ALA A 229 21.21 -0.14 2.46
N GLU A 230 22.04 -0.57 1.51
CA GLU A 230 23.36 0.04 1.27
C GLU A 230 23.29 0.81 -0.04
N ASN A 231 23.70 2.09 0.02
CA ASN A 231 23.98 2.96 -1.14
C ASN A 231 22.77 2.94 -2.07
N HIS A 232 21.58 3.00 -1.48
CA HIS A 232 20.29 3.12 -2.19
C HIS A 232 19.98 4.60 -2.35
N GLU A 233 19.39 4.95 -3.49
CA GLU A 233 18.96 6.34 -3.83
C GLU A 233 17.49 6.25 -4.26
N GLY A 234 16.63 7.05 -3.65
CA GLY A 234 15.21 7.14 -4.06
C GLY A 234 14.42 5.95 -3.56
N LEU A 235 14.88 5.37 -2.45
CA LEU A 235 14.19 4.26 -1.76
C LEU A 235 13.07 4.86 -0.91
N LEU A 236 11.84 4.41 -1.16
CA LEU A 236 10.63 4.75 -0.37
C LEU A 236 10.28 3.56 0.50
N VAL A 237 10.20 3.81 1.82
CA VAL A 237 9.78 2.86 2.89
C VAL A 237 8.52 3.45 3.52
N THR A 238 7.37 2.78 3.38
CA THR A 238 6.05 3.39 3.65
C THR A 238 5.06 2.26 3.96
N GLY A 239 4.17 2.51 4.93
CA GLY A 239 3.06 1.59 5.27
C GLY A 239 3.52 0.26 5.84
N ASN A 240 4.74 0.17 6.37
CA ASN A 240 5.26 -1.08 6.99
C ASN A 240 5.03 -1.06 8.50
N ASN A 241 4.90 -2.26 9.10
CA ASN A 241 4.78 -2.51 10.56
C ASN A 241 5.97 -3.38 11.01
N PHE A 242 6.98 -2.71 11.57
CA PHE A 242 8.23 -3.31 12.09
C PHE A 242 8.09 -3.54 13.60
N PHE A 243 8.10 -4.82 13.98
CA PHE A 243 8.05 -5.28 15.38
C PHE A 243 9.40 -5.93 15.68
N PRO A 244 9.69 -6.26 16.95
CA PRO A 244 10.98 -6.84 17.32
C PRO A 244 11.24 -8.25 16.77
N ARG A 245 12.46 -8.75 16.92
CA ARG A 245 13.48 -8.14 17.76
C ARG A 245 14.82 -8.03 17.00
N GLY A 246 14.81 -7.45 15.80
CA GLY A 246 16.05 -7.12 15.08
C GLY A 246 17.01 -6.32 15.94
N ARG A 247 18.29 -6.30 15.57
CA ARG A 247 19.30 -5.42 16.23
C ARG A 247 18.83 -4.00 15.96
N SER A 248 18.27 -3.78 14.76
CA SER A 248 17.61 -2.54 14.30
C SER A 248 16.33 -2.92 13.55
N LEU A 249 15.47 -1.94 13.31
CA LEU A 249 14.25 -2.05 12.47
C LEU A 249 14.47 -1.38 11.11
N LEU A 250 15.20 -0.27 11.07
CA LEU A 250 15.68 0.31 9.80
C LEU A 250 17.12 0.80 9.95
N GLU A 251 17.95 0.42 8.98
CA GLU A 251 19.41 0.55 8.94
C GLU A 251 19.76 0.90 7.49
N PHE A 252 19.99 2.18 7.23
CA PHE A 252 20.51 2.71 5.96
C PHE A 252 21.97 3.05 6.21
N THR A 253 22.87 2.38 5.51
CA THR A 253 24.29 2.77 5.41
C THR A 253 24.45 3.42 4.03
N GLY A 254 24.89 4.68 3.99
CA GLY A 254 25.32 5.37 2.77
C GLY A 254 24.19 5.55 1.79
N CYS A 255 22.97 5.69 2.29
CA CYS A 255 21.77 5.94 1.46
C CYS A 255 21.49 7.42 1.42
N ASN A 256 21.09 7.92 0.27
CA ASN A 256 20.84 9.37 0.07
C ASN A 256 19.48 9.53 -0.56
N ARG A 257 18.85 10.67 -0.29
CA ARG A 257 17.63 11.12 -1.01
C ARG A 257 16.65 9.95 -1.04
N CYS A 258 16.47 9.30 0.13
CA CYS A 258 15.45 8.24 0.41
C CYS A 258 14.38 8.81 1.35
N SER A 259 13.30 8.05 1.57
CA SER A 259 12.11 8.50 2.35
C SER A 259 11.55 7.35 3.20
N VAL A 260 11.35 7.60 4.49
CA VAL A 260 10.72 6.68 5.47
C VAL A 260 9.52 7.41 6.08
N THR A 261 8.30 7.00 5.73
CA THR A 261 7.06 7.72 6.10
C THR A 261 5.91 6.74 6.24
N SER A 262 5.04 6.97 7.22
CA SER A 262 3.77 6.22 7.43
C SER A 262 4.05 4.81 7.90
N ASN A 263 5.15 4.58 8.62
CA ASN A 263 5.49 3.25 9.21
C ASN A 263 5.28 3.27 10.73
N ARG A 264 5.11 2.08 11.29
CA ARG A 264 5.07 1.84 12.76
C ARG A 264 6.31 1.05 13.10
N PHE A 265 7.09 1.54 14.06
CA PHE A 265 8.35 0.93 14.58
C PHE A 265 8.23 0.58 16.08
N GLN A 266 8.30 -0.72 16.39
CA GLN A 266 8.39 -1.25 17.78
C GLN A 266 9.68 -2.07 17.90
N GLY A 267 10.57 -1.63 18.78
CA GLY A 267 11.78 -2.40 19.15
C GLY A 267 11.95 -2.47 20.65
N PHE A 268 12.85 -3.35 21.10
CA PHE A 268 13.10 -3.63 22.53
C PHE A 268 14.54 -3.22 22.87
N TYR A 269 15.28 -2.71 21.88
CA TYR A 269 16.71 -2.32 22.04
C TYR A 269 16.94 -0.88 21.59
N PRO A 270 18.09 -0.28 21.95
CA PRO A 270 18.44 1.03 21.42
C PRO A 270 18.83 0.92 19.93
N GLY A 271 18.75 2.04 19.20
CA GLY A 271 19.14 2.12 17.78
C GLY A 271 18.19 1.37 16.88
N MET A 272 16.89 1.63 17.01
CA MET A 272 15.85 0.98 16.19
C MET A 272 16.02 1.47 14.74
N MET A 273 16.39 2.73 14.57
CA MET A 273 16.70 3.30 13.23
C MET A 273 18.13 3.82 13.24
N ARG A 274 18.90 3.47 12.21
CA ARG A 274 20.31 3.91 12.07
C ARG A 274 20.50 4.47 10.67
N LEU A 275 20.81 5.76 10.57
CA LEU A 275 21.35 6.40 9.34
C LEU A 275 22.86 6.53 9.55
N LEU A 276 23.63 5.65 8.89
CA LEU A 276 25.08 5.42 9.17
C LEU A 276 25.90 5.80 7.95
N ASN A 277 27.17 6.15 8.16
CA ASN A 277 28.22 6.27 7.11
C ASN A 277 27.87 7.29 6.03
N GLY A 278 27.19 8.39 6.40
CA GLY A 278 27.05 9.60 5.55
C GLY A 278 25.71 9.66 4.83
N CYS A 279 24.61 9.30 5.48
CA CYS A 279 23.26 9.37 4.86
C CYS A 279 22.85 10.84 4.68
N LYS A 280 22.57 11.25 3.45
CA LYS A 280 22.26 12.66 3.09
C LYS A 280 20.81 12.81 2.57
N GLU A 281 20.16 13.91 2.91
CA GLU A 281 18.96 14.41 2.18
C GLU A 281 17.83 13.36 2.21
N ASN A 282 17.66 12.66 3.35
CA ASN A 282 16.61 11.64 3.59
C ASN A 282 15.51 12.21 4.48
N LEU A 283 14.26 11.84 4.20
CA LEU A 283 13.06 12.24 4.97
C LEU A 283 12.62 11.07 5.85
N ILE A 284 12.54 11.35 7.15
CA ILE A 284 12.02 10.44 8.22
C ILE A 284 10.85 11.20 8.84
N THR A 285 9.61 10.92 8.42
CA THR A 285 8.42 11.69 8.87
C THR A 285 7.21 10.78 8.93
N SER A 286 6.23 11.14 9.76
CA SER A 286 4.89 10.53 9.85
C SER A 286 5.02 9.05 10.26
N ASN A 287 6.02 8.76 11.09
CA ASN A 287 6.33 7.42 11.66
C ASN A 287 6.04 7.41 13.16
N HIS A 288 5.45 6.32 13.66
CA HIS A 288 5.27 6.02 15.11
C HIS A 288 6.44 5.14 15.57
N PHE A 289 7.15 5.56 16.63
CA PHE A 289 8.28 4.82 17.25
C PHE A 289 7.86 4.39 18.65
N ARG A 290 8.05 3.10 18.96
CA ARG A 290 7.88 2.54 20.33
C ARG A 290 9.17 1.83 20.76
N ARG A 291 9.83 2.37 21.78
CA ARG A 291 10.94 1.65 22.47
C ARG A 291 10.37 1.11 23.77
N GLY A 292 10.30 -0.22 23.90
CA GLY A 292 9.81 -0.96 25.08
C GLY A 292 10.87 -1.94 25.56
N THR A 293 10.49 -2.92 26.38
CA THR A 293 11.40 -4.01 26.85
C THR A 293 10.78 -5.39 26.54
N GLU A 294 11.66 -6.34 26.28
CA GLU A 294 11.32 -7.73 25.95
C GLU A 294 10.33 -8.26 26.99
N GLY A 295 9.17 -8.74 26.54
CA GLY A 295 8.14 -9.33 27.39
C GLY A 295 8.14 -10.86 27.34
N PHE A 296 8.65 -11.45 26.26
CA PHE A 296 8.58 -12.90 25.99
C PHE A 296 9.71 -13.55 26.77
N PRO A 297 9.42 -14.27 27.89
CA PRO A 297 10.45 -14.77 28.81
C PRO A 297 11.72 -15.31 28.16
N PRO A 298 11.67 -16.23 27.15
CA PRO A 298 12.88 -16.81 26.55
C PRO A 298 13.93 -15.82 26.01
N PHE A 299 13.60 -14.53 25.91
CA PHE A 299 14.49 -13.50 25.31
C PHE A 299 14.71 -12.31 26.27
N ILE A 300 14.31 -12.36 27.54
CA ILE A 300 14.29 -11.18 28.47
C ILE A 300 15.71 -10.64 28.65
N ASP A 301 16.71 -11.50 28.68
CA ASP A 301 18.10 -11.07 28.97
C ASP A 301 18.83 -10.70 27.68
N ARG A 302 18.25 -10.96 26.50
CA ARG A 302 18.88 -10.66 25.19
C ARG A 302 18.99 -9.14 25.00
N THR A 303 20.14 -8.71 24.46
CA THR A 303 20.49 -7.32 24.08
C THR A 303 21.08 -7.28 22.66
N ASN A 304 21.23 -6.09 22.09
CA ASN A 304 21.90 -5.89 20.79
C ASN A 304 23.28 -5.26 21.01
N GLY A 305 23.72 -5.13 22.26
CA GLY A 305 25.05 -4.62 22.65
C GLY A 305 25.13 -3.09 22.75
N LEU A 306 24.00 -2.39 22.67
CA LEU A 306 23.96 -0.91 22.60
C LEU A 306 23.31 -0.30 23.86
N ASP A 307 23.78 0.87 24.24
CA ASP A 307 23.29 1.62 25.43
C ASP A 307 22.17 2.58 24.98
N ASP A 308 21.47 3.15 25.96
CA ASP A 308 20.29 4.02 25.74
C ASP A 308 20.68 5.41 25.23
N LEU A 309 21.98 5.74 25.20
CA LEU A 309 22.50 7.03 24.64
C LEU A 309 22.77 6.94 23.13
N TYR A 310 22.64 5.75 22.52
CA TYR A 310 22.82 5.56 21.06
C TYR A 310 21.71 6.29 20.30
N GLY A 311 20.51 6.34 20.88
CA GLY A 311 19.31 6.92 20.24
C GLY A 311 18.34 5.84 19.76
N VAL A 312 17.05 6.16 19.77
CA VAL A 312 16.02 5.39 19.02
C VAL A 312 16.29 5.60 17.53
N ILE A 313 16.62 6.85 17.18
CA ILE A 313 17.20 7.24 15.86
C ILE A 313 18.65 7.63 16.10
N HIS A 314 19.58 6.97 15.39
CA HIS A 314 21.02 7.33 15.29
C HIS A 314 21.27 7.75 13.83
N ALA A 315 21.61 9.02 13.63
CA ALA A 315 21.82 9.65 12.31
C ALA A 315 23.24 10.25 12.22
N MET A 316 24.04 9.75 11.26
CA MET A 316 25.33 10.29 10.78
C MET A 316 25.16 10.69 9.31
N GLY A 317 25.14 11.99 9.04
CA GLY A 317 24.98 12.50 7.66
C GLY A 317 24.48 13.93 7.63
N ASP A 318 24.11 14.38 6.44
CA ASP A 318 23.82 15.79 6.13
C ASP A 318 22.34 15.95 5.78
N ASN A 319 21.74 17.04 6.23
CA ASN A 319 20.50 17.60 5.63
C ASN A 319 19.34 16.60 5.67
N ASN A 320 19.26 15.77 6.71
CA ASN A 320 18.09 14.88 6.95
C ASN A 320 16.99 15.69 7.65
N LEU A 321 15.73 15.49 7.25
CA LEU A 321 14.53 16.08 7.90
C LEU A 321 13.86 15.01 8.75
N ILE A 322 13.97 15.13 10.08
CA ILE A 322 13.40 14.17 11.07
C ILE A 322 12.25 14.90 11.75
N SER A 323 11.02 14.65 11.30
CA SER A 323 9.86 15.54 11.58
C SER A 323 8.59 14.72 11.74
N ASN A 324 7.69 15.23 12.56
CA ASN A 324 6.28 14.78 12.58
C ASN A 324 6.22 13.29 12.95
N ASN A 325 7.08 12.88 13.89
CA ASN A 325 7.12 11.49 14.45
C ASN A 325 6.66 11.58 15.91
N LEU A 326 5.98 10.53 16.39
CA LEU A 326 5.67 10.32 17.83
C LEU A 326 6.65 9.25 18.34
N PHE A 327 7.29 9.51 19.48
CA PHE A 327 8.23 8.57 20.16
C PHE A 327 7.70 8.21 21.54
N ALA A 328 7.42 6.91 21.75
CA ALA A 328 6.96 6.37 23.05
C ALA A 328 8.03 5.42 23.62
N TYR A 329 8.81 5.94 24.58
CA TYR A 329 9.86 5.23 25.33
C TYR A 329 9.29 4.76 26.68
N ASP A 330 9.33 3.45 26.91
CA ASP A 330 8.87 2.85 28.19
C ASP A 330 9.81 1.72 28.61
N VAL A 331 10.89 2.08 29.28
CA VAL A 331 11.93 1.10 29.71
C VAL A 331 12.07 1.23 31.22
N PRO A 332 11.86 0.13 31.98
CA PRO A 332 12.11 0.13 33.43
C PRO A 332 13.51 0.65 33.77
N PRO A 333 13.65 1.55 34.79
CA PRO A 333 14.94 2.14 35.18
C PRO A 333 16.09 1.13 35.31
N GLY A 334 15.79 -0.05 35.89
CA GLY A 334 16.71 -1.19 36.05
C GLY A 334 17.09 -1.89 34.76
N LYS A 335 16.48 -1.57 33.61
CA LYS A 335 16.83 -2.16 32.28
C LYS A 335 17.56 -1.14 31.40
N ILE A 336 17.69 0.11 31.86
CA ILE A 336 18.39 1.20 31.15
C ILE A 336 19.90 0.94 31.28
N ALA A 337 20.65 1.21 30.21
CA ALA A 337 22.11 0.99 30.12
C ALA A 337 22.74 2.28 29.60
N PRO A 338 23.68 2.90 30.33
CA PRO A 338 24.08 2.45 31.67
C PRO A 338 23.02 2.83 32.72
N ALA A 339 22.93 2.06 33.78
CA ALA A 339 22.10 2.36 34.97
C ALA A 339 22.25 3.84 35.35
N GLY A 340 21.12 4.57 35.42
CA GLY A 340 21.03 5.97 35.88
C GLY A 340 21.23 6.98 34.75
N ALA A 341 21.41 6.50 33.52
CA ALA A 341 21.57 7.38 32.35
C ALA A 341 20.19 7.88 31.94
N GLN A 342 20.15 9.12 31.43
CA GLN A 342 19.02 9.68 30.64
C GLN A 342 19.05 9.05 29.25
N PRO A 343 18.03 8.25 28.86
CA PRO A 343 17.89 7.80 27.48
C PRO A 343 17.81 8.98 26.51
N THR A 344 18.50 8.85 25.37
CA THR A 344 18.47 9.76 24.21
C THR A 344 17.48 9.20 23.18
N ILE A 345 16.54 10.02 22.69
CA ILE A 345 15.53 9.57 21.67
C ILE A 345 16.10 9.75 20.25
N MET A 346 16.39 10.98 19.82
CA MET A 346 17.02 11.24 18.49
C MET A 346 18.44 11.76 18.70
N LEU A 347 19.45 11.03 18.18
CA LEU A 347 20.88 11.42 18.27
C LEU A 347 21.37 11.83 16.89
N ILE A 348 21.72 13.10 16.73
CA ILE A 348 22.57 13.55 15.60
C ILE A 348 24.04 13.32 15.98
N ALA A 349 24.59 12.19 15.52
CA ALA A 349 25.95 11.70 15.84
C ALA A 349 26.97 12.59 15.16
N GLY A 350 26.63 13.13 13.98
CA GLY A 350 27.44 14.09 13.22
C GLY A 350 26.75 14.50 11.92
N GLY A 351 27.32 15.49 11.19
CA GLY A 351 26.83 15.94 9.88
C GLY A 351 26.26 17.35 9.90
N ASP A 352 25.78 17.79 8.74
CA ASP A 352 25.52 19.23 8.48
C ASP A 352 24.06 19.45 8.02
N GLY A 353 23.39 20.43 8.63
CA GLY A 353 22.11 21.00 8.20
C GLY A 353 20.92 20.12 8.51
N ASN A 354 21.07 19.10 9.36
CA ASN A 354 19.96 18.21 9.81
C ASN A 354 18.91 19.05 10.54
N VAL A 355 17.64 18.74 10.33
CA VAL A 355 16.49 19.52 10.85
C VAL A 355 15.58 18.55 11.59
N ILE A 356 15.34 18.81 12.87
CA ILE A 356 14.42 18.03 13.76
C ILE A 356 13.21 18.93 14.03
N ALA A 357 12.00 18.55 13.57
CA ALA A 357 10.80 19.40 13.66
C ALA A 357 9.54 18.62 14.07
N THR A 358 8.79 19.16 15.03
CA THR A 358 7.42 18.71 15.38
C THR A 358 7.43 17.22 15.73
N ASN A 359 8.24 16.81 16.70
CA ASN A 359 8.25 15.40 17.17
C ASN A 359 7.69 15.38 18.59
N HIS A 360 6.67 14.56 18.87
CA HIS A 360 6.16 14.34 20.26
C HIS A 360 6.85 13.11 20.89
N VAL A 361 7.45 13.33 22.07
CA VAL A 361 8.17 12.30 22.86
C VAL A 361 7.42 12.09 24.18
N ILE A 362 7.13 10.83 24.51
CA ILE A 362 6.64 10.38 25.85
C ILE A 362 7.70 9.43 26.40
N SER A 363 8.16 9.63 27.63
CA SER A 363 9.06 8.68 28.30
C SER A 363 8.69 8.51 29.77
N ASN A 364 9.00 7.34 30.33
CA ASN A 364 8.70 6.94 31.72
C ASN A 364 9.77 7.53 32.68
N VAL A 365 10.98 7.82 32.16
CA VAL A 365 12.11 8.45 32.90
C VAL A 365 12.47 9.73 32.15
N ASP A 366 13.09 10.71 32.81
CA ASP A 366 13.66 11.91 32.13
C ASP A 366 14.54 11.42 30.96
N THR A 367 14.28 11.92 29.75
CA THR A 367 15.08 11.61 28.53
C THR A 367 15.46 12.92 27.83
N GLN A 368 16.56 12.91 27.07
CA GLN A 368 16.89 13.99 26.10
C GLN A 368 16.23 13.65 24.75
N HIS A 369 15.21 14.44 24.38
CA HIS A 369 14.38 14.28 23.15
C HIS A 369 15.31 14.31 21.95
N VAL A 370 16.27 15.23 21.97
CA VAL A 370 17.32 15.36 20.92
C VAL A 370 18.65 15.59 21.62
N VAL A 371 19.68 14.87 21.17
CA VAL A 371 21.11 15.17 21.50
C VAL A 371 21.84 15.39 20.19
N LEU A 372 22.65 16.44 20.10
CA LEU A 372 23.48 16.75 18.91
C LEU A 372 24.95 16.76 19.31
N ASP A 373 25.71 15.89 18.65
CA ASP A 373 27.19 15.79 18.75
C ASP A 373 27.81 17.17 18.55
N GLY A 374 28.96 17.39 19.19
CA GLY A 374 29.77 18.62 19.07
C GLY A 374 30.24 18.85 17.65
N SER A 375 30.40 17.77 16.85
CA SER A 375 30.86 17.76 15.43
C SER A 375 29.74 18.19 14.46
N ALA A 376 28.47 18.20 14.89
CA ALA A 376 27.30 18.61 14.09
C ALA A 376 27.36 20.11 13.80
N THR A 377 26.97 20.53 12.59
CA THR A 377 26.97 21.96 12.15
C THR A 377 25.63 22.27 11.47
N ARG A 378 25.12 23.50 11.62
CA ARG A 378 23.90 24.08 10.97
C ARG A 378 22.67 23.19 11.25
N SER A 379 22.61 22.56 12.41
CA SER A 379 21.42 21.82 12.89
C SER A 379 20.31 22.81 13.22
N LYS A 380 19.06 22.43 12.97
CA LYS A 380 17.86 23.16 13.47
C LYS A 380 17.06 22.13 14.28
N VAL A 381 16.57 22.50 15.47
CA VAL A 381 15.65 21.66 16.31
C VAL A 381 14.45 22.53 16.65
N LEU A 382 13.28 22.17 16.14
CA LEU A 382 12.00 22.92 16.32
C LEU A 382 10.96 22.00 16.97
N ASP A 383 10.32 22.46 18.04
CA ASP A 383 9.07 21.90 18.61
C ASP A 383 9.17 20.36 18.68
N SER A 384 10.28 19.85 19.24
CA SER A 384 10.56 18.42 19.48
C SER A 384 10.95 18.20 20.96
N GLY A 385 10.49 19.11 21.83
CA GLY A 385 10.66 19.04 23.29
C GLY A 385 10.95 20.41 23.91
N ALA A 386 10.86 20.49 25.25
CA ALA A 386 11.22 21.70 26.04
C ALA A 386 12.74 21.82 26.11
N ALA A 387 13.28 22.94 26.60
CA ALA A 387 14.74 23.23 26.50
C ALA A 387 15.50 22.18 27.33
N SER A 388 14.95 21.83 28.50
CA SER A 388 15.48 20.76 29.40
C SER A 388 15.74 19.48 28.60
N THR A 389 14.98 19.23 27.53
CA THR A 389 14.98 17.93 26.80
C THR A 389 15.89 18.00 25.56
N ILE A 390 16.33 19.19 25.15
CA ILE A 390 17.31 19.39 24.02
C ILE A 390 18.69 19.77 24.58
N THR A 391 19.71 18.99 24.18
CA THR A 391 21.15 19.18 24.47
C THR A 391 21.91 19.28 23.15
N SER A 392 22.50 20.43 22.87
CA SER A 392 23.37 20.66 21.68
C SER A 392 24.80 20.83 22.19
N TYR A 393 25.68 19.89 21.84
CA TYR A 393 27.11 19.96 22.21
C TYR A 393 27.83 20.79 21.15
N SER A 394 27.29 20.83 19.94
CA SER A 394 27.65 21.84 18.90
C SER A 394 27.13 23.21 19.32
N PRO A 395 27.93 24.28 19.12
CA PRO A 395 27.49 25.64 19.45
C PRO A 395 26.67 26.36 18.39
N ASP A 396 26.54 25.83 17.16
CA ASP A 396 25.81 26.57 16.09
C ASP A 396 24.39 26.02 15.86
N THR A 397 23.81 25.26 16.79
CA THR A 397 22.46 24.66 16.64
C THR A 397 21.38 25.69 17.06
N ALA A 398 20.36 25.90 16.24
CA ALA A 398 19.22 26.79 16.54
C ALA A 398 18.09 25.93 17.13
N ILE A 399 17.54 26.33 18.28
CA ILE A 399 16.57 25.52 19.06
C ILE A 399 15.37 26.41 19.34
N ARG A 400 14.18 26.01 18.93
CA ARG A 400 12.92 26.60 19.45
C ARG A 400 12.30 25.52 20.32
N PRO A 401 12.20 25.74 21.65
CA PRO A 401 11.57 24.75 22.52
C PRO A 401 10.09 24.71 22.12
N THR A 402 9.43 23.61 22.43
CA THR A 402 7.95 23.51 22.49
C THR A 402 7.47 24.43 23.60
N PRO A 403 6.51 25.34 23.30
CA PRO A 403 5.90 26.18 24.33
C PRO A 403 5.42 25.46 25.59
N PRO B 1 -8.09 -30.35 -11.18
CA PRO B 1 -7.66 -29.04 -11.69
C PRO B 1 -6.12 -28.92 -11.74
N LEU B 2 -5.47 -28.83 -10.59
CA LEU B 2 -4.01 -29.06 -10.42
C LEU B 2 -3.85 -30.47 -9.83
N ASN B 3 -2.64 -31.00 -9.79
CA ASN B 3 -2.40 -32.41 -9.36
C ASN B 3 -2.14 -32.48 -7.86
N SER B 4 -2.78 -31.61 -7.06
CA SER B 4 -2.73 -31.58 -5.56
C SER B 4 -4.15 -31.72 -5.06
N PRO B 5 -4.41 -32.58 -4.06
CA PRO B 5 -5.76 -32.67 -3.49
C PRO B 5 -6.11 -31.45 -2.63
N ASN B 6 -5.16 -30.53 -2.42
CA ASN B 6 -5.30 -29.29 -1.59
C ASN B 6 -5.77 -28.12 -2.47
N VAL B 7 -6.20 -28.39 -3.71
CA VAL B 7 -6.77 -27.35 -4.61
C VAL B 7 -8.19 -27.76 -4.98
N TYR B 8 -9.17 -26.97 -4.57
CA TYR B 8 -10.61 -27.25 -4.80
C TYR B 8 -11.23 -26.14 -5.68
N ASP B 9 -12.06 -26.56 -6.61
CA ASP B 9 -12.94 -25.73 -7.46
C ASP B 9 -14.40 -25.92 -7.03
N VAL B 10 -15.03 -24.91 -6.41
CA VAL B 10 -16.40 -25.07 -5.80
C VAL B 10 -17.38 -25.56 -6.87
N THR B 11 -17.16 -25.26 -8.15
CA THR B 11 -18.08 -25.67 -9.25
C THR B 11 -17.88 -27.15 -9.66
N ALA B 12 -16.82 -27.82 -9.20
CA ALA B 12 -16.43 -29.19 -9.65
C ALA B 12 -16.67 -30.22 -8.53
N TRP B 13 -17.05 -29.78 -7.33
CA TRP B 13 -17.11 -30.62 -6.10
C TRP B 13 -18.53 -31.13 -5.85
N ARG B 14 -18.75 -32.44 -5.90
CA ARG B 14 -20.07 -33.03 -5.59
C ARG B 14 -20.03 -33.46 -4.12
N ILE B 15 -21.07 -33.15 -3.35
CA ILE B 15 -21.25 -33.60 -1.93
C ILE B 15 -21.75 -35.05 -1.95
N LYS B 16 -21.01 -35.96 -1.34
CA LYS B 16 -21.40 -37.39 -1.29
C LYS B 16 -22.75 -37.44 -0.59
N GLY B 17 -23.76 -38.05 -1.22
CA GLY B 17 -25.09 -38.28 -0.62
C GLY B 17 -26.06 -37.13 -0.88
N GLN B 18 -25.56 -35.93 -1.18
CA GLN B 18 -26.38 -34.73 -1.51
C GLN B 18 -26.04 -34.26 -2.91
N PRO B 19 -26.32 -35.08 -3.95
CA PRO B 19 -25.88 -34.80 -5.32
C PRO B 19 -26.66 -33.65 -6.00
N LYS B 20 -27.68 -33.13 -5.30
CA LYS B 20 -28.61 -32.08 -5.75
C LYS B 20 -28.08 -30.70 -5.38
N VAL B 21 -27.26 -30.61 -4.31
CA VAL B 21 -26.57 -29.38 -3.83
C VAL B 21 -25.44 -29.05 -4.81
N THR B 22 -25.40 -27.82 -5.31
CA THR B 22 -24.26 -27.26 -6.09
C THR B 22 -23.74 -26.00 -5.40
N ALA B 23 -22.62 -25.49 -5.89
CA ALA B 23 -22.06 -24.18 -5.50
C ALA B 23 -23.15 -23.10 -5.64
N GLU B 24 -23.98 -23.20 -6.70
CA GLU B 24 -25.07 -22.23 -7.01
C GLU B 24 -26.16 -22.31 -5.93
N SER B 25 -26.65 -23.51 -5.62
CA SER B 25 -27.79 -23.71 -4.70
C SER B 25 -27.38 -23.39 -3.25
N ASP B 26 -26.19 -23.82 -2.81
CA ASP B 26 -25.68 -23.53 -1.44
C ASP B 26 -24.16 -23.72 -1.34
N ILE B 27 -23.38 -22.67 -1.63
CA ILE B 27 -21.88 -22.72 -1.65
C ILE B 27 -21.34 -23.01 -0.26
N GLY B 28 -22.10 -22.68 0.80
CA GLY B 28 -21.74 -22.95 2.20
C GLY B 28 -21.62 -24.44 2.48
N ALA B 29 -22.59 -25.20 1.99
CA ALA B 29 -22.70 -26.67 2.13
C ALA B 29 -21.57 -27.38 1.37
N VAL B 30 -21.22 -26.86 0.19
CA VAL B 30 -20.10 -27.37 -0.67
C VAL B 30 -18.79 -27.10 0.07
N ILE B 31 -18.55 -25.85 0.49
CA ILE B 31 -17.27 -25.45 1.16
C ILE B 31 -17.14 -26.20 2.48
N ASN B 32 -18.21 -26.43 3.22
CA ASN B 32 -18.13 -27.24 4.47
C ASN B 32 -17.73 -28.67 4.14
N ASP B 33 -18.23 -29.25 3.05
CA ASP B 33 -17.87 -30.64 2.63
C ASP B 33 -16.41 -30.68 2.18
N ILE B 34 -15.96 -29.62 1.50
CA ILE B 34 -14.52 -29.41 1.15
C ILE B 34 -13.67 -29.38 2.42
N ILE B 35 -14.11 -28.68 3.48
CA ILE B 35 -13.33 -28.58 4.75
C ILE B 35 -13.31 -29.95 5.45
N ALA B 36 -14.44 -30.67 5.42
CA ALA B 36 -14.54 -32.08 5.83
C ALA B 36 -13.42 -32.86 5.12
N ASP B 37 -13.32 -32.73 3.79
CA ASP B 37 -12.31 -33.47 2.98
C ASP B 37 -10.90 -33.10 3.46
N ILE B 38 -10.60 -31.82 3.60
CA ILE B 38 -9.28 -31.32 4.08
C ILE B 38 -8.95 -32.03 5.41
N LYS B 39 -9.91 -32.10 6.34
CA LYS B 39 -9.69 -32.64 7.71
C LYS B 39 -9.52 -34.16 7.67
N LYS B 40 -10.07 -34.84 6.65
CA LYS B 40 -9.93 -36.30 6.45
C LYS B 40 -8.49 -36.63 6.01
N ARG B 41 -7.85 -35.80 5.19
CA ARG B 41 -6.51 -36.12 4.61
C ARG B 41 -5.40 -35.57 5.50
N GLN B 42 -5.66 -34.46 6.23
CA GLN B 42 -4.66 -33.68 7.00
C GLN B 42 -4.97 -33.83 8.49
N SER B 43 -4.43 -34.88 9.10
CA SER B 43 -4.96 -35.46 10.36
C SER B 43 -3.88 -35.49 11.45
N THR B 44 -2.77 -34.77 11.29
CA THR B 44 -1.72 -34.68 12.34
C THR B 44 -1.25 -33.23 12.41
N PRO B 45 -0.62 -32.79 13.52
CA PRO B 45 -0.06 -31.45 13.60
C PRO B 45 1.18 -31.19 12.73
N GLU B 46 1.60 -32.13 11.88
CA GLU B 46 2.66 -31.92 10.84
C GLU B 46 2.21 -32.35 9.44
N THR B 47 0.92 -32.63 9.21
CA THR B 47 0.37 -32.95 7.87
C THR B 47 -0.80 -32.01 7.58
N ARG B 48 -0.73 -30.75 8.04
CA ARG B 48 -1.88 -29.80 8.02
C ARG B 48 -1.56 -28.47 7.34
N PRO B 49 -1.00 -28.52 6.09
CA PRO B 49 -0.60 -27.32 5.35
C PRO B 49 -1.76 -26.47 4.80
N GLY B 50 -3.01 -26.97 4.90
CA GLY B 50 -4.22 -26.25 4.44
C GLY B 50 -4.55 -26.58 3.00
N ALA B 51 -5.13 -25.63 2.27
CA ALA B 51 -5.72 -25.82 0.93
C ALA B 51 -6.21 -24.47 0.39
N VAL B 52 -6.37 -24.38 -0.92
CA VAL B 52 -7.02 -23.23 -1.59
C VAL B 52 -8.37 -23.73 -2.14
N VAL B 53 -9.41 -22.94 -1.85
CA VAL B 53 -10.78 -23.09 -2.42
C VAL B 53 -10.95 -22.02 -3.48
N ILE B 54 -11.13 -22.42 -4.73
CA ILE B 54 -11.25 -21.52 -5.92
C ILE B 54 -12.75 -21.30 -6.17
N ILE B 55 -13.19 -20.04 -6.17
CA ILE B 55 -14.57 -19.61 -6.56
C ILE B 55 -14.50 -18.93 -7.93
N PRO B 56 -14.83 -19.65 -9.03
CA PRO B 56 -14.94 -19.02 -10.35
C PRO B 56 -15.92 -17.85 -10.36
N PRO B 57 -15.85 -16.91 -11.32
CA PRO B 57 -16.88 -15.89 -11.43
C PRO B 57 -18.24 -16.57 -11.69
N GLY B 58 -19.29 -16.09 -11.01
CA GLY B 58 -20.67 -16.59 -11.09
C GLY B 58 -21.54 -16.05 -9.94
N ASP B 59 -22.81 -16.44 -9.90
CA ASP B 59 -23.75 -16.12 -8.79
C ASP B 59 -23.94 -17.40 -7.97
N TYR B 60 -23.60 -17.35 -6.68
CA TYR B 60 -23.63 -18.48 -5.73
C TYR B 60 -24.53 -18.08 -4.54
N ASP B 61 -25.52 -18.89 -4.21
CA ASP B 61 -26.27 -18.71 -2.93
C ASP B 61 -25.50 -19.37 -1.78
N LEU B 62 -25.51 -18.74 -0.62
CA LEU B 62 -24.95 -19.37 0.61
C LEU B 62 -26.04 -19.35 1.69
N HIS B 63 -26.67 -20.50 1.93
CA HIS B 63 -27.73 -20.72 2.94
C HIS B 63 -27.06 -21.19 4.24
N THR B 64 -26.04 -22.05 4.11
CA THR B 64 -25.36 -22.72 5.24
C THR B 64 -24.11 -21.93 5.64
N GLN B 65 -24.04 -21.53 6.91
CA GLN B 65 -22.82 -20.92 7.49
C GLN B 65 -21.64 -21.86 7.25
N VAL B 66 -20.50 -21.31 6.83
CA VAL B 66 -19.19 -22.00 6.68
C VAL B 66 -18.40 -21.79 7.96
N VAL B 67 -17.96 -22.88 8.58
CA VAL B 67 -17.03 -22.84 9.74
C VAL B 67 -15.62 -23.09 9.20
N VAL B 68 -14.73 -22.11 9.31
CA VAL B 68 -13.30 -22.29 8.94
C VAL B 68 -12.52 -22.53 10.22
N ASP B 69 -12.12 -23.79 10.47
CA ASP B 69 -11.35 -24.23 11.67
C ASP B 69 -10.05 -24.92 11.27
N VAL B 70 -9.44 -24.55 10.15
CA VAL B 70 -8.11 -25.09 9.72
C VAL B 70 -7.15 -23.94 9.38
N ASP B 71 -5.88 -24.07 9.76
CA ASP B 71 -4.85 -23.08 9.41
C ASP B 71 -4.60 -23.17 7.90
N TYR B 72 -4.26 -22.04 7.29
CA TYR B 72 -3.71 -21.94 5.92
C TYR B 72 -4.81 -22.29 4.91
N LEU B 73 -6.06 -22.06 5.26
CA LEU B 73 -7.17 -22.11 4.27
C LEU B 73 -7.22 -20.77 3.52
N THR B 74 -7.06 -20.84 2.19
CA THR B 74 -7.24 -19.70 1.24
C THR B 74 -8.61 -19.89 0.57
N ILE B 75 -9.57 -19.00 0.82
CA ILE B 75 -10.75 -18.87 -0.07
C ILE B 75 -10.43 -17.74 -1.03
N ALA B 76 -10.39 -18.03 -2.33
CA ALA B 76 -9.99 -17.12 -3.42
C ALA B 76 -11.01 -17.17 -4.57
N GLY B 77 -11.23 -16.03 -5.23
CA GLY B 77 -11.99 -15.93 -6.49
C GLY B 77 -11.19 -15.14 -7.51
N PHE B 78 -11.84 -14.52 -8.51
CA PHE B 78 -11.19 -13.78 -9.62
C PHE B 78 -11.69 -12.32 -9.74
N GLY B 79 -12.54 -11.84 -8.82
CA GLY B 79 -12.99 -10.44 -8.79
C GLY B 79 -13.89 -10.11 -7.60
N HIS B 80 -13.72 -8.89 -7.09
CA HIS B 80 -14.48 -8.27 -5.97
C HIS B 80 -15.93 -7.96 -6.35
N GLY B 81 -16.21 -7.75 -7.64
CA GLY B 81 -17.58 -7.66 -8.20
C GLY B 81 -18.46 -6.61 -7.57
N PHE B 82 -17.90 -5.51 -7.04
CA PHE B 82 -18.70 -4.49 -6.31
C PHE B 82 -19.66 -3.76 -7.26
N PHE B 83 -20.87 -3.55 -6.77
CA PHE B 83 -21.98 -2.88 -7.47
C PHE B 83 -22.73 -2.08 -6.41
N SER B 84 -23.07 -0.81 -6.68
CA SER B 84 -23.83 0.02 -5.72
C SER B 84 -25.29 -0.46 -5.70
N ARG B 85 -25.64 -1.29 -4.71
CA ARG B 85 -27.04 -1.68 -4.43
C ARG B 85 -27.84 -0.47 -3.91
N SER B 86 -27.19 0.47 -3.20
CA SER B 86 -27.81 1.69 -2.61
C SER B 86 -28.40 2.58 -3.73
N ILE B 87 -27.65 2.86 -4.80
CA ILE B 87 -28.12 3.76 -5.89
C ILE B 87 -29.27 3.05 -6.61
N LYS B 88 -29.09 1.76 -6.94
CA LYS B 88 -30.11 0.89 -7.57
C LYS B 88 -31.44 0.99 -6.81
N ASP B 89 -31.41 0.81 -5.49
CA ASP B 89 -32.61 0.76 -4.62
C ASP B 89 -33.34 2.11 -4.53
N ASN B 90 -32.76 3.22 -5.04
CA ASN B 90 -33.34 4.58 -4.86
C ASN B 90 -33.44 5.37 -6.18
N VAL B 91 -33.25 4.73 -7.33
CA VAL B 91 -33.42 5.41 -8.65
C VAL B 91 -34.18 4.51 -9.61
N ASP B 92 -34.75 5.11 -10.66
CA ASP B 92 -35.32 4.40 -11.84
C ASP B 92 -34.20 3.61 -12.51
N THR B 93 -34.35 2.27 -12.58
CA THR B 93 -33.40 1.33 -13.21
C THR B 93 -34.00 0.78 -14.50
N THR B 94 -34.93 1.51 -15.13
CA THR B 94 -35.52 1.11 -16.44
C THR B 94 -34.38 1.05 -17.47
N GLY B 95 -34.19 -0.12 -18.09
CA GLY B 95 -33.20 -0.32 -19.15
C GLY B 95 -31.79 -0.42 -18.57
N TRP B 96 -31.66 -0.55 -17.25
CA TRP B 96 -30.39 -0.93 -16.61
C TRP B 96 -29.98 -2.32 -17.10
N LEU B 97 -28.75 -2.40 -17.63
CA LEU B 97 -28.11 -3.62 -18.19
C LEU B 97 -27.64 -4.55 -17.08
N ASN B 98 -27.58 -4.08 -15.82
CA ASN B 98 -27.18 -4.93 -14.66
C ASN B 98 -27.85 -4.44 -13.37
N LEU B 99 -28.23 -5.37 -12.49
CA LEU B 99 -29.11 -5.07 -11.33
C LEU B 99 -28.55 -5.65 -10.02
N GLN B 100 -27.44 -6.39 -10.03
CA GLN B 100 -26.80 -6.90 -8.76
C GLN B 100 -25.27 -6.92 -8.87
N PRO B 101 -24.56 -7.01 -7.72
CA PRO B 101 -23.13 -7.32 -7.70
C PRO B 101 -22.83 -8.66 -8.37
N GLY B 102 -21.55 -8.89 -8.68
CA GLY B 102 -21.06 -10.06 -9.43
C GLY B 102 -19.62 -10.39 -9.08
N GLY B 103 -18.79 -10.66 -10.09
CA GLY B 103 -17.48 -11.31 -9.95
C GLY B 103 -17.66 -12.70 -9.38
N SER B 104 -16.82 -13.09 -8.42
CA SER B 104 -17.04 -14.37 -7.69
C SER B 104 -18.08 -14.09 -6.58
N HIS B 105 -19.37 -14.10 -6.94
CA HIS B 105 -20.49 -13.43 -6.18
C HIS B 105 -21.18 -14.40 -5.22
N ILE B 106 -20.94 -14.26 -3.92
CA ILE B 106 -21.67 -15.04 -2.87
C ILE B 106 -22.82 -14.17 -2.32
N ARG B 107 -24.05 -14.53 -2.70
CA ARG B 107 -25.31 -14.01 -2.13
C ARG B 107 -25.46 -14.67 -0.75
N VAL B 108 -25.32 -13.87 0.32
CA VAL B 108 -25.32 -14.36 1.73
C VAL B 108 -26.78 -14.39 2.19
N LEU B 109 -27.30 -15.60 2.39
CA LEU B 109 -28.72 -15.88 2.70
C LEU B 109 -28.79 -16.67 3.99
N THR B 110 -27.94 -16.31 4.95
CA THR B 110 -27.77 -17.06 6.21
C THR B 110 -29.06 -16.98 7.04
N PRO B 111 -29.43 -18.05 7.77
CA PRO B 111 -30.50 -17.96 8.76
C PRO B 111 -30.07 -17.06 9.92
N PRO B 112 -31.00 -16.45 10.68
CA PRO B 112 -30.62 -15.62 11.83
C PRO B 112 -29.93 -16.43 12.96
N THR B 113 -30.06 -17.76 12.95
CA THR B 113 -29.47 -18.68 13.96
C THR B 113 -27.96 -18.85 13.70
N SER B 114 -27.51 -18.67 12.46
CA SER B 114 -26.07 -18.79 12.07
C SER B 114 -25.77 -17.71 11.03
N PRO B 115 -25.80 -16.42 11.48
CA PRO B 115 -25.91 -15.25 10.58
C PRO B 115 -24.67 -14.91 9.73
N GLN B 116 -23.47 -15.25 10.22
CA GLN B 116 -22.17 -15.02 9.55
C GLN B 116 -21.93 -16.07 8.47
N ALA B 117 -21.69 -15.66 7.22
CA ALA B 117 -21.46 -16.54 6.04
C ALA B 117 -20.20 -17.39 6.26
N PHE B 118 -19.16 -16.77 6.81
CA PHE B 118 -17.88 -17.43 7.15
C PHE B 118 -17.56 -17.10 8.61
N LEU B 119 -17.76 -18.10 9.47
CA LEU B 119 -17.34 -18.10 10.89
C LEU B 119 -15.96 -18.77 10.92
N VAL B 120 -14.93 -17.96 11.17
CA VAL B 120 -13.53 -18.45 11.39
C VAL B 120 -13.35 -18.54 12.90
N ARG B 121 -13.31 -19.77 13.42
CA ARG B 121 -13.28 -20.04 14.88
C ARG B 121 -12.79 -21.46 15.12
N ARG B 122 -11.82 -21.60 16.01
CA ARG B 122 -11.31 -22.87 16.57
C ARG B 122 -11.29 -22.74 18.09
N ASP B 123 -12.02 -23.59 18.81
CA ASP B 123 -12.03 -23.58 20.29
C ASP B 123 -10.82 -24.37 20.80
N GLY B 124 -10.13 -25.08 19.93
CA GLY B 124 -8.89 -25.81 20.25
C GLY B 124 -7.72 -24.88 20.38
N SER B 125 -6.57 -25.32 19.89
CA SER B 125 -5.24 -24.67 20.03
C SER B 125 -4.30 -25.19 18.94
N PRO B 126 -3.33 -24.38 18.46
CA PRO B 126 -3.11 -23.00 18.90
C PRO B 126 -4.03 -21.99 18.19
N ARG B 127 -3.62 -20.73 18.09
CA ARG B 127 -4.38 -19.68 17.35
C ARG B 127 -4.45 -20.10 15.88
N LEU B 128 -5.60 -19.90 15.26
CA LEU B 128 -5.74 -20.11 13.80
C LEU B 128 -4.70 -19.22 13.11
N SER B 129 -3.97 -19.77 12.14
CA SER B 129 -2.83 -19.07 11.48
C SER B 129 -3.03 -19.00 9.96
N GLY B 130 -2.55 -17.91 9.35
CA GLY B 130 -2.25 -17.84 7.91
C GLY B 130 -3.45 -18.03 6.99
N ILE B 131 -4.68 -17.88 7.48
CA ILE B 131 -5.90 -17.99 6.63
C ILE B 131 -5.97 -16.75 5.71
N VAL B 132 -6.21 -16.96 4.42
CA VAL B 132 -6.25 -15.88 3.38
C VAL B 132 -7.66 -15.83 2.74
N PHE B 133 -8.39 -14.73 2.91
CA PHE B 133 -9.55 -14.37 2.06
C PHE B 133 -9.12 -13.34 1.00
N LYS B 134 -9.35 -13.65 -0.27
CA LYS B 134 -9.01 -12.73 -1.38
C LYS B 134 -9.91 -12.96 -2.59
N ASP B 135 -10.30 -11.87 -3.23
CA ASP B 135 -10.73 -11.78 -4.66
C ASP B 135 -12.10 -12.43 -4.86
N PHE B 136 -13.01 -12.28 -3.91
CA PHE B 136 -14.44 -12.62 -4.13
C PHE B 136 -15.33 -11.55 -3.50
N CYS B 137 -16.61 -11.57 -3.86
CA CYS B 137 -17.69 -10.68 -3.40
C CYS B 137 -18.55 -11.35 -2.30
N LEU B 138 -18.73 -10.71 -1.16
CA LEU B 138 -19.80 -11.04 -0.18
C LEU B 138 -20.93 -9.98 -0.27
N ASP B 139 -22.16 -10.44 -0.51
CA ASP B 139 -23.33 -9.57 -0.80
C ASP B 139 -24.51 -10.06 0.03
N GLY B 140 -24.96 -9.24 0.99
CA GLY B 140 -26.12 -9.53 1.85
C GLY B 140 -27.47 -9.38 1.13
N VAL B 141 -27.46 -8.88 -0.11
CA VAL B 141 -28.58 -8.88 -1.11
C VAL B 141 -29.57 -7.74 -0.85
N SER B 142 -29.98 -7.52 0.40
CA SER B 142 -30.95 -6.45 0.74
C SER B 142 -30.83 -6.11 2.21
N PHE B 143 -31.06 -4.85 2.54
CA PHE B 143 -31.34 -4.42 3.93
C PHE B 143 -32.83 -4.65 4.17
N VAL B 144 -33.25 -4.68 5.44
CA VAL B 144 -34.68 -4.88 5.82
C VAL B 144 -35.07 -3.91 6.94
N PRO B 145 -36.34 -3.44 6.95
CA PRO B 145 -37.33 -3.83 5.96
C PRO B 145 -37.12 -3.20 4.57
N ASP B 146 -36.39 -2.08 4.53
CA ASP B 146 -36.13 -1.28 3.30
C ASP B 146 -34.62 -1.30 3.04
N GLY B 147 -34.21 -0.99 1.81
CA GLY B 147 -32.81 -1.04 1.36
C GLY B 147 -31.95 0.00 2.04
N ASN B 148 -32.53 0.93 2.81
CA ASN B 148 -31.80 2.10 3.35
C ASN B 148 -31.62 1.99 4.88
N SER B 149 -31.88 0.83 5.48
CA SER B 149 -31.79 0.63 6.95
C SER B 149 -30.36 0.33 7.40
N TYR B 150 -29.51 -0.24 6.52
CA TYR B 150 -28.16 -0.79 6.83
C TYR B 150 -28.26 -1.80 7.99
N LYS B 151 -29.35 -2.57 8.01
CA LYS B 151 -29.68 -3.60 9.01
C LYS B 151 -30.09 -4.87 8.26
N ASN B 152 -29.49 -6.04 8.56
CA ASN B 152 -30.01 -7.35 8.08
C ASN B 152 -29.54 -8.53 8.93
N GLY B 153 -28.82 -8.34 10.04
CA GLY B 153 -28.37 -9.46 10.90
C GLY B 153 -27.20 -10.26 10.31
N LYS B 154 -26.79 -10.02 9.06
CA LYS B 154 -25.76 -10.82 8.36
C LYS B 154 -24.36 -10.22 8.54
N THR B 155 -23.36 -11.10 8.57
CA THR B 155 -21.92 -10.78 8.57
C THR B 155 -21.24 -11.54 7.42
N GLY B 156 -20.28 -10.90 6.74
CA GLY B 156 -19.49 -11.53 5.68
C GLY B 156 -18.52 -12.51 6.29
N ILE B 157 -17.55 -11.98 7.04
CA ILE B 157 -16.47 -12.79 7.66
C ILE B 157 -16.42 -12.37 9.13
N ASP B 158 -16.67 -13.32 10.03
CA ASP B 158 -16.53 -13.18 11.50
C ASP B 158 -15.42 -14.12 12.01
N VAL B 159 -14.28 -13.56 12.38
CA VAL B 159 -13.16 -14.30 13.01
C VAL B 159 -13.33 -14.15 14.52
N ALA B 160 -13.73 -15.22 15.18
CA ALA B 160 -14.17 -15.22 16.59
C ALA B 160 -13.14 -15.86 17.54
N SER B 161 -11.97 -16.30 17.05
CA SER B 161 -10.85 -16.88 17.87
C SER B 161 -9.61 -16.01 17.68
N ASP B 162 -8.75 -15.95 18.70
CA ASP B 162 -7.37 -15.43 18.58
C ASP B 162 -6.74 -16.02 17.31
N ASN B 163 -6.15 -15.17 16.49
CA ASN B 163 -5.68 -15.51 15.12
C ASN B 163 -4.35 -14.83 14.91
N ASP B 164 -3.57 -15.33 13.95
CA ASP B 164 -2.19 -14.86 13.65
C ASP B 164 -2.00 -14.90 12.13
N SER B 165 -1.53 -13.79 11.55
CA SER B 165 -1.11 -13.69 10.15
C SER B 165 -2.26 -14.00 9.16
N ILE B 166 -3.48 -13.60 9.49
CA ILE B 166 -4.60 -13.63 8.49
C ILE B 166 -4.40 -12.50 7.47
N HIS B 167 -4.78 -12.72 6.22
CA HIS B 167 -4.60 -11.79 5.07
C HIS B 167 -5.94 -11.66 4.31
N ILE B 168 -6.56 -10.48 4.36
CA ILE B 168 -7.84 -10.15 3.67
C ILE B 168 -7.50 -9.11 2.60
N THR B 169 -7.52 -9.50 1.32
CA THR B 169 -7.07 -8.64 0.20
C THR B 169 -7.97 -8.84 -1.02
N GLY B 170 -8.18 -7.76 -1.79
CA GLY B 170 -8.93 -7.74 -3.06
C GLY B 170 -10.37 -8.18 -2.88
N MET B 171 -10.94 -8.05 -1.68
CA MET B 171 -12.36 -8.43 -1.44
C MET B 171 -13.29 -7.29 -1.85
N GLY B 172 -14.52 -7.68 -2.18
CA GLY B 172 -15.70 -6.83 -2.28
C GLY B 172 -16.76 -7.25 -1.26
N PHE B 173 -17.18 -6.32 -0.40
CA PHE B 173 -18.30 -6.46 0.56
C PHE B 173 -19.37 -5.41 0.24
N VAL B 174 -20.63 -5.83 0.18
CA VAL B 174 -21.77 -4.93 -0.14
C VAL B 174 -23.01 -5.40 0.61
N TYR B 175 -23.79 -4.46 1.16
CA TYR B 175 -25.14 -4.70 1.72
C TYR B 175 -25.08 -5.78 2.81
N LEU B 176 -24.14 -5.67 3.74
CA LEU B 176 -24.01 -6.53 4.96
C LEU B 176 -23.95 -5.61 6.19
N GLU B 177 -24.69 -5.94 7.25
CA GLU B 177 -24.69 -5.14 8.51
C GLU B 177 -23.30 -5.15 9.12
N HIS B 178 -22.56 -6.26 8.98
CA HIS B 178 -21.14 -6.40 9.37
C HIS B 178 -20.41 -7.11 8.24
N ALA B 179 -19.45 -6.44 7.58
CA ALA B 179 -18.64 -7.01 6.46
C ALA B 179 -17.58 -7.95 7.04
N LEU B 180 -16.63 -7.36 7.77
CA LEU B 180 -15.47 -8.06 8.35
C LEU B 180 -15.42 -7.77 9.87
N ILE B 181 -15.45 -8.82 10.70
CA ILE B 181 -15.08 -8.75 12.14
C ILE B 181 -13.86 -9.66 12.37
N VAL B 182 -12.81 -9.14 13.01
CA VAL B 182 -11.62 -9.95 13.43
C VAL B 182 -11.35 -9.74 14.92
N ARG B 183 -11.79 -10.69 15.76
CA ARG B 183 -11.57 -10.66 17.24
C ARG B 183 -10.16 -11.18 17.55
N GLY B 184 -9.41 -10.52 18.44
CA GLY B 184 -8.05 -10.92 18.85
C GLY B 184 -7.08 -11.02 17.67
N ALA B 185 -6.88 -9.94 16.93
CA ALA B 185 -6.10 -9.98 15.68
C ALA B 185 -4.63 -9.66 16.00
N ASP B 186 -3.76 -10.60 15.63
CA ASP B 186 -2.28 -10.49 15.68
C ASP B 186 -1.73 -10.59 14.27
N ALA B 187 -0.90 -9.63 13.84
CA ALA B 187 -0.25 -9.63 12.51
C ALA B 187 -1.28 -9.81 11.38
N LEU B 188 -2.44 -9.17 11.52
CA LEU B 188 -3.52 -9.11 10.49
C LEU B 188 -3.19 -8.04 9.45
N ARG B 189 -3.49 -8.30 8.18
CA ARG B 189 -3.42 -7.31 7.08
C ARG B 189 -4.78 -7.30 6.36
N VAL B 190 -5.53 -6.20 6.51
CA VAL B 190 -6.75 -5.85 5.74
C VAL B 190 -6.32 -4.82 4.68
N HIS B 191 -5.93 -5.29 3.49
CA HIS B 191 -5.22 -4.52 2.43
C HIS B 191 -6.04 -4.56 1.13
N ASP B 192 -6.20 -3.39 0.51
CA ASP B 192 -6.62 -3.28 -0.90
C ASP B 192 -7.96 -4.03 -1.07
N ASN B 193 -8.95 -3.65 -0.25
CA ASN B 193 -10.35 -4.16 -0.33
C ASN B 193 -11.35 -3.04 -0.64
N MET B 194 -12.45 -3.42 -1.27
CA MET B 194 -13.66 -2.59 -1.45
C MET B 194 -14.69 -3.06 -0.44
N VAL B 195 -14.98 -2.24 0.55
CA VAL B 195 -15.88 -2.56 1.69
C VAL B 195 -16.88 -1.40 1.84
N ALA B 196 -18.00 -1.50 1.13
CA ALA B 196 -18.93 -0.36 0.97
C ALA B 196 -20.39 -0.79 1.12
N GLU B 197 -21.27 0.20 1.32
CA GLU B 197 -22.73 0.09 1.58
C GLU B 197 -22.96 -1.09 2.52
N CYS B 198 -22.29 -1.07 3.68
CA CYS B 198 -22.35 -2.09 4.75
C CYS B 198 -22.58 -1.35 6.06
N GLY B 199 -23.44 -1.86 6.94
CA GLY B 199 -23.77 -1.12 8.17
C GLY B 199 -22.51 -0.78 8.93
N ASN B 200 -21.69 -1.80 9.15
CA ASN B 200 -20.30 -1.73 9.65
C ASN B 200 -19.40 -2.37 8.60
N CYS B 201 -18.15 -1.91 8.51
CA CYS B 201 -17.21 -2.26 7.43
C CYS B 201 -16.11 -3.20 7.95
N VAL B 202 -15.29 -2.72 8.89
CA VAL B 202 -14.16 -3.49 9.50
C VAL B 202 -14.15 -3.22 11.01
N GLU B 203 -14.43 -4.27 11.79
CA GLU B 203 -14.53 -4.27 13.27
C GLU B 203 -13.39 -5.14 13.81
N LEU B 204 -12.39 -4.53 14.44
CA LEU B 204 -11.19 -5.19 15.03
C LEU B 204 -11.35 -5.25 16.56
N THR B 205 -11.90 -6.35 17.05
CA THR B 205 -12.57 -6.45 18.38
C THR B 205 -11.69 -7.18 19.40
N GLY B 206 -12.01 -7.00 20.68
CA GLY B 206 -11.37 -7.65 21.83
C GLY B 206 -10.02 -7.03 22.07
N ALA B 207 -9.02 -7.37 21.26
CA ALA B 207 -7.64 -6.82 21.37
C ALA B 207 -6.90 -7.09 20.08
N GLY B 208 -5.73 -6.50 19.89
CA GLY B 208 -4.96 -6.74 18.66
C GLY B 208 -3.51 -6.32 18.79
N GLN B 209 -2.68 -6.82 17.87
CA GLN B 209 -1.23 -6.55 17.81
C GLN B 209 -0.76 -6.49 16.35
N ALA B 210 0.17 -5.57 16.06
CA ALA B 210 0.96 -5.52 14.81
C ALA B 210 0.06 -5.66 13.57
N THR B 211 -1.07 -4.96 13.53
CA THR B 211 -2.04 -5.05 12.41
C THR B 211 -1.81 -3.89 11.44
N ILE B 212 -2.05 -4.11 10.15
CA ILE B 212 -2.04 -3.06 9.09
C ILE B 212 -3.42 -3.07 8.41
N VAL B 213 -4.06 -1.90 8.34
CA VAL B 213 -5.27 -1.63 7.50
C VAL B 213 -4.85 -0.58 6.45
N SER B 214 -4.60 -1.01 5.21
CA SER B 214 -3.93 -0.21 4.15
C SER B 214 -4.69 -0.30 2.82
N ASP B 215 -4.65 0.80 2.05
CA ASP B 215 -5.02 0.86 0.63
C ASP B 215 -6.45 0.33 0.43
N ASN B 216 -7.35 0.63 1.37
CA ASN B 216 -8.78 0.20 1.32
C ASN B 216 -9.69 1.36 0.93
N LEU B 217 -10.76 1.04 0.21
CA LEU B 217 -11.95 1.90 -0.06
C LEU B 217 -13.04 1.46 0.91
N MET B 218 -13.58 2.35 1.74
CA MET B 218 -14.57 1.94 2.75
C MET B 218 -15.63 3.01 2.95
N GLY B 219 -16.87 2.56 3.06
CA GLY B 219 -18.06 3.40 3.34
C GLY B 219 -19.09 2.57 4.07
N ALA B 220 -19.52 3.04 5.25
CA ALA B 220 -20.41 2.29 6.17
C ALA B 220 -21.77 2.99 6.26
N GLY B 221 -22.55 2.62 7.28
CA GLY B 221 -23.94 3.06 7.51
C GLY B 221 -24.04 3.94 8.76
N PRO B 222 -25.05 4.85 8.84
CA PRO B 222 -25.05 5.94 9.82
C PRO B 222 -25.21 5.55 11.29
N GLU B 223 -25.57 4.29 11.60
CA GLU B 223 -25.57 3.74 12.99
C GLU B 223 -24.44 2.71 13.19
N GLY B 224 -23.54 2.53 12.22
CA GLY B 224 -22.44 1.53 12.26
C GLY B 224 -21.07 2.14 12.01
N VAL B 225 -19.99 1.41 12.31
CA VAL B 225 -18.57 1.86 12.20
C VAL B 225 -18.01 1.58 10.80
N THR B 226 -16.99 2.33 10.39
CA THR B 226 -16.22 2.04 9.16
C THR B 226 -15.02 1.19 9.61
N LEU B 227 -14.01 1.79 10.25
CA LEU B 227 -12.99 0.98 10.98
C LEU B 227 -13.15 1.24 12.49
N LEU B 228 -13.47 0.17 13.23
CA LEU B 228 -13.41 0.11 14.71
C LEU B 228 -12.20 -0.76 15.07
N ALA B 229 -11.41 -0.35 16.06
CA ALA B 229 -10.35 -1.12 16.74
C ALA B 229 -10.52 -0.95 18.26
N GLU B 230 -10.55 -2.07 19.00
CA GLU B 230 -10.64 -2.13 20.48
C GLU B 230 -9.33 -2.67 21.06
N ASN B 231 -8.69 -1.91 21.95
CA ASN B 231 -7.51 -2.38 22.71
C ASN B 231 -6.48 -2.91 21.71
N HIS B 232 -6.38 -2.24 20.56
CA HIS B 232 -5.32 -2.52 19.57
C HIS B 232 -4.07 -1.75 19.99
N GLU B 233 -2.93 -2.42 19.84
CA GLU B 233 -1.58 -1.90 20.09
C GLU B 233 -0.85 -1.93 18.76
N GLY B 234 -0.26 -0.82 18.32
CA GLY B 234 0.64 -0.83 17.16
C GLY B 234 -0.10 -1.16 15.88
N LEU B 235 -1.39 -0.86 15.86
CA LEU B 235 -2.20 -0.83 14.63
C LEU B 235 -1.67 0.28 13.72
N LEU B 236 -1.32 -0.03 12.48
CA LEU B 236 -1.00 0.99 11.43
C LEU B 236 -2.20 1.12 10.48
N VAL B 237 -2.77 2.32 10.39
CA VAL B 237 -3.93 2.59 9.50
C VAL B 237 -3.46 3.63 8.48
N THR B 238 -3.14 3.20 7.26
CA THR B 238 -2.43 4.03 6.25
C THR B 238 -2.94 3.76 4.82
N GLY B 239 -2.92 4.78 3.97
CA GLY B 239 -3.29 4.69 2.54
C GLY B 239 -4.76 4.40 2.27
N ASN B 240 -5.67 4.59 3.24
CA ASN B 240 -7.11 4.25 3.06
C ASN B 240 -7.91 5.46 2.58
N ASN B 241 -8.97 5.21 1.81
CA ASN B 241 -9.97 6.20 1.35
C ASN B 241 -11.28 5.90 2.05
N PHE B 242 -11.59 6.67 3.10
CA PHE B 242 -12.79 6.51 3.95
C PHE B 242 -13.83 7.54 3.48
N PHE B 243 -15.02 7.08 3.06
CA PHE B 243 -16.14 7.92 2.57
C PHE B 243 -17.35 7.61 3.42
N PRO B 244 -18.47 8.35 3.27
CA PRO B 244 -19.64 8.20 4.14
C PRO B 244 -20.37 6.86 3.90
N ARG B 245 -21.34 6.50 4.77
CA ARG B 245 -21.91 7.39 5.77
C ARG B 245 -21.86 6.69 7.13
N GLY B 246 -20.70 6.11 7.48
CA GLY B 246 -20.50 5.54 8.82
C GLY B 246 -20.94 6.53 9.89
N ARG B 247 -21.41 6.06 11.04
CA ARG B 247 -21.57 6.93 12.22
C ARG B 247 -20.19 7.55 12.49
N SER B 248 -19.13 6.85 12.11
CA SER B 248 -17.72 7.30 12.19
C SER B 248 -16.92 6.65 11.05
N LEU B 249 -15.79 7.26 10.69
CA LEU B 249 -14.87 6.72 9.64
C LEU B 249 -13.76 5.92 10.33
N LEU B 250 -13.21 6.40 11.44
CA LEU B 250 -12.24 5.68 12.30
C LEU B 250 -12.59 5.90 13.79
N GLU B 251 -12.70 4.78 14.52
CA GLU B 251 -13.15 4.72 15.94
C GLU B 251 -12.25 3.76 16.72
N PHE B 252 -11.43 4.32 17.60
CA PHE B 252 -10.59 3.57 18.56
C PHE B 252 -11.22 3.65 19.96
N THR B 253 -11.26 2.50 20.64
CA THR B 253 -11.55 2.42 22.09
C THR B 253 -10.38 1.69 22.75
N GLY B 254 -9.72 2.36 23.69
CA GLY B 254 -8.58 1.84 24.47
C GLY B 254 -7.45 1.32 23.60
N CYS B 255 -7.27 1.87 22.40
CA CYS B 255 -6.09 1.61 21.53
C CYS B 255 -4.95 2.53 21.93
N ASN B 256 -3.73 2.00 22.06
CA ASN B 256 -2.52 2.80 22.41
C ASN B 256 -1.43 2.56 21.38
N ARG B 257 -0.54 3.54 21.22
CA ARG B 257 0.71 3.49 20.40
C ARG B 257 0.37 2.95 19.02
N CYS B 258 -0.76 3.41 18.48
CA CYS B 258 -1.21 3.20 17.09
C CYS B 258 -0.93 4.45 16.26
N SER B 259 -1.08 4.34 14.94
CA SER B 259 -0.75 5.37 13.93
C SER B 259 -1.86 5.36 12.88
N VAL B 260 -2.51 6.52 12.68
CA VAL B 260 -3.40 6.83 11.51
C VAL B 260 -2.73 7.89 10.66
N THR B 261 -2.09 7.51 9.55
CA THR B 261 -1.39 8.46 8.65
C THR B 261 -1.66 8.13 7.19
N SER B 262 -1.65 9.19 6.36
CA SER B 262 -1.82 9.15 4.89
C SER B 262 -3.16 8.52 4.51
N ASN B 263 -4.25 8.96 5.16
CA ASN B 263 -5.64 8.52 4.81
C ASN B 263 -6.43 9.71 4.31
N ARG B 264 -7.44 9.43 3.49
CA ARG B 264 -8.49 10.39 3.07
C ARG B 264 -9.78 10.03 3.80
N PHE B 265 -10.33 10.99 4.55
CA PHE B 265 -11.58 10.86 5.34
C PHE B 265 -12.65 11.82 4.81
N GLN B 266 -13.82 11.33 4.38
CA GLN B 266 -14.99 12.14 3.98
C GLN B 266 -16.22 11.75 4.82
N GLY B 267 -16.63 12.63 5.73
CA GLY B 267 -17.83 12.44 6.57
C GLY B 267 -18.92 13.44 6.25
N PHE B 268 -20.15 13.06 6.59
CA PHE B 268 -21.39 13.88 6.46
C PHE B 268 -21.92 14.22 7.87
N TYR B 269 -21.32 13.68 8.94
CA TYR B 269 -21.79 13.85 10.34
C TYR B 269 -20.62 14.25 11.25
N PRO B 270 -20.90 14.86 12.42
CA PRO B 270 -19.85 15.03 13.43
C PRO B 270 -19.29 13.66 13.84
N GLY B 271 -18.11 13.67 14.47
CA GLY B 271 -17.49 12.47 15.08
C GLY B 271 -16.95 11.49 14.04
N MET B 272 -16.27 11.98 13.01
CA MET B 272 -15.71 11.16 11.90
C MET B 272 -14.57 10.30 12.46
N MET B 273 -13.76 10.84 13.36
CA MET B 273 -12.68 10.13 14.11
C MET B 273 -12.94 10.29 15.62
N ARG B 274 -13.03 9.17 16.34
CA ARG B 274 -13.21 9.12 17.82
C ARG B 274 -12.09 8.28 18.39
N LEU B 275 -11.28 8.85 19.28
CA LEU B 275 -10.32 8.07 20.11
C LEU B 275 -10.93 7.97 21.51
N LEU B 276 -11.71 6.92 21.74
CA LEU B 276 -12.59 6.79 22.93
C LEU B 276 -11.87 6.06 24.07
N ASN B 277 -12.22 6.38 25.33
CA ASN B 277 -11.94 5.56 26.54
C ASN B 277 -10.43 5.30 26.66
N GLY B 278 -9.63 6.35 26.71
CA GLY B 278 -8.26 6.29 27.24
C GLY B 278 -7.19 5.95 26.22
N CYS B 279 -7.40 6.27 24.94
CA CYS B 279 -6.43 6.12 23.82
C CYS B 279 -5.13 6.89 24.10
N LYS B 280 -3.97 6.23 24.05
CA LYS B 280 -2.68 6.86 24.45
C LYS B 280 -1.62 6.77 23.35
N GLU B 281 -0.81 7.82 23.22
CA GLU B 281 0.47 7.79 22.48
C GLU B 281 0.19 7.38 21.02
N ASN B 282 -0.97 7.78 20.49
CA ASN B 282 -1.34 7.58 19.07
C ASN B 282 -0.91 8.78 18.20
N LEU B 283 -0.54 8.48 16.95
CA LEU B 283 -0.15 9.48 15.92
C LEU B 283 -1.30 9.64 14.91
N ILE B 284 -1.91 10.83 14.84
CA ILE B 284 -2.91 11.21 13.81
C ILE B 284 -2.23 12.26 12.93
N THR B 285 -1.68 11.84 11.78
CA THR B 285 -0.85 12.74 10.94
C THR B 285 -1.02 12.44 9.45
N SER B 286 -0.68 13.44 8.63
CA SER B 286 -0.75 13.43 7.15
C SER B 286 -2.10 12.84 6.67
N ASN B 287 -3.21 13.16 7.35
CA ASN B 287 -4.57 12.79 6.92
C ASN B 287 -5.29 14.01 6.39
N HIS B 288 -6.16 13.79 5.39
CA HIS B 288 -7.10 14.79 4.83
C HIS B 288 -8.51 14.47 5.33
N PHE B 289 -9.09 15.42 6.08
CA PHE B 289 -10.47 15.32 6.62
C PHE B 289 -11.38 16.30 5.89
N ARG B 290 -12.51 15.80 5.38
CA ARG B 290 -13.58 16.59 4.74
C ARG B 290 -14.90 16.36 5.51
N ARG B 291 -15.47 17.43 6.09
CA ARG B 291 -16.84 17.40 6.67
C ARG B 291 -17.81 18.14 5.75
N GLY B 292 -18.74 17.40 5.13
CA GLY B 292 -19.78 17.90 4.21
C GLY B 292 -21.17 17.53 4.72
N THR B 293 -22.17 17.56 3.84
CA THR B 293 -23.56 17.18 4.18
C THR B 293 -24.08 16.20 3.15
N GLU B 294 -24.98 15.32 3.58
CA GLU B 294 -25.61 14.34 2.69
C GLU B 294 -26.08 15.07 1.43
N GLY B 295 -25.69 14.58 0.25
CA GLY B 295 -26.15 15.05 -1.05
C GLY B 295 -27.06 14.02 -1.70
N PHE B 296 -27.09 12.78 -1.20
CA PHE B 296 -27.89 11.67 -1.77
C PHE B 296 -29.28 11.74 -1.16
N PRO B 297 -30.34 12.07 -1.95
CA PRO B 297 -31.65 12.43 -1.39
C PRO B 297 -32.27 11.46 -0.39
N PRO B 298 -32.31 10.13 -0.62
CA PRO B 298 -32.87 9.20 0.36
C PRO B 298 -32.34 9.37 1.80
N PHE B 299 -31.09 9.82 1.98
CA PHE B 299 -30.43 9.91 3.30
C PHE B 299 -30.34 11.37 3.80
N ILE B 300 -30.93 12.35 3.11
CA ILE B 300 -30.75 13.80 3.45
C ILE B 300 -31.13 14.04 4.92
N ASP B 301 -32.19 13.43 5.44
CA ASP B 301 -32.68 13.77 6.79
C ASP B 301 -32.06 12.82 7.81
N ARG B 302 -31.15 11.95 7.37
CA ARG B 302 -30.55 10.84 8.16
C ARG B 302 -29.27 11.35 8.85
N THR B 303 -29.11 11.07 10.15
CA THR B 303 -28.17 11.71 11.09
C THR B 303 -27.49 10.59 11.90
N ASN B 304 -26.36 10.86 12.54
CA ASN B 304 -25.78 9.96 13.56
C ASN B 304 -26.10 10.53 14.95
N GLY B 305 -27.01 11.51 15.03
CA GLY B 305 -27.58 12.05 16.27
C GLY B 305 -26.61 12.90 17.06
N LEU B 306 -25.37 13.11 16.59
CA LEU B 306 -24.33 13.94 17.25
C LEU B 306 -24.39 15.38 16.71
N ASP B 307 -23.93 16.34 17.51
CA ASP B 307 -23.95 17.78 17.13
C ASP B 307 -22.52 18.22 16.77
N ASP B 308 -22.39 19.43 16.25
CA ASP B 308 -21.17 19.97 15.62
C ASP B 308 -20.14 20.36 16.68
N LEU B 309 -20.52 20.31 17.95
CA LEU B 309 -19.58 20.55 19.08
C LEU B 309 -18.86 19.25 19.46
N TYR B 310 -19.29 18.11 18.92
CA TYR B 310 -18.69 16.78 19.23
C TYR B 310 -17.25 16.69 18.72
N GLY B 311 -16.97 17.27 17.55
CA GLY B 311 -15.64 17.24 16.90
C GLY B 311 -15.62 16.43 15.61
N VAL B 312 -14.87 16.89 14.62
CA VAL B 312 -14.44 16.08 13.45
C VAL B 312 -13.50 14.99 14.00
N ILE B 313 -12.52 15.39 14.80
CA ILE B 313 -11.81 14.50 15.75
C ILE B 313 -12.31 14.80 17.17
N HIS B 314 -12.66 13.75 17.91
CA HIS B 314 -13.11 13.71 19.32
C HIS B 314 -12.18 12.76 20.06
N ALA B 315 -11.27 13.28 20.90
CA ALA B 315 -10.16 12.51 21.50
C ALA B 315 -10.26 12.53 23.02
N MET B 316 -10.36 11.34 23.65
CA MET B 316 -10.28 11.11 25.11
C MET B 316 -9.06 10.21 25.40
N GLY B 317 -7.93 10.78 25.80
CA GLY B 317 -6.76 9.98 26.18
C GLY B 317 -5.54 10.84 26.37
N ASP B 318 -4.36 10.23 26.40
CA ASP B 318 -3.09 10.87 26.83
C ASP B 318 -2.08 10.88 25.68
N ASN B 319 -1.30 11.97 25.59
CA ASN B 319 -0.09 12.11 24.72
C ASN B 319 -0.37 11.63 23.29
N ASN B 320 -1.45 12.08 22.68
CA ASN B 320 -1.66 11.83 21.23
C ASN B 320 -0.99 12.95 20.41
N LEU B 321 -0.43 12.64 19.25
CA LEU B 321 0.05 13.68 18.30
C LEU B 321 -0.95 13.78 17.16
N ILE B 322 -1.69 14.91 17.12
CA ILE B 322 -2.65 15.25 16.02
C ILE B 322 -2.01 16.39 15.22
N SER B 323 -1.17 16.03 14.26
CA SER B 323 -0.27 16.95 13.52
C SER B 323 -0.52 16.82 12.03
N ASN B 324 -0.33 17.91 11.30
CA ASN B 324 -0.04 17.87 9.85
C ASN B 324 -1.27 17.33 9.10
N ASN B 325 -2.46 17.72 9.53
CA ASN B 325 -3.72 17.33 8.87
C ASN B 325 -4.34 18.58 8.24
N LEU B 326 -5.14 18.38 7.21
CA LEU B 326 -6.00 19.42 6.61
C LEU B 326 -7.44 19.01 6.92
N PHE B 327 -8.22 19.97 7.40
CA PHE B 327 -9.65 19.82 7.72
C PHE B 327 -10.43 20.79 6.83
N ALA B 328 -11.36 20.28 6.02
CA ALA B 328 -12.25 21.09 5.14
C ALA B 328 -13.70 20.83 5.55
N TYR B 329 -14.26 21.77 6.30
CA TYR B 329 -15.63 21.77 6.87
C TYR B 329 -16.50 22.69 6.01
N ASP B 330 -17.54 22.13 5.40
CA ASP B 330 -18.54 22.89 4.59
C ASP B 330 -19.93 22.31 4.89
N VAL B 331 -20.66 22.93 5.81
CA VAL B 331 -22.02 22.48 6.23
C VAL B 331 -22.97 23.68 6.15
N PRO B 332 -24.06 23.63 5.36
CA PRO B 332 -24.95 24.78 5.26
C PRO B 332 -25.36 25.16 6.69
N PRO B 333 -25.34 26.47 7.05
CA PRO B 333 -25.58 26.92 8.43
C PRO B 333 -26.88 26.40 9.05
N GLY B 334 -27.93 26.24 8.23
CA GLY B 334 -29.22 25.64 8.61
C GLY B 334 -29.10 24.21 9.13
N LYS B 335 -28.04 23.48 8.74
CA LYS B 335 -27.80 22.03 9.07
C LYS B 335 -26.74 21.89 10.17
N ILE B 336 -26.43 22.95 10.92
CA ILE B 336 -25.48 22.93 12.07
C ILE B 336 -26.27 22.84 13.38
N ALA B 337 -25.98 21.85 14.22
CA ALA B 337 -26.59 21.67 15.55
C ALA B 337 -25.53 21.93 16.62
N PRO B 338 -25.83 22.67 17.71
CA PRO B 338 -27.06 23.45 17.85
C PRO B 338 -27.17 24.59 16.84
N ALA B 339 -28.29 25.30 16.82
CA ALA B 339 -28.46 26.52 16.00
C ALA B 339 -27.49 27.59 16.52
N GLY B 340 -26.73 28.21 15.61
CA GLY B 340 -25.85 29.37 15.86
C GLY B 340 -24.49 28.98 16.43
N ALA B 341 -24.25 27.69 16.63
CA ALA B 341 -23.04 27.17 17.31
C ALA B 341 -21.86 27.20 16.33
N GLN B 342 -20.67 27.46 16.87
CA GLN B 342 -19.37 27.26 16.18
C GLN B 342 -19.05 25.77 16.15
N PRO B 343 -19.05 25.10 14.97
CA PRO B 343 -18.56 23.72 14.87
C PRO B 343 -17.16 23.52 15.44
N THR B 344 -16.93 22.42 16.16
CA THR B 344 -15.58 22.03 16.67
C THR B 344 -14.92 21.06 15.67
N ILE B 345 -13.71 21.39 15.21
CA ILE B 345 -12.85 20.51 14.36
C ILE B 345 -12.15 19.47 15.25
N MET B 346 -11.34 19.91 16.22
CA MET B 346 -10.61 19.02 17.16
C MET B 346 -11.07 19.25 18.60
N LEU B 347 -11.75 18.26 19.18
CA LEU B 347 -12.21 18.25 20.60
C LEU B 347 -11.31 17.32 21.40
N ILE B 348 -10.51 17.89 22.31
CA ILE B 348 -9.86 17.12 23.40
C ILE B 348 -10.81 17.05 24.59
N ALA B 349 -11.60 15.97 24.64
CA ALA B 349 -12.71 15.73 25.61
C ALA B 349 -12.13 15.44 26.99
N GLY B 350 -10.84 15.08 27.05
CA GLY B 350 -10.11 14.76 28.30
C GLY B 350 -8.79 14.08 28.00
N GLY B 351 -7.86 14.09 28.95
CA GLY B 351 -6.54 13.48 28.76
C GLY B 351 -5.42 14.44 29.05
N ASP B 352 -4.22 13.91 29.17
CA ASP B 352 -2.99 14.64 29.56
C ASP B 352 -2.01 14.69 28.39
N GLY B 353 -1.44 15.86 28.11
CA GLY B 353 -0.21 15.98 27.32
C GLY B 353 -0.42 15.79 25.82
N ASN B 354 -1.67 15.81 25.33
CA ASN B 354 -1.98 15.74 23.88
C ASN B 354 -1.40 16.99 23.23
N VAL B 355 -0.93 16.86 21.98
CA VAL B 355 -0.22 17.91 21.20
C VAL B 355 -0.91 18.01 19.82
N ILE B 356 -1.48 19.19 19.53
CA ILE B 356 -2.06 19.55 18.21
C ILE B 356 -1.03 20.45 17.53
N ALA B 357 -0.50 20.07 16.36
CA ALA B 357 0.56 20.84 15.67
C ALA B 357 0.39 20.83 14.14
N THR B 358 0.50 22.04 13.55
CA THR B 358 0.60 22.30 12.09
C THR B 358 -0.65 21.74 11.40
N ASN B 359 -1.82 22.23 11.79
CA ASN B 359 -3.11 21.80 11.17
C ASN B 359 -3.73 23.01 10.47
N HIS B 360 -4.06 22.88 9.18
CA HIS B 360 -4.80 23.89 8.39
C HIS B 360 -6.29 23.55 8.38
N VAL B 361 -7.11 24.48 8.88
CA VAL B 361 -8.60 24.40 8.89
C VAL B 361 -9.19 25.41 7.90
N ILE B 362 -10.07 24.93 7.02
CA ILE B 362 -10.99 25.75 6.17
C ILE B 362 -12.43 25.45 6.62
N SER B 363 -13.25 26.48 6.81
CA SER B 363 -14.72 26.37 7.02
C SER B 363 -15.46 27.57 6.42
N ASN B 364 -16.75 27.32 6.09
CA ASN B 364 -17.78 28.27 5.60
C ASN B 364 -18.30 29.16 6.74
N VAL B 365 -18.20 28.73 8.00
CA VAL B 365 -18.66 29.51 9.19
C VAL B 365 -17.53 29.58 10.21
N ASP B 366 -17.67 30.46 11.20
CA ASP B 366 -16.74 30.58 12.36
C ASP B 366 -16.65 29.22 13.04
N THR B 367 -15.47 28.61 13.08
CA THR B 367 -15.23 27.32 13.76
C THR B 367 -14.23 27.55 14.92
N GLN B 368 -14.26 26.66 15.92
CA GLN B 368 -13.13 26.50 16.84
C GLN B 368 -12.30 25.30 16.33
N HIS B 369 -11.12 25.59 15.77
CA HIS B 369 -10.14 24.61 15.24
C HIS B 369 -9.88 23.57 16.32
N VAL B 370 -9.73 24.03 17.56
CA VAL B 370 -9.44 23.19 18.76
C VAL B 370 -10.28 23.69 19.93
N VAL B 371 -11.06 22.80 20.56
CA VAL B 371 -11.66 23.00 21.92
C VAL B 371 -11.02 21.96 22.84
N LEU B 372 -10.51 22.36 24.00
CA LEU B 372 -9.97 21.43 25.02
C LEU B 372 -10.87 21.50 26.27
N ASP B 373 -11.49 20.37 26.63
CA ASP B 373 -12.37 20.23 27.80
C ASP B 373 -11.64 20.73 29.05
N GLY B 374 -12.37 21.30 30.02
CA GLY B 374 -11.86 21.69 31.35
C GLY B 374 -11.03 20.58 32.00
N SER B 375 -11.31 19.30 31.71
CA SER B 375 -10.60 18.10 32.27
C SER B 375 -9.29 17.80 31.51
N ALA B 376 -8.98 18.51 30.42
CA ALA B 376 -7.69 18.41 29.69
C ALA B 376 -6.56 18.96 30.56
N THR B 377 -5.37 18.36 30.46
CA THR B 377 -4.19 18.73 31.25
C THR B 377 -2.96 18.73 30.32
N ARG B 378 -2.05 19.67 30.57
CA ARG B 378 -0.71 19.78 29.95
C ARG B 378 -0.81 19.66 28.42
N SER B 379 -1.91 20.17 27.85
CA SER B 379 -2.15 20.18 26.39
C SER B 379 -1.25 21.23 25.72
N LYS B 380 -0.97 21.05 24.43
CA LYS B 380 -0.15 21.98 23.61
C LYS B 380 -0.82 22.13 22.23
N VAL B 381 -1.10 23.36 21.81
CA VAL B 381 -1.73 23.68 20.49
C VAL B 381 -0.77 24.62 19.73
N LEU B 382 -0.11 24.11 18.67
CA LEU B 382 0.86 24.87 17.82
C LEU B 382 0.30 25.08 16.43
N ASP B 383 0.42 26.28 15.86
CA ASP B 383 0.17 26.56 14.42
C ASP B 383 -0.99 25.70 13.91
N SER B 384 -2.18 25.81 14.51
CA SER B 384 -3.41 25.11 14.06
C SER B 384 -4.58 26.10 14.10
N GLY B 385 -4.29 27.38 13.88
CA GLY B 385 -5.26 28.48 13.86
C GLY B 385 -4.85 29.63 14.73
N ALA B 386 -5.45 30.79 14.48
CA ALA B 386 -5.33 32.04 15.29
C ALA B 386 -5.86 31.76 16.71
N ALA B 387 -5.50 32.64 17.67
CA ALA B 387 -5.93 32.58 19.09
C ALA B 387 -7.44 32.41 19.18
N SER B 388 -8.19 33.10 18.31
CA SER B 388 -9.67 33.20 18.31
C SER B 388 -10.32 31.89 17.86
N THR B 389 -9.53 30.96 17.30
CA THR B 389 -9.99 29.65 16.78
C THR B 389 -9.71 28.51 17.78
N ILE B 390 -8.86 28.75 18.77
CA ILE B 390 -8.43 27.78 19.83
C ILE B 390 -9.18 28.10 21.13
N THR B 391 -10.11 27.24 21.58
CA THR B 391 -10.89 27.40 22.85
C THR B 391 -10.39 26.43 23.92
N SER B 392 -9.72 26.92 24.97
CA SER B 392 -9.27 26.08 26.12
C SER B 392 -10.07 26.43 27.38
N TYR B 393 -11.05 25.58 27.70
CA TYR B 393 -11.72 25.56 29.02
C TYR B 393 -10.71 25.16 30.11
N SER B 394 -9.76 24.28 29.81
CA SER B 394 -8.62 23.92 30.71
C SER B 394 -7.71 25.13 30.88
N PRO B 395 -7.27 25.46 32.11
CA PRO B 395 -6.39 26.63 32.31
C PRO B 395 -4.91 26.47 31.93
N ASP B 396 -4.44 25.27 31.60
CA ASP B 396 -2.97 25.01 31.48
C ASP B 396 -2.58 24.67 30.02
N THR B 397 -3.38 25.07 29.04
CA THR B 397 -3.11 24.77 27.60
C THR B 397 -2.10 25.79 27.07
N ALA B 398 -0.90 25.33 26.69
CA ALA B 398 0.10 26.14 25.96
C ALA B 398 -0.36 26.28 24.49
N ILE B 399 -0.54 27.53 24.03
CA ILE B 399 -1.07 27.89 22.67
C ILE B 399 -0.05 28.75 21.93
N ARG B 400 0.44 28.30 20.78
CA ARG B 400 1.10 29.18 19.79
C ARG B 400 0.11 29.42 18.65
N PRO B 401 -0.43 30.64 18.49
CA PRO B 401 -1.27 30.95 17.34
C PRO B 401 -0.44 30.77 16.06
N THR B 402 -1.07 30.36 14.96
CA THR B 402 -0.53 30.55 13.59
C THR B 402 -0.16 32.03 13.45
N PRO B 403 1.04 32.39 12.94
CA PRO B 403 1.47 33.79 12.86
C PRO B 403 0.55 34.77 12.11
N PRO C 1 -11.17 -25.54 -18.23
CA PRO C 1 -10.06 -25.62 -17.27
C PRO C 1 -10.62 -25.95 -15.88
N LEU C 2 -11.45 -25.04 -15.34
CA LEU C 2 -12.34 -25.23 -14.16
C LEU C 2 -13.75 -25.51 -14.69
N ASN C 3 -14.65 -25.98 -13.82
CA ASN C 3 -16.03 -26.40 -14.19
C ASN C 3 -16.99 -25.19 -14.17
N SER C 4 -16.54 -24.03 -14.66
CA SER C 4 -17.38 -22.85 -14.92
C SER C 4 -17.20 -22.45 -16.37
N PRO C 5 -18.29 -22.05 -17.07
CA PRO C 5 -18.17 -21.52 -18.43
C PRO C 5 -17.70 -20.06 -18.37
N ASN C 6 -17.49 -19.52 -17.16
CA ASN C 6 -17.08 -18.11 -16.88
C ASN C 6 -15.57 -17.98 -16.64
N VAL C 7 -14.80 -19.06 -16.78
CA VAL C 7 -13.31 -19.03 -16.66
C VAL C 7 -12.72 -19.37 -18.03
N TYR C 8 -12.03 -18.41 -18.64
CA TYR C 8 -11.50 -18.49 -20.03
C TYR C 8 -9.98 -18.43 -20.03
N ASP C 9 -9.35 -19.40 -20.71
CA ASP C 9 -7.89 -19.43 -21.00
C ASP C 9 -7.75 -19.07 -22.48
N VAL C 10 -7.10 -17.95 -22.78
CA VAL C 10 -7.00 -17.39 -24.16
C VAL C 10 -6.27 -18.37 -25.09
N THR C 11 -5.45 -19.29 -24.56
CA THR C 11 -4.64 -20.21 -25.39
C THR C 11 -5.45 -21.46 -25.74
N ALA C 12 -6.65 -21.57 -25.15
CA ALA C 12 -7.56 -22.74 -25.27
C ALA C 12 -8.84 -22.34 -26.01
N TRP C 13 -9.00 -21.09 -26.42
CA TRP C 13 -10.24 -20.59 -27.09
C TRP C 13 -10.11 -20.67 -28.61
N ARG C 14 -11.03 -21.37 -29.28
CA ARG C 14 -11.20 -21.40 -30.75
C ARG C 14 -12.30 -20.41 -31.14
N ILE C 15 -12.01 -19.47 -32.06
CA ILE C 15 -13.04 -18.58 -32.65
C ILE C 15 -13.72 -19.36 -33.78
N LYS C 16 -15.03 -19.57 -33.67
CA LYS C 16 -15.88 -20.27 -34.67
C LYS C 16 -15.87 -19.45 -35.97
N GLY C 17 -15.61 -20.09 -37.11
CA GLY C 17 -15.48 -19.41 -38.41
C GLY C 17 -14.12 -18.73 -38.62
N GLN C 18 -13.22 -18.78 -37.63
CA GLN C 18 -11.83 -18.27 -37.78
C GLN C 18 -10.87 -19.20 -37.03
N PRO C 19 -10.77 -20.47 -37.46
CA PRO C 19 -10.06 -21.49 -36.70
C PRO C 19 -8.54 -21.31 -36.70
N LYS C 20 -7.96 -20.62 -37.68
CA LYS C 20 -6.49 -20.40 -37.76
C LYS C 20 -6.05 -19.33 -36.75
N VAL C 21 -6.95 -18.44 -36.31
CA VAL C 21 -6.66 -17.30 -35.38
C VAL C 21 -6.30 -17.86 -33.98
N THR C 22 -5.17 -17.42 -33.42
CA THR C 22 -4.69 -17.80 -32.07
C THR C 22 -4.57 -16.55 -31.19
N ALA C 23 -4.42 -16.76 -29.88
CA ALA C 23 -4.00 -15.70 -28.93
C ALA C 23 -2.67 -15.08 -29.39
N GLU C 24 -1.76 -15.89 -29.96
CA GLU C 24 -0.41 -15.46 -30.43
C GLU C 24 -0.59 -14.55 -31.66
N SER C 25 -1.47 -14.94 -32.58
CA SER C 25 -1.68 -14.23 -33.87
C SER C 25 -2.56 -12.98 -33.65
N ASP C 26 -3.64 -13.05 -32.87
CA ASP C 26 -4.43 -11.83 -32.51
C ASP C 26 -5.31 -12.06 -31.26
N ILE C 27 -4.74 -11.80 -30.08
CA ILE C 27 -5.39 -12.04 -28.75
C ILE C 27 -6.56 -11.08 -28.60
N GLY C 28 -6.54 -9.94 -29.30
CA GLY C 28 -7.66 -8.97 -29.35
C GLY C 28 -8.95 -9.59 -29.88
N ALA C 29 -8.88 -10.24 -31.04
CA ALA C 29 -10.00 -10.97 -31.67
C ALA C 29 -10.48 -12.10 -30.73
N VAL C 30 -9.53 -12.83 -30.15
CA VAL C 30 -9.80 -13.99 -29.26
C VAL C 30 -10.61 -13.51 -28.04
N ILE C 31 -10.21 -12.40 -27.41
CA ILE C 31 -10.88 -11.83 -26.20
C ILE C 31 -12.21 -11.14 -26.57
N ASN C 32 -12.32 -10.55 -27.77
CA ASN C 32 -13.61 -10.01 -28.28
C ASN C 32 -14.62 -11.16 -28.41
N ASP C 33 -14.20 -12.30 -28.98
CA ASP C 33 -15.04 -13.52 -29.14
C ASP C 33 -15.43 -14.09 -27.77
N ILE C 34 -14.48 -14.10 -26.82
CA ILE C 34 -14.76 -14.49 -25.40
C ILE C 34 -15.81 -13.54 -24.82
N ILE C 35 -15.69 -12.21 -24.98
CA ILE C 35 -16.67 -11.24 -24.42
C ILE C 35 -18.06 -11.50 -25.06
N ALA C 36 -18.10 -11.95 -26.32
CA ALA C 36 -19.35 -12.28 -27.03
C ALA C 36 -20.02 -13.49 -26.35
N ASP C 37 -19.25 -14.55 -26.09
CA ASP C 37 -19.73 -15.78 -25.38
C ASP C 37 -20.38 -15.38 -24.07
N ILE C 38 -19.70 -14.53 -23.29
CA ILE C 38 -20.17 -14.01 -21.96
C ILE C 38 -21.53 -13.31 -22.17
N LYS C 39 -21.70 -12.53 -23.24
CA LYS C 39 -22.93 -11.73 -23.48
C LYS C 39 -24.05 -12.63 -24.01
N LYS C 40 -23.71 -13.73 -24.69
CA LYS C 40 -24.69 -14.76 -25.17
C LYS C 40 -25.27 -15.57 -23.99
N ARG C 41 -24.46 -15.90 -22.99
CA ARG C 41 -24.88 -16.77 -21.85
C ARG C 41 -25.45 -15.90 -20.73
N GLN C 42 -24.92 -14.68 -20.55
CA GLN C 42 -25.34 -13.70 -19.52
C GLN C 42 -26.30 -12.72 -20.20
N SER C 43 -27.55 -13.15 -20.38
CA SER C 43 -28.56 -12.55 -21.30
C SER C 43 -29.58 -11.67 -20.56
N THR C 44 -29.44 -11.45 -19.24
CA THR C 44 -30.42 -10.65 -18.46
C THR C 44 -29.74 -9.83 -17.36
N PRO C 45 -30.32 -8.67 -16.96
CA PRO C 45 -29.75 -7.84 -15.89
C PRO C 45 -29.58 -8.54 -14.54
N GLU C 46 -30.01 -9.79 -14.40
CA GLU C 46 -29.84 -10.56 -13.12
C GLU C 46 -29.00 -11.82 -13.34
N THR C 47 -28.41 -12.03 -14.53
CA THR C 47 -27.54 -13.20 -14.83
C THR C 47 -26.18 -12.73 -15.41
N ARG C 48 -25.57 -11.67 -14.84
CA ARG C 48 -24.34 -11.03 -15.42
C ARG C 48 -23.22 -10.85 -14.39
N PRO C 49 -22.73 -11.94 -13.78
CA PRO C 49 -21.67 -11.84 -12.78
C PRO C 49 -20.31 -11.52 -13.41
N GLY C 50 -20.24 -11.50 -14.73
CA GLY C 50 -18.97 -11.31 -15.46
C GLY C 50 -18.20 -12.62 -15.48
N ALA C 51 -16.89 -12.56 -15.67
CA ALA C 51 -16.06 -13.74 -15.99
C ALA C 51 -14.60 -13.35 -15.79
N VAL C 52 -13.70 -14.32 -15.92
CA VAL C 52 -12.24 -14.04 -15.91
C VAL C 52 -11.62 -14.61 -17.18
N VAL C 53 -10.71 -13.82 -17.75
CA VAL C 53 -9.88 -14.16 -18.93
C VAL C 53 -8.43 -14.33 -18.47
N ILE C 54 -7.94 -15.57 -18.45
CA ILE C 54 -6.55 -15.94 -18.06
C ILE C 54 -5.62 -15.84 -19.27
N ILE C 55 -4.51 -15.12 -19.12
CA ILE C 55 -3.42 -14.96 -20.13
C ILE C 55 -2.15 -15.65 -19.62
N PRO C 56 -1.83 -16.90 -20.04
CA PRO C 56 -0.59 -17.55 -19.64
C PRO C 56 0.61 -16.73 -20.09
N PRO C 57 1.79 -16.87 -19.45
CA PRO C 57 3.01 -16.20 -19.91
C PRO C 57 3.27 -16.59 -21.38
N GLY C 58 3.78 -15.65 -22.18
CA GLY C 58 4.01 -15.85 -23.62
C GLY C 58 3.93 -14.56 -24.41
N ASP C 59 4.27 -14.64 -25.70
CA ASP C 59 4.27 -13.48 -26.63
C ASP C 59 2.99 -13.55 -27.46
N TYR C 60 2.13 -12.52 -27.33
CA TYR C 60 0.81 -12.39 -27.99
C TYR C 60 0.79 -11.03 -28.69
N ASP C 61 0.64 -11.01 -30.01
CA ASP C 61 0.34 -9.79 -30.79
C ASP C 61 -1.17 -9.49 -30.62
N LEU C 62 -1.51 -8.25 -30.27
CA LEU C 62 -2.91 -7.72 -30.37
C LEU C 62 -3.00 -6.78 -31.57
N HIS C 63 -3.75 -7.17 -32.62
CA HIS C 63 -4.07 -6.35 -33.83
C HIS C 63 -5.48 -5.74 -33.73
N THR C 64 -6.45 -6.41 -33.08
CA THR C 64 -7.83 -5.89 -32.93
C THR C 64 -8.04 -5.29 -31.53
N GLN C 65 -8.47 -4.03 -31.47
CA GLN C 65 -8.88 -3.39 -30.21
C GLN C 65 -9.95 -4.26 -29.57
N VAL C 66 -9.76 -4.59 -28.29
CA VAL C 66 -10.77 -5.28 -27.43
C VAL C 66 -11.70 -4.22 -26.84
N VAL C 67 -13.02 -4.42 -26.95
CA VAL C 67 -14.04 -3.54 -26.30
C VAL C 67 -14.63 -4.26 -25.07
N VAL C 68 -14.38 -3.69 -23.90
CA VAL C 68 -14.89 -4.18 -22.60
C VAL C 68 -16.15 -3.37 -22.25
N ASP C 69 -17.32 -3.99 -22.40
CA ASP C 69 -18.65 -3.39 -22.15
C ASP C 69 -19.46 -4.27 -21.19
N VAL C 70 -18.81 -5.19 -20.45
CA VAL C 70 -19.48 -6.05 -19.42
C VAL C 70 -18.89 -5.72 -18.04
N ASP C 71 -19.75 -5.45 -17.06
CA ASP C 71 -19.34 -5.38 -15.63
C ASP C 71 -18.58 -6.65 -15.23
N TYR C 72 -17.71 -6.50 -14.22
CA TYR C 72 -17.11 -7.60 -13.44
C TYR C 72 -16.29 -8.51 -14.37
N LEU C 73 -15.68 -7.94 -15.40
CA LEU C 73 -14.71 -8.70 -16.22
C LEU C 73 -13.31 -8.56 -15.59
N THR C 74 -12.61 -9.67 -15.47
CA THR C 74 -11.24 -9.71 -14.95
C THR C 74 -10.36 -10.27 -16.05
N ILE C 75 -9.32 -9.53 -16.42
CA ILE C 75 -8.29 -10.02 -17.36
C ILE C 75 -7.02 -10.14 -16.52
N ALA C 76 -6.45 -11.33 -16.46
CA ALA C 76 -5.34 -11.65 -15.54
C ALA C 76 -4.24 -12.45 -16.27
N GLY C 77 -2.99 -12.02 -16.11
CA GLY C 77 -1.83 -12.87 -16.45
C GLY C 77 -1.16 -13.37 -15.19
N PHE C 78 0.14 -13.59 -15.26
CA PHE C 78 0.95 -14.17 -14.17
C PHE C 78 2.25 -13.39 -13.99
N GLY C 79 2.42 -12.25 -14.69
CA GLY C 79 3.66 -11.44 -14.62
C GLY C 79 3.60 -10.18 -15.47
N HIS C 80 4.21 -9.10 -14.98
CA HIS C 80 4.19 -7.75 -15.60
C HIS C 80 5.27 -7.66 -16.69
N GLY C 81 6.25 -8.56 -16.64
CA GLY C 81 7.26 -8.74 -17.70
C GLY C 81 7.91 -7.44 -18.17
N PHE C 82 8.09 -6.43 -17.31
CA PHE C 82 8.70 -5.13 -17.72
C PHE C 82 10.18 -5.32 -18.14
N PHE C 83 10.58 -4.63 -19.21
CA PHE C 83 11.98 -4.60 -19.73
C PHE C 83 12.29 -3.19 -20.21
N SER C 84 13.48 -2.67 -19.90
CA SER C 84 13.93 -1.35 -20.41
C SER C 84 14.26 -1.48 -21.89
N ARG C 85 13.27 -1.21 -22.74
CA ARG C 85 13.43 -1.01 -24.20
C ARG C 85 14.27 0.26 -24.43
N SER C 86 14.11 1.29 -23.58
CA SER C 86 14.84 2.58 -23.69
C SER C 86 16.35 2.35 -23.69
N ILE C 87 16.86 1.55 -22.76
CA ILE C 87 18.31 1.18 -22.69
C ILE C 87 18.67 0.33 -23.91
N LYS C 88 17.82 -0.64 -24.26
CA LYS C 88 18.05 -1.58 -25.41
C LYS C 88 18.24 -0.78 -26.70
N ASP C 89 17.37 0.19 -26.94
CA ASP C 89 17.29 0.96 -28.22
C ASP C 89 18.52 1.85 -28.37
N ASN C 90 19.23 2.14 -27.29
CA ASN C 90 20.28 3.21 -27.26
C ASN C 90 21.66 2.63 -26.98
N VAL C 91 21.78 1.34 -26.67
CA VAL C 91 23.12 0.75 -26.33
C VAL C 91 23.40 -0.42 -27.28
N ASP C 92 24.66 -0.85 -27.33
CA ASP C 92 25.12 -2.06 -28.05
C ASP C 92 24.61 -3.29 -27.28
N THR C 93 23.68 -4.05 -27.86
CA THR C 93 23.01 -5.24 -27.26
C THR C 93 23.66 -6.55 -27.77
N THR C 94 24.88 -6.50 -28.29
CA THR C 94 25.61 -7.71 -28.75
C THR C 94 25.84 -8.65 -27.56
N GLY C 95 25.32 -9.88 -27.66
CA GLY C 95 25.42 -10.89 -26.60
C GLY C 95 24.28 -10.79 -25.61
N TRP C 96 23.33 -9.86 -25.80
CA TRP C 96 22.15 -9.73 -24.89
C TRP C 96 21.27 -10.96 -24.99
N LEU C 97 20.88 -11.49 -23.83
CA LEU C 97 20.15 -12.78 -23.70
C LEU C 97 18.64 -12.53 -23.86
N ASN C 98 18.19 -11.28 -23.83
CA ASN C 98 16.75 -10.93 -24.06
C ASN C 98 16.66 -9.53 -24.66
N LEU C 99 15.70 -9.31 -25.55
CA LEU C 99 15.61 -8.06 -26.36
C LEU C 99 14.19 -7.46 -26.31
N GLN C 100 13.27 -8.02 -25.53
CA GLN C 100 11.89 -7.46 -25.41
C GLN C 100 11.28 -7.84 -24.06
N PRO C 101 10.15 -7.19 -23.67
CA PRO C 101 9.42 -7.56 -22.47
C PRO C 101 8.78 -8.95 -22.63
N GLY C 102 8.34 -9.52 -21.51
CA GLY C 102 7.75 -10.86 -21.42
C GLY C 102 6.70 -10.95 -20.34
N GLY C 103 6.75 -12.00 -19.52
CA GLY C 103 5.62 -12.40 -18.67
C GLY C 103 4.42 -12.69 -19.54
N SER C 104 3.24 -12.22 -19.13
CA SER C 104 1.98 -12.38 -19.91
C SER C 104 1.89 -11.25 -20.93
N HIS C 105 2.63 -11.38 -22.02
CA HIS C 105 3.16 -10.28 -22.87
C HIS C 105 2.25 -9.99 -24.07
N ILE C 106 1.51 -8.89 -24.04
CA ILE C 106 0.66 -8.39 -25.17
C ILE C 106 1.40 -7.26 -25.89
N ARG C 107 1.88 -7.51 -27.11
CA ARG C 107 2.46 -6.47 -28.02
C ARG C 107 1.31 -5.72 -28.70
N VAL C 108 1.17 -4.41 -28.45
CA VAL C 108 0.05 -3.59 -28.98
C VAL C 108 0.39 -3.18 -30.42
N LEU C 109 -0.29 -3.79 -31.40
CA LEU C 109 -0.10 -3.58 -32.86
C LEU C 109 -1.44 -3.13 -33.46
N THR C 110 -2.05 -2.14 -32.84
CA THR C 110 -3.44 -1.69 -33.13
C THR C 110 -3.47 -0.83 -34.38
N PRO C 111 -4.62 -0.74 -35.07
CA PRO C 111 -4.75 0.23 -36.16
C PRO C 111 -4.75 1.64 -35.58
N PRO C 112 -4.11 2.63 -36.27
CA PRO C 112 -4.19 4.03 -35.86
C PRO C 112 -5.59 4.58 -35.53
N THR C 113 -6.65 4.00 -36.11
CA THR C 113 -8.08 4.45 -36.02
C THR C 113 -8.82 3.84 -34.82
N SER C 114 -8.28 2.75 -34.26
CA SER C 114 -8.69 2.14 -32.97
C SER C 114 -7.41 1.78 -32.20
N PRO C 115 -6.66 2.81 -31.74
CA PRO C 115 -5.29 2.59 -31.25
C PRO C 115 -5.22 1.89 -29.89
N GLN C 116 -6.24 2.03 -29.06
CA GLN C 116 -6.19 1.56 -27.67
C GLN C 116 -6.35 0.03 -27.66
N ALA C 117 -5.44 -0.68 -27.00
CA ALA C 117 -5.48 -2.16 -26.92
C ALA C 117 -6.79 -2.58 -26.26
N PHE C 118 -7.17 -1.91 -25.18
CA PHE C 118 -8.37 -2.21 -24.36
C PHE C 118 -9.18 -0.93 -24.22
N LEU C 119 -10.39 -0.91 -24.77
CA LEU C 119 -11.31 0.24 -24.67
C LEU C 119 -12.47 -0.18 -23.78
N VAL C 120 -12.52 0.37 -22.56
CA VAL C 120 -13.60 0.07 -21.59
C VAL C 120 -14.64 1.17 -21.73
N ARG C 121 -15.82 0.78 -22.24
CA ARG C 121 -16.83 1.72 -22.76
C ARG C 121 -18.18 1.00 -22.88
N ARG C 122 -19.19 1.54 -22.22
CA ARG C 122 -20.57 1.06 -22.35
C ARG C 122 -21.50 2.25 -22.55
N ASP C 123 -22.19 2.29 -23.69
CA ASP C 123 -23.31 3.25 -23.90
C ASP C 123 -24.50 2.72 -23.11
N GLY C 124 -24.91 3.39 -22.04
CA GLY C 124 -26.11 3.02 -21.26
C GLY C 124 -25.88 3.03 -19.77
N SER C 125 -26.85 2.54 -19.01
CA SER C 125 -26.81 2.46 -17.53
C SER C 125 -26.80 0.99 -17.06
N PRO C 126 -26.19 0.69 -15.89
CA PRO C 126 -25.51 1.70 -15.08
C PRO C 126 -24.05 1.93 -15.53
N ARG C 127 -23.27 2.67 -14.72
CA ARG C 127 -21.80 2.74 -14.86
C ARG C 127 -21.26 1.30 -14.90
N LEU C 128 -20.35 1.01 -15.83
CA LEU C 128 -19.51 -0.23 -15.79
C LEU C 128 -18.86 -0.32 -14.42
N SER C 129 -18.84 -1.53 -13.85
CA SER C 129 -18.47 -1.81 -12.43
C SER C 129 -17.59 -3.06 -12.32
N GLY C 130 -16.58 -2.97 -11.44
CA GLY C 130 -15.92 -4.13 -10.83
C GLY C 130 -14.98 -4.79 -11.82
N ILE C 131 -14.60 -4.05 -12.86
CA ILE C 131 -13.64 -4.55 -13.86
C ILE C 131 -12.24 -4.58 -13.23
N VAL C 132 -11.46 -5.62 -13.53
CA VAL C 132 -10.13 -5.85 -12.92
C VAL C 132 -9.16 -6.17 -14.05
N PHE C 133 -8.10 -5.37 -14.17
CA PHE C 133 -6.90 -5.71 -14.99
C PHE C 133 -5.76 -5.98 -14.02
N LYS C 134 -5.04 -7.08 -14.19
CA LYS C 134 -3.94 -7.44 -13.26
C LYS C 134 -2.98 -8.43 -13.90
N ASP C 135 -1.70 -8.28 -13.56
CA ASP C 135 -0.65 -9.32 -13.68
C ASP C 135 -0.36 -9.62 -15.14
N PHE C 136 -0.38 -8.64 -16.04
CA PHE C 136 0.11 -8.86 -17.43
C PHE C 136 0.75 -7.59 -17.99
N CYS C 137 1.51 -7.78 -19.06
CA CYS C 137 2.33 -6.76 -19.73
C CYS C 137 1.56 -6.16 -20.91
N LEU C 138 1.63 -4.84 -21.09
CA LEU C 138 1.14 -4.15 -22.31
C LEU C 138 2.32 -3.38 -22.93
N ASP C 139 2.73 -3.82 -24.12
CA ASP C 139 4.02 -3.41 -24.74
C ASP C 139 3.75 -2.81 -26.12
N GLY C 140 3.98 -1.51 -26.30
CA GLY C 140 3.76 -0.82 -27.58
C GLY C 140 4.81 -1.15 -28.63
N VAL C 141 5.86 -1.88 -28.24
CA VAL C 141 6.90 -2.49 -29.13
C VAL C 141 7.97 -1.43 -29.46
N SER C 142 7.58 -0.30 -30.04
CA SER C 142 8.52 0.72 -30.57
C SER C 142 7.92 2.13 -30.52
N PHE C 143 8.78 3.14 -30.51
CA PHE C 143 8.41 4.56 -30.76
C PHE C 143 8.83 4.94 -32.19
N VAL C 144 8.10 5.88 -32.81
CA VAL C 144 8.37 6.41 -34.18
C VAL C 144 8.53 7.93 -34.09
N PRO C 145 9.38 8.59 -34.93
CA PRO C 145 10.17 7.92 -35.97
C PRO C 145 11.45 7.25 -35.48
N ASP C 146 11.82 7.43 -34.21
CA ASP C 146 12.91 6.70 -33.52
C ASP C 146 12.40 6.27 -32.14
N GLY C 147 13.20 5.49 -31.38
CA GLY C 147 12.82 4.89 -30.08
C GLY C 147 12.77 5.91 -28.93
N ASN C 148 13.11 7.16 -29.21
CA ASN C 148 13.30 8.21 -28.18
C ASN C 148 12.24 9.30 -28.29
N SER C 149 11.25 9.16 -29.19
CA SER C 149 10.18 10.16 -29.47
C SER C 149 9.12 10.13 -28.38
N TYR C 150 8.98 9.00 -27.68
CA TYR C 150 7.87 8.77 -26.72
C TYR C 150 6.57 9.04 -27.45
N LYS C 151 6.52 8.67 -28.73
CA LYS C 151 5.35 8.85 -29.64
C LYS C 151 5.13 7.57 -30.45
N ASN C 152 3.88 7.08 -30.49
CA ASN C 152 3.46 6.00 -31.42
C ASN C 152 1.92 5.90 -31.52
N GLY C 153 1.16 6.73 -30.79
CA GLY C 153 -0.30 6.83 -30.91
C GLY C 153 -1.05 5.66 -30.27
N LYS C 154 -0.37 4.77 -29.53
CA LYS C 154 -1.01 3.58 -28.91
C LYS C 154 -1.32 3.84 -27.43
N THR C 155 -2.42 3.26 -26.97
CA THR C 155 -2.85 3.27 -25.57
C THR C 155 -2.95 1.82 -25.08
N GLY C 156 -2.63 1.58 -23.80
CA GLY C 156 -2.83 0.27 -23.15
C GLY C 156 -4.29 0.05 -22.80
N ILE C 157 -4.78 0.78 -21.79
CA ILE C 157 -6.16 0.69 -21.23
C ILE C 157 -6.72 2.11 -21.20
N ASP C 158 -7.89 2.27 -21.81
CA ASP C 158 -8.63 3.54 -21.95
C ASP C 158 -10.07 3.28 -21.50
N VAL C 159 -10.45 3.80 -20.33
CA VAL C 159 -11.83 3.72 -19.81
C VAL C 159 -12.53 5.02 -20.23
N ALA C 160 -13.52 4.89 -21.13
CA ALA C 160 -14.19 6.01 -21.81
C ALA C 160 -15.49 6.38 -21.08
N SER C 161 -16.19 5.43 -20.45
CA SER C 161 -17.49 5.63 -19.75
C SER C 161 -17.27 5.85 -18.25
N ASP C 162 -18.25 6.47 -17.58
CA ASP C 162 -18.32 6.56 -16.10
C ASP C 162 -18.20 5.13 -15.56
N ASN C 163 -17.29 4.91 -14.60
CA ASN C 163 -16.92 3.58 -14.05
C ASN C 163 -16.94 3.61 -12.52
N ASP C 164 -17.13 2.44 -11.91
CA ASP C 164 -17.25 2.25 -10.43
C ASP C 164 -16.47 0.99 -10.02
N SER C 165 -15.60 1.12 -9.01
CA SER C 165 -14.86 0.02 -8.33
C SER C 165 -13.99 -0.76 -9.32
N ILE C 166 -13.28 -0.05 -10.21
CA ILE C 166 -12.26 -0.67 -11.09
C ILE C 166 -10.96 -0.77 -10.30
N HIS C 167 -10.23 -1.88 -10.50
CA HIS C 167 -8.98 -2.28 -9.80
C HIS C 167 -7.95 -2.64 -10.88
N ILE C 168 -6.88 -1.83 -11.01
CA ILE C 168 -5.68 -2.05 -11.88
C ILE C 168 -4.47 -2.28 -10.98
N THR C 169 -3.80 -3.43 -11.10
CA THR C 169 -2.80 -3.89 -10.10
C THR C 169 -1.88 -4.95 -10.70
N GLY C 170 -0.60 -4.93 -10.29
CA GLY C 170 0.44 -5.86 -10.79
C GLY C 170 0.61 -5.80 -12.30
N MET C 171 0.33 -4.67 -12.94
CA MET C 171 0.45 -4.49 -14.40
C MET C 171 1.88 -4.09 -14.78
N GLY C 172 2.27 -4.43 -16.01
CA GLY C 172 3.46 -3.90 -16.69
C GLY C 172 3.04 -3.11 -17.91
N PHE C 173 3.39 -1.83 -17.97
CA PHE C 173 3.23 -0.98 -19.18
C PHE C 173 4.61 -0.54 -19.66
N VAL C 174 4.88 -0.71 -20.95
CA VAL C 174 6.14 -0.23 -21.57
C VAL C 174 5.84 0.24 -23.00
N TYR C 175 6.38 1.40 -23.34
CA TYR C 175 6.52 1.88 -24.74
C TYR C 175 5.13 2.11 -25.37
N LEU C 176 4.21 2.70 -24.61
CA LEU C 176 2.90 3.22 -25.07
C LEU C 176 2.92 4.76 -24.96
N GLU C 177 2.35 5.49 -25.93
CA GLU C 177 2.17 6.96 -25.78
C GLU C 177 1.29 7.25 -24.55
N HIS C 178 0.28 6.41 -24.29
CA HIS C 178 -0.62 6.49 -23.12
C HIS C 178 -0.75 5.08 -22.56
N ALA C 179 -0.29 4.85 -21.34
CA ALA C 179 -0.41 3.55 -20.66
C ALA C 179 -1.88 3.38 -20.22
N LEU C 180 -2.37 4.22 -19.33
CA LEU C 180 -3.70 4.03 -18.69
C LEU C 180 -4.45 5.35 -18.63
N ILE C 181 -5.66 5.39 -19.19
CA ILE C 181 -6.58 6.56 -19.09
C ILE C 181 -7.89 6.07 -18.49
N VAL C 182 -8.34 6.74 -17.44
CA VAL C 182 -9.67 6.51 -16.81
C VAL C 182 -10.39 7.84 -16.78
N ARG C 183 -11.43 7.93 -17.61
CA ARG C 183 -12.45 9.01 -17.57
C ARG C 183 -13.53 8.60 -16.55
N GLY C 184 -14.02 9.55 -15.75
CA GLY C 184 -15.20 9.39 -14.88
C GLY C 184 -15.04 8.33 -13.81
N ALA C 185 -13.89 8.29 -13.14
CA ALA C 185 -13.53 7.27 -12.13
C ALA C 185 -14.18 7.58 -10.78
N ASP C 186 -15.05 6.69 -10.28
CA ASP C 186 -15.50 6.68 -8.86
C ASP C 186 -14.90 5.42 -8.23
N ALA C 187 -14.28 5.54 -7.07
CA ALA C 187 -13.77 4.39 -6.28
C ALA C 187 -12.85 3.52 -7.15
N LEU C 188 -12.00 4.16 -7.95
CA LEU C 188 -10.91 3.51 -8.73
C LEU C 188 -9.75 3.24 -7.78
N ARG C 189 -9.03 2.13 -8.01
CA ARG C 189 -7.73 1.83 -7.38
C ARG C 189 -6.74 1.49 -8.49
N VAL C 190 -5.67 2.29 -8.62
CA VAL C 190 -4.48 2.01 -9.48
C VAL C 190 -3.32 1.72 -8.52
N HIS C 191 -3.02 0.43 -8.26
CA HIS C 191 -2.25 -0.09 -7.09
C HIS C 191 -1.17 -1.06 -7.51
N ASP C 192 0.07 -0.82 -7.10
CA ASP C 192 1.21 -1.78 -7.21
C ASP C 192 1.36 -2.17 -8.68
N ASN C 193 1.65 -1.19 -9.53
CA ASN C 193 1.89 -1.34 -10.99
C ASN C 193 3.28 -0.79 -11.34
N MET C 194 3.85 -1.33 -12.41
CA MET C 194 5.07 -0.85 -13.08
C MET C 194 4.62 -0.16 -14.38
N VAL C 195 4.61 1.17 -14.39
CA VAL C 195 4.21 2.01 -15.57
C VAL C 195 5.40 2.92 -15.93
N ALA C 196 6.27 2.50 -16.84
CA ALA C 196 7.50 3.25 -17.19
C ALA C 196 7.79 3.21 -18.69
N GLU C 197 8.56 4.18 -19.15
CA GLU C 197 9.00 4.31 -20.56
C GLU C 197 7.75 4.41 -21.46
N CYS C 198 6.77 5.19 -21.01
CA CYS C 198 5.52 5.55 -21.76
C CYS C 198 5.52 7.08 -21.92
N GLY C 199 4.86 7.60 -22.98
CA GLY C 199 4.69 9.04 -23.19
C GLY C 199 4.03 9.68 -21.99
N ASN C 200 2.94 9.05 -21.54
CA ASN C 200 2.12 9.40 -20.35
C ASN C 200 1.80 8.11 -19.60
N CYS C 201 1.70 8.18 -18.28
CA CYS C 201 1.62 6.96 -17.42
C CYS C 201 0.19 6.75 -16.98
N VAL C 202 -0.39 7.67 -16.21
CA VAL C 202 -1.76 7.48 -15.63
C VAL C 202 -2.52 8.80 -15.73
N GLU C 203 -3.61 8.76 -16.50
CA GLU C 203 -4.45 9.94 -16.84
C GLU C 203 -5.86 9.71 -16.28
N LEU C 204 -6.23 10.50 -15.27
CA LEU C 204 -7.55 10.49 -14.61
C LEU C 204 -8.35 11.72 -15.08
N THR C 205 -9.05 11.54 -16.20
CA THR C 205 -9.62 12.62 -17.03
C THR C 205 -11.09 12.84 -16.65
N GLY C 206 -11.59 14.01 -17.03
CA GLY C 206 -13.00 14.40 -16.90
C GLY C 206 -13.27 14.84 -15.48
N ALA C 207 -13.51 13.87 -14.59
CA ALA C 207 -13.75 14.08 -13.14
C ALA C 207 -13.57 12.74 -12.41
N GLY C 208 -13.63 12.73 -11.08
CA GLY C 208 -13.57 11.46 -10.32
C GLY C 208 -13.87 11.63 -8.84
N GLN C 209 -14.20 10.52 -8.15
CA GLN C 209 -14.48 10.48 -6.69
C GLN C 209 -13.71 9.33 -6.05
N ALA C 210 -13.44 9.43 -4.75
CA ALA C 210 -12.99 8.33 -3.86
C ALA C 210 -11.99 7.39 -4.56
N THR C 211 -10.92 7.91 -5.18
CA THR C 211 -9.91 7.10 -5.93
C THR C 211 -8.60 7.04 -5.14
N ILE C 212 -7.88 5.92 -5.27
CA ILE C 212 -6.55 5.69 -4.65
C ILE C 212 -5.58 5.35 -5.76
N VAL C 213 -4.49 6.11 -5.89
CA VAL C 213 -3.30 5.75 -6.72
C VAL C 213 -2.18 5.41 -5.73
N SER C 214 -1.94 4.13 -5.48
CA SER C 214 -1.00 3.68 -4.42
C SER C 214 0.07 2.75 -4.97
N ASP C 215 1.28 2.90 -4.44
CA ASP C 215 2.32 1.84 -4.35
C ASP C 215 2.83 1.51 -5.76
N ASN C 216 2.80 2.48 -6.69
CA ASN C 216 3.18 2.29 -8.12
C ASN C 216 4.60 2.77 -8.39
N LEU C 217 5.22 2.18 -9.41
CA LEU C 217 6.47 2.67 -10.01
C LEU C 217 6.07 3.29 -11.35
N MET C 218 6.50 4.54 -11.60
CA MET C 218 6.03 5.31 -12.78
C MET C 218 7.15 6.19 -13.34
N GLY C 219 7.24 6.24 -14.65
CA GLY C 219 8.19 7.07 -15.39
C GLY C 219 7.68 7.29 -16.79
N ALA C 220 7.50 8.54 -17.16
CA ALA C 220 6.89 8.97 -18.43
C ALA C 220 7.94 9.68 -19.30
N GLY C 221 7.47 10.51 -20.23
CA GLY C 221 8.28 11.16 -21.28
C GLY C 221 8.18 12.69 -21.23
N PRO C 222 9.18 13.39 -21.81
CA PRO C 222 9.28 14.84 -21.69
C PRO C 222 8.08 15.69 -22.15
N GLU C 223 7.24 15.18 -23.07
CA GLU C 223 6.00 15.87 -23.53
C GLU C 223 4.74 15.17 -22.98
N GLY C 224 4.75 14.65 -21.76
CA GLY C 224 3.66 13.84 -21.21
C GLY C 224 3.60 13.86 -19.68
N VAL C 225 2.48 13.39 -19.17
CA VAL C 225 2.16 13.39 -17.72
C VAL C 225 2.59 12.04 -17.13
N THR C 226 3.05 12.04 -15.89
CA THR C 226 3.24 10.79 -15.12
C THR C 226 1.88 10.47 -14.49
N LEU C 227 1.47 11.24 -13.47
CA LEU C 227 0.07 11.24 -12.97
C LEU C 227 -0.62 12.58 -13.32
N LEU C 228 -1.80 12.50 -13.91
CA LEU C 228 -2.70 13.65 -14.16
C LEU C 228 -4.07 13.34 -13.55
N ALA C 229 -4.70 14.34 -12.97
CA ALA C 229 -6.11 14.28 -12.51
C ALA C 229 -6.77 15.60 -12.84
N GLU C 230 -7.90 15.51 -13.56
CA GLU C 230 -8.83 16.61 -13.92
C GLU C 230 -10.07 16.47 -13.03
N ASN C 231 -10.40 17.54 -12.30
CA ASN C 231 -11.67 17.71 -11.54
C ASN C 231 -11.91 16.49 -10.63
N HIS C 232 -10.89 16.08 -9.87
CA HIS C 232 -11.00 14.95 -8.91
C HIS C 232 -11.24 15.54 -7.52
N GLU C 233 -12.03 14.81 -6.73
CA GLU C 233 -12.41 15.08 -5.32
C GLU C 233 -11.98 13.87 -4.49
N GLY C 234 -11.33 14.12 -3.35
CA GLY C 234 -10.86 13.07 -2.43
C GLY C 234 -10.09 11.99 -3.16
N LEU C 235 -9.18 12.39 -4.05
CA LEU C 235 -8.15 11.49 -4.65
C LEU C 235 -6.99 11.41 -3.66
N LEU C 236 -6.52 10.19 -3.43
CA LEU C 236 -5.41 9.93 -2.51
C LEU C 236 -4.28 9.35 -3.34
N VAL C 237 -3.15 10.02 -3.30
CA VAL C 237 -1.93 9.58 -4.01
C VAL C 237 -0.93 9.26 -2.91
N THR C 238 -0.66 7.97 -2.68
CA THR C 238 0.20 7.56 -1.55
C THR C 238 1.08 6.39 -1.96
N GLY C 239 2.30 6.34 -1.41
CA GLY C 239 3.23 5.19 -1.51
C GLY C 239 3.83 5.04 -2.90
N ASN C 240 3.74 6.04 -3.79
CA ASN C 240 4.21 5.92 -5.19
C ASN C 240 5.67 6.40 -5.32
N ASN C 241 6.38 5.84 -6.31
CA ASN C 241 7.79 6.18 -6.62
C ASN C 241 7.82 6.72 -8.05
N PHE C 242 7.75 8.05 -8.17
CA PHE C 242 7.72 8.80 -9.44
C PHE C 242 9.15 9.20 -9.81
N PHE C 243 9.67 8.61 -10.90
CA PHE C 243 11.01 8.87 -11.46
C PHE C 243 10.85 9.55 -12.82
N PRO C 244 11.95 9.98 -13.51
CA PRO C 244 11.86 10.68 -14.81
C PRO C 244 11.42 9.82 -16.01
N ARG C 245 11.06 10.45 -17.14
CA ARG C 245 11.35 11.84 -17.43
C ARG C 245 10.11 12.55 -18.02
N GLY C 246 8.95 12.46 -17.35
CA GLY C 246 7.72 13.14 -17.81
C GLY C 246 7.88 14.66 -17.82
N ARG C 247 6.98 15.39 -18.48
CA ARG C 247 6.95 16.87 -18.38
C ARG C 247 6.76 17.24 -16.90
N SER C 248 6.04 16.41 -16.15
CA SER C 248 5.77 16.54 -14.70
C SER C 248 5.67 15.13 -14.12
N LEU C 249 5.70 15.02 -12.80
CA LEU C 249 5.44 13.75 -12.05
C LEU C 249 4.01 13.75 -11.51
N LEU C 250 3.51 14.90 -11.09
CA LEU C 250 2.11 14.99 -10.65
C LEU C 250 1.51 16.29 -11.17
N GLU C 251 0.28 16.19 -11.65
CA GLU C 251 -0.40 17.30 -12.34
C GLU C 251 -1.89 17.19 -12.04
N PHE C 252 -2.38 18.00 -11.08
CA PHE C 252 -3.83 18.21 -10.82
C PHE C 252 -4.29 19.46 -11.56
N THR C 253 -5.44 19.38 -12.21
CA THR C 253 -6.17 20.55 -12.78
C THR C 253 -7.58 20.48 -12.15
N GLY C 254 -8.02 21.56 -11.53
CA GLY C 254 -9.35 21.69 -10.91
C GLY C 254 -9.60 20.59 -9.90
N CYS C 255 -8.55 20.06 -9.26
CA CYS C 255 -8.69 19.05 -8.20
C CYS C 255 -8.86 19.79 -6.88
N ASN C 256 -9.89 19.43 -6.11
CA ASN C 256 -10.11 19.91 -4.72
C ASN C 256 -10.16 18.75 -3.74
N ARG C 257 -9.69 18.99 -2.51
CA ARG C 257 -9.87 18.11 -1.34
C ARG C 257 -9.29 16.72 -1.66
N CYS C 258 -8.17 16.72 -2.41
CA CYS C 258 -7.29 15.54 -2.61
C CYS C 258 -6.08 15.64 -1.67
N SER C 259 -5.30 14.56 -1.63
CA SER C 259 -4.11 14.40 -0.75
C SER C 259 -3.01 13.62 -1.49
N VAL C 260 -1.78 14.15 -1.43
CA VAL C 260 -0.55 13.55 -2.01
C VAL C 260 0.49 13.43 -0.90
N THR C 261 0.76 12.19 -0.46
CA THR C 261 1.41 11.91 0.84
C THR C 261 2.24 10.61 0.76
N SER C 262 3.43 10.63 1.36
CA SER C 262 4.35 9.45 1.41
C SER C 262 4.67 8.99 0.00
N ASN C 263 4.99 9.92 -0.90
CA ASN C 263 5.53 9.62 -2.25
C ASN C 263 6.99 10.08 -2.32
N ARG C 264 7.67 9.59 -3.35
CA ARG C 264 9.06 9.94 -3.73
C ARG C 264 9.01 10.47 -5.17
N PHE C 265 9.59 11.64 -5.42
CA PHE C 265 9.51 12.38 -6.70
C PHE C 265 10.93 12.70 -7.17
N GLN C 266 11.37 12.13 -8.30
CA GLN C 266 12.67 12.46 -8.93
C GLN C 266 12.45 12.97 -10.35
N GLY C 267 12.77 14.24 -10.57
CA GLY C 267 12.55 14.92 -11.86
C GLY C 267 13.84 15.51 -12.38
N PHE C 268 13.94 15.63 -13.71
CA PHE C 268 15.15 16.13 -14.42
C PHE C 268 14.82 17.52 -14.99
N TYR C 269 13.58 17.97 -14.82
CA TYR C 269 13.02 19.24 -15.37
C TYR C 269 12.25 20.01 -14.31
N PRO C 270 12.10 21.34 -14.41
CA PRO C 270 11.23 22.07 -13.48
C PRO C 270 9.77 21.67 -13.65
N GLY C 271 8.93 22.02 -12.66
CA GLY C 271 7.47 21.79 -12.65
C GLY C 271 7.15 20.32 -12.47
N MET C 272 7.81 19.65 -11.54
CA MET C 272 7.60 18.22 -11.25
C MET C 272 6.18 18.06 -10.70
N MET C 273 5.79 18.96 -9.82
CA MET C 273 4.41 18.99 -9.27
C MET C 273 3.75 20.28 -9.74
N ARG C 274 2.53 20.17 -10.27
CA ARG C 274 1.71 21.31 -10.74
C ARG C 274 0.28 21.12 -10.25
N LEU C 275 -0.16 22.02 -9.36
CA LEU C 275 -1.60 22.17 -9.03
C LEU C 275 -2.10 23.40 -9.80
N LEU C 276 -2.99 23.18 -10.76
CA LEU C 276 -3.31 24.17 -11.82
C LEU C 276 -4.78 24.57 -11.74
N ASN C 277 -5.09 25.79 -12.19
CA ASN C 277 -6.45 26.25 -12.58
C ASN C 277 -7.35 26.16 -11.37
N GLY C 278 -6.87 26.54 -10.19
CA GLY C 278 -7.69 26.71 -8.99
C GLY C 278 -7.92 25.40 -8.26
N CYS C 279 -6.87 24.78 -7.73
CA CYS C 279 -6.96 23.55 -6.90
C CYS C 279 -7.15 23.98 -5.44
N LYS C 280 -8.26 23.58 -4.81
CA LYS C 280 -8.56 24.01 -3.43
C LYS C 280 -8.30 22.89 -2.41
N GLU C 281 -7.80 23.26 -1.22
CA GLU C 281 -7.95 22.48 0.03
C GLU C 281 -7.27 21.11 -0.13
N ASN C 282 -6.08 21.08 -0.74
CA ASN C 282 -5.32 19.83 -1.03
C ASN C 282 -4.15 19.66 -0.05
N LEU C 283 -3.92 18.42 0.40
CA LEU C 283 -2.78 18.10 1.29
C LEU C 283 -1.61 17.57 0.45
N ILE C 284 -0.46 18.24 0.52
CA ILE C 284 0.81 17.86 -0.19
C ILE C 284 1.87 17.70 0.89
N THR C 285 2.10 16.48 1.38
CA THR C 285 2.82 16.27 2.66
C THR C 285 3.55 14.93 2.71
N SER C 286 4.66 14.91 3.46
CA SER C 286 5.49 13.71 3.74
C SER C 286 6.00 13.18 2.40
N ASN C 287 6.37 14.08 1.49
CA ASN C 287 6.89 13.73 0.14
C ASN C 287 8.37 14.09 0.05
N HIS C 288 9.14 13.24 -0.64
CA HIS C 288 10.55 13.51 -0.99
C HIS C 288 10.61 14.02 -2.44
N PHE C 289 11.14 15.23 -2.64
CA PHE C 289 11.34 15.81 -4.00
C PHE C 289 12.85 15.89 -4.27
N ARG C 290 13.23 15.43 -5.45
CA ARG C 290 14.61 15.49 -5.97
C ARG C 290 14.59 16.03 -7.39
N ARG C 291 15.15 17.22 -7.58
CA ARG C 291 15.35 17.86 -8.90
C ARG C 291 16.82 17.69 -9.29
N GLY C 292 17.10 16.83 -10.29
CA GLY C 292 18.44 16.54 -10.84
C GLY C 292 18.56 16.98 -12.28
N THR C 293 19.45 16.36 -13.04
CA THR C 293 19.64 16.60 -14.49
C THR C 293 19.78 15.24 -15.17
N GLU C 294 19.37 15.18 -16.43
CA GLU C 294 19.42 13.96 -17.25
C GLU C 294 20.85 13.38 -17.25
N GLY C 295 20.99 12.10 -16.97
CA GLY C 295 22.28 11.36 -17.03
C GLY C 295 22.34 10.39 -18.20
N PHE C 296 21.21 10.09 -18.86
CA PHE C 296 21.18 9.18 -20.03
C PHE C 296 21.57 9.97 -21.29
N PRO C 297 22.81 9.80 -21.83
CA PRO C 297 23.24 10.52 -23.03
C PRO C 297 22.15 10.79 -24.06
N PRO C 298 21.39 9.77 -24.55
CA PRO C 298 20.38 10.02 -25.58
C PRO C 298 19.37 11.14 -25.25
N PHE C 299 19.24 11.57 -23.99
CA PHE C 299 18.22 12.56 -23.54
C PHE C 299 18.87 13.78 -22.86
N ILE C 300 20.21 13.83 -22.76
CA ILE C 300 20.97 14.94 -22.09
C ILE C 300 20.31 16.28 -22.40
N ASP C 301 20.00 16.56 -23.67
CA ASP C 301 19.60 17.91 -24.14
C ASP C 301 18.06 18.08 -24.20
N ARG C 302 17.25 17.03 -24.00
CA ARG C 302 15.77 17.18 -24.05
C ARG C 302 15.27 17.84 -22.76
N THR C 303 14.27 18.71 -22.89
CA THR C 303 13.78 19.68 -21.89
C THR C 303 12.24 19.65 -21.94
N ASN C 304 11.56 20.37 -21.05
CA ASN C 304 10.08 20.48 -21.04
C ASN C 304 9.69 21.92 -21.32
N GLY C 305 10.68 22.80 -21.56
CA GLY C 305 10.47 24.19 -21.99
C GLY C 305 10.10 25.08 -20.83
N LEU C 306 10.36 24.65 -19.60
CA LEU C 306 10.08 25.46 -18.39
C LEU C 306 11.40 25.85 -17.74
N ASP C 307 11.45 27.06 -17.16
CA ASP C 307 12.69 27.60 -16.53
C ASP C 307 12.66 27.29 -15.02
N ASP C 308 13.78 27.55 -14.34
CA ASP C 308 13.95 27.18 -12.92
C ASP C 308 13.16 28.14 -12.01
N LEU C 309 12.40 29.10 -12.56
CA LEU C 309 11.49 29.99 -11.78
C LEU C 309 10.08 29.41 -11.81
N TYR C 310 9.87 28.27 -12.48
CA TYR C 310 8.54 27.63 -12.57
C TYR C 310 8.12 27.05 -11.21
N GLY C 311 9.11 26.62 -10.41
CA GLY C 311 8.89 25.82 -9.20
C GLY C 311 9.11 24.35 -9.48
N VAL C 312 9.65 23.63 -8.48
CA VAL C 312 9.53 22.15 -8.32
C VAL C 312 8.07 21.83 -7.98
N ILE C 313 7.47 22.63 -7.08
CA ILE C 313 5.99 22.76 -6.94
C ILE C 313 5.53 24.10 -7.52
N HIS C 314 4.52 24.05 -8.38
CA HIS C 314 3.80 25.21 -8.95
C HIS C 314 2.33 25.04 -8.56
N ALA C 315 1.79 25.96 -7.75
CA ALA C 315 0.45 25.80 -7.12
C ALA C 315 -0.37 27.07 -7.35
N MET C 316 -1.55 26.88 -7.95
CA MET C 316 -2.58 27.90 -8.22
C MET C 316 -3.89 27.42 -7.58
N GLY C 317 -4.15 27.84 -6.35
CA GLY C 317 -5.36 27.43 -5.63
C GLY C 317 -5.45 27.95 -4.22
N ASP C 318 -6.58 27.68 -3.58
CA ASP C 318 -6.87 28.15 -2.21
C ASP C 318 -6.59 27.02 -1.20
N ASN C 319 -5.89 27.36 -0.14
CA ASN C 319 -6.00 26.65 1.16
C ASN C 319 -5.38 25.25 1.07
N ASN C 320 -4.31 25.14 0.29
CA ASN C 320 -3.51 23.89 0.21
C ASN C 320 -2.51 23.91 1.37
N LEU C 321 -2.22 22.72 1.92
CA LEU C 321 -1.18 22.51 2.96
C LEU C 321 0.02 21.81 2.31
N ILE C 322 1.08 22.58 2.07
CA ILE C 322 2.38 22.07 1.56
C ILE C 322 3.32 21.98 2.76
N SER C 323 3.39 20.81 3.42
CA SER C 323 4.06 20.61 4.73
C SER C 323 4.90 19.31 4.79
N ASN C 324 5.93 19.31 5.64
CA ASN C 324 6.83 18.15 5.93
C ASN C 324 7.34 17.48 4.65
N ASN C 325 7.84 18.28 3.70
CA ASN C 325 8.48 17.81 2.46
C ASN C 325 9.98 18.15 2.49
N LEU C 326 10.79 17.25 1.92
CA LEU C 326 12.24 17.45 1.68
C LEU C 326 12.46 17.69 0.19
N PHE C 327 13.12 18.80 -0.13
CA PHE C 327 13.49 19.22 -1.51
C PHE C 327 15.01 19.21 -1.61
N ALA C 328 15.56 18.28 -2.41
CA ALA C 328 17.00 18.17 -2.73
C ALA C 328 17.21 18.58 -4.21
N TYR C 329 17.66 19.82 -4.43
CA TYR C 329 17.90 20.43 -5.76
C TYR C 329 19.39 20.34 -6.09
N ASP C 330 19.74 19.71 -7.20
CA ASP C 330 21.15 19.67 -7.69
C ASP C 330 21.17 19.78 -9.22
N VAL C 331 21.33 20.99 -9.74
CA VAL C 331 21.41 21.26 -11.22
C VAL C 331 22.69 22.05 -11.50
N PRO C 332 23.66 21.50 -12.27
CA PRO C 332 24.83 22.26 -12.70
C PRO C 332 24.47 23.70 -13.04
N PRO C 333 25.18 24.73 -12.52
CA PRO C 333 24.80 26.13 -12.77
C PRO C 333 24.59 26.47 -14.26
N GLY C 334 25.36 25.82 -15.14
CA GLY C 334 25.34 26.02 -16.60
C GLY C 334 24.12 25.37 -17.26
N LYS C 335 23.33 24.57 -16.54
CA LYS C 335 22.09 23.95 -17.05
C LYS C 335 20.85 24.60 -16.41
N ILE C 336 21.01 25.73 -15.71
CA ILE C 336 19.90 26.48 -15.02
C ILE C 336 19.46 27.64 -15.92
N ALA C 337 18.15 27.76 -16.16
CA ALA C 337 17.52 28.80 -16.99
C ALA C 337 16.58 29.63 -16.11
N PRO C 338 16.59 30.97 -16.17
CA PRO C 338 17.63 31.74 -16.87
C PRO C 338 19.04 31.60 -16.25
N ALA C 339 20.06 31.98 -17.01
CA ALA C 339 21.47 32.05 -16.54
C ALA C 339 21.53 32.99 -15.33
N GLY C 340 22.20 32.53 -14.28
CA GLY C 340 22.47 33.32 -13.06
C GLY C 340 21.27 33.42 -12.13
N ALA C 341 20.07 33.02 -12.56
CA ALA C 341 18.85 33.06 -11.73
C ALA C 341 18.98 32.10 -10.54
N GLN C 342 18.27 32.38 -9.43
CA GLN C 342 18.00 31.42 -8.34
C GLN C 342 16.82 30.55 -8.72
N PRO C 343 16.96 29.20 -8.72
CA PRO C 343 15.83 28.31 -8.89
C PRO C 343 14.83 28.55 -7.76
N THR C 344 13.53 28.54 -8.10
CA THR C 344 12.41 28.57 -7.12
C THR C 344 12.08 27.12 -6.79
N ILE C 345 12.03 26.76 -5.51
CA ILE C 345 11.60 25.39 -5.07
C ILE C 345 10.06 25.32 -5.13
N MET C 346 9.36 26.07 -4.28
CA MET C 346 7.87 26.12 -4.20
C MET C 346 7.41 27.49 -4.72
N LEU C 347 6.62 27.51 -5.80
CA LEU C 347 5.98 28.75 -6.30
C LEU C 347 4.48 28.69 -6.02
N ILE C 348 3.97 29.55 -5.13
CA ILE C 348 2.51 29.86 -5.02
C ILE C 348 2.21 30.89 -6.10
N ALA C 349 1.70 30.42 -7.25
CA ALA C 349 1.41 31.23 -8.44
C ALA C 349 0.24 32.18 -8.13
N GLY C 350 -0.64 31.78 -7.22
CA GLY C 350 -1.84 32.55 -6.87
C GLY C 350 -2.71 31.73 -5.94
N GLY C 351 -3.77 32.33 -5.42
CA GLY C 351 -4.71 31.65 -4.51
C GLY C 351 -4.70 32.26 -3.11
N ASP C 352 -5.76 31.96 -2.35
CA ASP C 352 -6.04 32.51 -0.99
C ASP C 352 -5.80 31.43 0.06
N GLY C 353 -4.98 31.70 1.07
CA GLY C 353 -4.94 30.94 2.34
C GLY C 353 -3.97 29.77 2.36
N ASN C 354 -3.19 29.52 1.31
CA ASN C 354 -2.23 28.39 1.25
C ASN C 354 -1.22 28.52 2.40
N VAL C 355 -0.84 27.39 3.00
CA VAL C 355 0.14 27.30 4.13
C VAL C 355 1.31 26.38 3.73
N ILE C 356 2.53 26.94 3.76
CA ILE C 356 3.83 26.23 3.57
C ILE C 356 4.43 26.05 4.96
N ALA C 357 4.53 24.83 5.44
CA ALA C 357 4.99 24.54 6.82
C ALA C 357 5.99 23.38 6.86
N THR C 358 7.10 23.56 7.60
CA THR C 358 8.08 22.52 8.00
C THR C 358 8.65 21.86 6.74
N ASN C 359 9.33 22.62 5.88
CA ASN C 359 9.94 22.10 4.62
C ASN C 359 11.46 22.29 4.72
N HIS C 360 12.24 21.24 4.45
CA HIS C 360 13.71 21.33 4.34
C HIS C 360 14.11 21.32 2.86
N VAL C 361 14.90 22.31 2.46
CA VAL C 361 15.48 22.49 1.10
C VAL C 361 17.01 22.40 1.19
N ILE C 362 17.60 21.59 0.30
CA ILE C 362 19.05 21.55 -0.05
C ILE C 362 19.20 21.95 -1.53
N SER C 363 20.15 22.84 -1.86
CA SER C 363 20.52 23.14 -3.27
C SER C 363 22.03 23.31 -3.38
N ASN C 364 22.55 23.17 -4.60
CA ASN C 364 23.98 23.38 -4.96
C ASN C 364 24.18 24.86 -5.27
N VAL C 365 23.10 25.62 -5.36
CA VAL C 365 23.13 27.08 -5.67
C VAL C 365 22.20 27.78 -4.69
N ASP C 366 22.41 29.07 -4.52
CA ASP C 366 21.44 29.97 -3.84
C ASP C 366 20.09 29.79 -4.55
N THR C 367 19.07 29.33 -3.82
CA THR C 367 17.68 29.16 -4.31
C THR C 367 16.72 29.92 -3.38
N GLN C 368 15.62 30.44 -3.92
CA GLN C 368 14.44 30.84 -3.11
C GLN C 368 13.61 29.58 -2.82
N HIS C 369 13.56 29.15 -1.55
CA HIS C 369 12.74 27.99 -1.10
C HIS C 369 11.28 28.23 -1.48
N VAL C 370 10.78 29.45 -1.23
CA VAL C 370 9.37 29.82 -1.55
C VAL C 370 9.40 31.18 -2.21
N VAL C 371 8.74 31.28 -3.36
CA VAL C 371 8.32 32.56 -4.02
C VAL C 371 6.79 32.58 -3.99
N LEU C 372 6.18 33.65 -3.47
CA LEU C 372 4.72 33.91 -3.58
C LEU C 372 4.51 35.03 -4.59
N ASP C 373 3.74 34.73 -5.64
CA ASP C 373 3.17 35.70 -6.61
C ASP C 373 2.49 36.83 -5.84
N GLY C 374 2.47 38.03 -6.43
CA GLY C 374 1.81 39.20 -5.84
C GLY C 374 0.32 38.97 -5.59
N SER C 375 -0.34 38.12 -6.40
CA SER C 375 -1.80 37.83 -6.34
C SER C 375 -2.16 36.91 -5.14
N ALA C 376 -1.20 36.18 -4.58
CA ALA C 376 -1.40 35.40 -3.34
C ALA C 376 -1.96 36.32 -2.25
N THR C 377 -2.99 35.85 -1.54
CA THR C 377 -3.65 36.54 -0.40
C THR C 377 -3.62 35.61 0.83
N ARG C 378 -3.49 36.18 2.03
CA ARG C 378 -3.60 35.46 3.31
C ARG C 378 -2.81 34.16 3.24
N SER C 379 -1.58 34.24 2.74
CA SER C 379 -0.64 33.10 2.65
C SER C 379 0.21 33.04 3.93
N LYS C 380 0.56 31.84 4.42
CA LYS C 380 1.45 31.65 5.59
C LYS C 380 2.64 30.77 5.17
N VAL C 381 3.86 31.18 5.52
CA VAL C 381 5.09 30.39 5.26
C VAL C 381 5.82 30.20 6.59
N LEU C 382 5.87 28.96 7.09
CA LEU C 382 6.42 28.57 8.42
C LEU C 382 7.62 27.62 8.25
N ASP C 383 8.73 27.93 8.92
CA ASP C 383 9.88 27.00 9.11
C ASP C 383 10.19 26.25 7.80
N SER C 384 10.37 26.99 6.71
CA SER C 384 10.59 26.46 5.34
C SER C 384 11.79 27.20 4.70
N GLY C 385 12.65 27.79 5.53
CA GLY C 385 13.88 28.49 5.10
C GLY C 385 14.16 29.73 5.94
N ALA C 386 15.42 30.17 5.93
CA ALA C 386 15.82 31.50 6.42
C ALA C 386 15.06 32.58 5.64
N ALA C 387 15.10 33.85 6.11
CA ALA C 387 14.33 34.98 5.53
C ALA C 387 14.85 35.30 4.12
N SER C 388 16.15 35.14 3.89
CA SER C 388 16.82 35.30 2.57
C SER C 388 16.36 34.22 1.58
N THR C 389 15.65 33.16 2.00
CA THR C 389 15.17 32.09 1.07
C THR C 389 13.67 32.26 0.78
N ILE C 390 13.02 33.24 1.41
CA ILE C 390 11.57 33.52 1.17
C ILE C 390 11.43 34.85 0.44
N THR C 391 10.79 34.83 -0.73
CA THR C 391 10.42 36.02 -1.53
C THR C 391 8.89 36.07 -1.62
N SER C 392 8.27 37.04 -0.95
CA SER C 392 6.81 37.33 -1.01
C SER C 392 6.59 38.65 -1.72
N TYR C 393 6.25 38.62 -3.01
CA TYR C 393 5.80 39.83 -3.76
C TYR C 393 4.38 40.19 -3.30
N SER C 394 3.71 39.27 -2.61
CA SER C 394 2.43 39.56 -1.88
C SER C 394 2.78 40.24 -0.56
N PRO C 395 2.15 41.39 -0.25
CA PRO C 395 2.49 42.14 0.96
C PRO C 395 1.76 41.65 2.23
N ASP C 396 0.92 40.60 2.15
CA ASP C 396 0.11 40.13 3.31
C ASP C 396 0.53 38.72 3.76
N THR C 397 1.68 38.21 3.28
CA THR C 397 2.21 36.87 3.62
C THR C 397 2.89 36.91 4.99
N ALA C 398 2.31 36.24 6.00
CA ALA C 398 2.95 36.04 7.34
C ALA C 398 4.11 35.03 7.19
N ILE C 399 5.33 35.44 7.54
CA ILE C 399 6.55 34.60 7.39
C ILE C 399 7.17 34.36 8.77
N ARG C 400 7.31 33.09 9.16
CA ARG C 400 8.23 32.69 10.26
C ARG C 400 9.46 32.04 9.62
N PRO C 401 10.60 32.76 9.60
CA PRO C 401 11.86 32.19 9.14
C PRO C 401 12.28 31.02 10.03
N THR C 402 12.86 29.96 9.44
CA THR C 402 13.57 28.90 10.20
C THR C 402 14.58 29.60 11.10
N PRO C 403 14.54 29.38 12.44
CA PRO C 403 15.45 30.04 13.39
C PRO C 403 16.96 30.06 13.06
C1 FRU D . 18.89 4.83 -16.80
C2 FRU D . 19.43 5.99 -15.92
C3 FRU D . 20.00 6.00 -14.45
C4 FRU D . 20.58 7.39 -14.24
C5 FRU D . 20.81 7.89 -15.64
C6 FRU D . 22.21 7.47 -16.15
O1 FRU D . 18.68 3.55 -16.15
O2 FRU D . 20.72 5.44 -16.31
O3 FRU D . 21.11 5.13 -14.24
O4 FRU D . 19.70 8.27 -13.53
O5 FRU D . 19.71 7.32 -16.41
O6 FRU D . 23.24 8.25 -15.54
C1 FRU D . 17.30 5.59 -14.74
C2 FRU D . 17.50 4.32 -13.87
C3 FRU D . 16.78 3.10 -14.45
C4 FRU D . 15.68 2.75 -13.44
C5 FRU D . 15.49 4.15 -12.86
C6 FRU D . 14.74 4.34 -11.56
O1 FRU D . 17.84 5.46 -16.08
O3 FRU D . 17.76 2.08 -14.68
O4 FRU D . 14.48 2.13 -13.98
O5 FRU D . 16.83 4.60 -12.65
O6 FRU D . 14.71 5.75 -11.25
C1 GLC E . -18.63 20.74 28.39
C2 GLC E . -19.73 20.92 29.42
C3 GLC E . -19.77 22.40 29.81
C4 GLC E . -18.41 22.90 30.31
C5 GLC E . -17.26 22.48 29.40
C6 GLC E . -15.94 22.69 30.15
O2 GLC E . -20.99 20.50 28.94
O3 GLC E . -20.70 22.50 30.87
O4 GLC E . -18.43 24.31 30.48
O5 GLC E . -17.39 21.09 29.02
O6 GLC E . -14.97 21.62 30.02
C1 FRU E . -20.57 19.42 26.21
C2 FRU E . -19.40 20.41 26.02
C3 FRU E . -19.53 21.35 24.81
C4 FRU E . -18.10 21.79 24.57
C5 FRU E . -17.30 20.56 25.00
C6 FRU E . -16.09 20.83 25.85
O1 FRU E . -21.21 18.98 25.00
O2 FRU E . -19.18 21.18 27.23
O3 FRU E . -20.47 22.44 24.95
O4 FRU E . -17.91 22.09 23.18
O5 FRU E . -18.17 19.75 25.79
O6 FRU E . -15.58 19.59 26.30
C1 FRU E . -23.08 17.51 25.54
C2 FRU E . -21.91 17.90 24.63
C3 FRU E . -22.32 18.01 23.16
C4 FRU E . -21.06 17.67 22.42
C5 FRU E . -20.39 16.67 23.34
C6 FRU E . -18.87 16.84 23.43
O1 FRU E . -23.74 18.68 26.05
O3 FRU E . -22.82 19.29 22.78
O4 FRU E . -21.37 17.13 21.14
O5 FRU E . -20.98 16.81 24.64
O6 FRU E . -18.33 16.12 24.56
C1 FRU E . -24.60 18.36 27.92
C2 FRU E . -24.99 18.93 26.53
C3 FRU E . -25.61 20.35 26.46
C4 FRU E . -26.27 20.32 25.09
C5 FRU E . -26.80 18.89 25.01
C6 FRU E . -26.60 18.29 23.61
O1 FRU E . -25.28 19.01 29.00
O3 FRU E . -24.69 21.44 26.64
O4 FRU E . -27.30 21.29 24.92
O5 FRU E . -26.05 18.13 25.96
O6 FRU E . -27.17 16.97 23.54
C1 FRU F . -22.68 10.83 -4.23
C2 FRU F . -23.40 11.58 -5.35
C3 FRU F . -24.91 11.31 -5.49
C4 FRU F . -25.19 11.08 -6.98
C5 FRU F . -23.80 11.04 -7.67
C6 FRU F . -23.61 12.06 -8.80
O1 FRU F . -21.92 9.69 -4.67
O2 FRU F . -23.26 12.97 -5.06
O3 FRU F . -25.63 12.43 -4.95
O4 FRU F . -25.94 9.87 -7.25
O5 FRU F . -22.81 11.28 -6.63
O6 FRU F . -23.46 11.41 -10.07
C1 FRU F . -22.94 7.94 -3.54
C2 FRU F . -21.80 8.36 -4.49
C3 FRU F . -21.53 7.45 -5.69
C4 FRU F . -20.01 7.61 -5.91
C5 FRU F . -19.54 7.76 -4.46
C6 FRU F . -18.21 8.46 -4.29
O1 FRU F . -22.92 6.60 -3.02
O3 FRU F . -22.30 7.83 -6.84
O4 FRU F . -19.37 6.53 -6.61
O5 FRU F . -20.57 8.49 -3.78
O6 FRU F . -17.81 8.22 -2.94
C1 FRU F . -24.81 5.60 -1.93
C2 FRU F . -23.35 6.03 -1.87
C3 FRU F . -22.55 4.88 -1.23
C4 FRU F . -21.54 5.56 -0.32
C5 FRU F . -22.24 6.85 0.09
C6 FRU F . -21.20 7.96 0.33
O1 FRU F . -25.31 5.40 -0.59
O3 FRU F . -21.94 4.03 -2.19
O4 FRU F . -21.23 4.73 0.82
O5 FRU F . -23.25 7.10 -0.92
O6 FRU F . -21.59 9.32 0.05
C1 GLC G . 3.68 -13.59 24.14
C2 GLC G . 2.99 -14.74 23.37
C3 GLC G . 2.14 -15.52 24.35
C4 GLC G . 3.13 -16.18 25.30
C5 GLC G . 3.71 -15.07 26.14
C6 GLC G . 4.73 -15.58 27.16
O2 GLC G . 2.17 -14.23 22.32
O3 GLC G . 1.21 -16.44 23.74
O4 GLC G . 2.47 -17.17 26.08
O5 GLC G . 4.35 -14.05 25.34
O6 GLC G . 4.06 -16.02 28.35
C1 FRU G . 2.29 -11.25 22.16
C2 FRU G . 2.95 -11.04 23.52
C3 FRU G . 2.08 -10.20 24.46
C4 FRU G . 3.05 -9.20 25.09
C5 FRU G . 4.24 -9.15 24.15
C6 FRU G . 5.59 -9.26 24.85
O1 FRU G . 3.29 -11.74 21.24
O2 FRU G . 3.31 -12.30 24.13
O3 FRU G . 1.44 -10.97 25.47
O4 FRU G . 2.41 -7.93 25.25
O5 FRU G . 4.12 -10.25 23.25
O6 FRU G . 5.82 -10.66 25.12
C1 FRU G . 5.55 -12.13 20.42
C2 FRU G . 4.11 -11.68 20.20
C3 FRU G . 3.44 -12.42 19.03
C4 FRU G . 2.87 -11.33 18.16
C5 FRU G . 3.82 -10.18 18.44
C6 FRU G . 3.25 -8.82 18.09
O1 FRU G . 6.53 -11.76 19.39
O3 FRU G . 2.40 -13.29 19.45
O4 FRU G . 2.81 -11.70 16.77
O5 FRU G . 4.13 -10.31 19.84
O6 FRU G . 2.41 -8.41 19.18
C1 FRU G . 8.45 -10.17 18.85
C2 FRU G . 7.69 -11.48 18.72
C3 FRU G . 8.28 -12.61 19.56
C4 FRU G . 7.96 -13.91 18.84
C5 FRU G . 7.90 -13.38 17.39
C6 FRU G . 6.53 -13.56 16.74
O1 FRU G . 7.86 -9.25 19.77
O3 FRU G . 7.84 -12.72 20.91
O4 FRU G . 8.97 -14.87 19.19
O5 FRU G . 8.14 -11.97 17.44
O6 FRU G . 6.67 -13.32 15.35
C1 GLC H . -12.17 33.29 -5.20
C2 GLC H . -11.50 34.64 -5.32
C3 GLC H . -10.00 34.43 -5.19
C4 GLC H . -9.64 32.95 -4.98
C5 GLC H . -10.23 32.15 -6.12
C6 GLC H . -9.74 30.70 -6.20
O2 GLC H . -11.85 35.27 -6.55
O3 GLC H . -9.56 35.19 -4.07
O4 GLC H . -8.23 32.72 -5.00
O5 GLC H . -11.64 32.24 -6.03
O6 GLC H . -10.62 29.86 -6.98
C1 FRU H . -14.45 32.21 -3.58
C2 FRU H . -14.37 31.99 -5.10
C3 FRU H . -15.66 32.43 -5.79
C4 FRU H . -15.83 31.44 -6.92
C5 FRU H . -15.25 30.17 -6.31
C6 FRU H . -14.77 29.20 -7.39
O1 FRU H . -13.50 31.47 -2.79
O2 FRU H . -13.33 32.84 -5.63
O3 FRU H . -15.52 33.78 -6.25
O4 FRU H . -17.21 31.36 -7.26
O5 FRU H . -14.18 30.61 -5.45
O6 FRU H . -14.70 27.84 -6.95
C1 FRU H . -14.94 29.93 -1.79
C2 FRU H . -13.69 30.82 -1.62
C3 FRU H . -12.47 30.19 -0.96
C4 FRU H . -11.63 31.42 -0.66
C5 FRU H . -12.67 32.49 -0.36
C6 FRU H . -12.30 33.81 -1.04
O1 FRU H . -15.09 28.85 -0.87
O3 FRU H . -11.75 29.30 -1.80
O4 FRU H . -10.73 31.25 0.44
O5 FRU H . -13.94 31.97 -0.80
O6 FRU H . -13.03 34.86 -0.42
C1 FRU H . -17.60 28.31 -1.07
C2 FRU H . -16.14 27.98 -0.83
C3 FRU H . -15.76 26.70 -1.59
C4 FRU H . -14.67 26.16 -0.70
C5 FRU H . -15.11 26.55 0.70
C6 FRU H . -14.03 27.19 1.54
O1 FRU H . -17.75 28.55 -2.45
O3 FRU H . -15.22 26.87 -2.90
O4 FRU H . -14.64 24.78 -0.89
O5 FRU H . -16.12 27.55 0.53
O6 FRU H . -14.60 27.83 2.68
C1 GLC I . -4.86 9.20 34.36
C2 GLC I . -5.40 9.60 32.98
C3 GLC I . -5.07 11.06 32.63
C4 GLC I . -4.94 11.98 33.86
C5 GLC I . -4.09 11.40 34.99
C6 GLC I . -4.74 11.52 36.36
O2 GLC I . -4.92 8.66 31.97
O3 GLC I . -6.12 11.52 31.77
O4 GLC I . -4.32 13.22 33.49
O5 GLC I . -3.79 10.03 34.80
O6 GLC I . -4.13 12.58 37.10
C1 FRU I . -1.27 8.22 34.24
C2 FRU I . -2.62 7.54 34.32
C3 FRU I . -2.71 6.81 35.67
C4 FRU I . -3.14 5.41 35.31
C5 FRU I . -2.79 5.25 33.84
C6 FRU I . -3.75 4.31 33.10
O1 FRU I . -0.77 8.10 32.92
O2 FRU I . -3.70 8.49 34.15
O3 FRU I . -3.57 7.48 36.60
O4 FRU I . -2.44 4.44 36.10
O5 FRU I . -2.74 6.56 33.27
O6 FRU I . -4.67 5.06 32.33
C1 FRU I . 1.37 7.29 32.81
C2 FRU I . 0.46 8.49 32.55
C3 FRU I . 0.55 9.15 31.17
C4 FRU I . 0.10 10.57 31.49
C5 FRU I . 0.65 10.81 32.90
C6 FRU I . -0.24 11.63 33.84
O1 FRU I . 0.92 6.11 32.13
O3 FRU I . -0.24 8.52 30.16
O4 FRU I . 0.54 11.57 30.53
O5 FRU I . 0.87 9.52 33.45
O6 FRU I . 0.53 12.10 34.96
C1 FRU I . 1.53 4.10 33.09
C2 FRU I . 1.73 5.05 31.90
C3 FRU I . 1.34 4.40 30.58
C4 FRU I . 2.03 5.30 29.57
C5 FRU I . 3.35 5.63 30.23
C6 FRU I . 3.84 7.06 29.96
O1 FRU I . 2.62 3.18 33.24
O3 FRU I . -0.06 4.30 30.40
O4 FRU I . 2.19 4.62 28.34
O5 FRU I . 3.12 5.41 31.62
O6 FRU I . 5.26 7.14 29.99
C1 GLC J . 31.47 16.19 4.37
C2 GLC J . 30.52 16.04 5.55
C3 GLC J . 30.29 17.37 6.28
C4 GLC J . 31.62 18.07 6.61
C5 GLC J . 32.44 18.18 5.32
C6 GLC J . 33.79 18.89 5.54
O2 GLC J . 29.32 15.50 5.00
O3 GLC J . 29.51 17.13 7.46
O4 GLC J . 31.44 19.38 7.20
O5 GLC J . 32.67 16.87 4.77
O6 GLC J . 33.77 20.15 4.85
C1 FRU J . 30.43 17.30 1.13
C2 FRU J . 30.91 15.97 1.75
C3 FRU J . 32.30 15.71 1.18
C4 FRU J . 32.22 14.39 0.44
C5 FRU J . 30.76 13.98 0.36
C6 FRU J . 30.61 12.45 0.38
O1 FRU J . 29.07 17.65 1.40
O2 FRU J . 30.90 16.11 3.17
O3 FRU J . 33.30 15.70 2.20
O4 FRU J . 32.68 14.51 -0.91
O5 FRU J . 30.15 14.77 1.41
O6 FRU J . 29.55 12.03 1.24
C1 FRU J . 28.03 18.66 -0.44
C2 FRU J . 28.08 18.50 1.07
C3 FRU J . 26.68 18.70 1.70
C4 FRU J . 26.94 19.67 2.83
C5 FRU J . 27.92 20.59 2.15
C6 FRU J . 28.73 21.49 3.08
O1 FRU J . 27.53 17.48 -1.05
O3 FRU J . 26.09 17.49 2.15
O4 FRU J . 25.80 20.40 3.29
O5 FRU J . 28.79 19.68 1.47
O6 FRU J . 29.51 20.61 3.90
C1 FRU J . 28.08 18.01 -3.54
C2 FRU J . 27.29 17.40 -2.37
C3 FRU J . 26.39 16.19 -2.67
C4 FRU J . 25.03 16.61 -2.17
C5 FRU J . 25.09 18.10 -2.40
C6 FRU J . 24.11 18.98 -1.65
O1 FRU J . 28.41 17.07 -4.56
O3 FRU J . 26.72 14.96 -2.01
O4 FRU J . 24.05 15.93 -2.93
O5 FRU J . 26.37 18.40 -1.93
O6 FRU J . 24.32 20.31 -2.07
C1 FRU K . 16.14 7.53 -16.49
C2 FRU K . 16.49 6.06 -16.91
C3 FRU K . 16.48 5.80 -18.48
C4 FRU K . 15.20 5.16 -18.94
C5 FRU K . 14.26 5.51 -17.82
C6 FRU K . 13.09 4.54 -17.77
O1 FRU K . 14.82 7.73 -15.88
O3 FRU K . 17.39 4.88 -19.08
O4 FRU K . 14.92 5.65 -20.25
O5 FRU K . 15.17 5.42 -16.71
O6 FRU K . 13.12 3.66 -16.65
#